data_3H8K
# 
_entry.id   3H8K 
# 
_audit_conform.dict_name       mmcif_pdbx.dic 
_audit_conform.dict_version    5.378 
_audit_conform.dict_location   http://mmcif.pdb.org/dictionaries/ascii/mmcif_pdbx.dic 
# 
loop_
_database_2.database_id 
_database_2.database_code 
_database_2.pdbx_database_accession 
_database_2.pdbx_DOI 
PDB   3H8K         pdb_00003h8k 10.2210/pdb3h8k/pdb 
RCSB  RCSB052827   ?            ?                   
WWPDB D_1000052827 ?            ?                   
# 
loop_
_pdbx_database_related.db_name 
_pdbx_database_related.db_id 
_pdbx_database_related.details 
_pdbx_database_related.content_type 
PDB 3FSH 'The same complex at 2.76-A resolution' unspecified 
PDB 2CYX 'Crystal structure of Ube2g2.'          unspecified 
# 
_pdbx_database_status.entry_id                        3H8K 
_pdbx_database_status.status_code                     REL 
_pdbx_database_status.deposit_site                    RCSB 
_pdbx_database_status.process_site                    RCSB 
_pdbx_database_status.recvd_initial_deposition_date   2009-04-29 
_pdbx_database_status.status_code_sf                  REL 
_pdbx_database_status.status_code_mr                  ? 
_pdbx_database_status.SG_entry                        ? 
_pdbx_database_status.status_code_cs                  ? 
_pdbx_database_status.methods_development_category    ? 
_pdbx_database_status.pdb_format_compatible           Y 
_pdbx_database_status.status_code_nmr_data            ? 
# 
loop_
_audit_author.name 
_audit_author.pdbx_ordinal 
_audit_author.identifier_ORCID 
'Kalathur, R.C.' 1 ?                   
'Das, R.'        2 ?                   
'Li, J.'         3 ?                   
'Byrd, R.A.'     4 ?                   
'Ji, X.'         5 0000-0001-6942-1514 
# 
_citation.id                        primary 
_citation.title                     
'Allosteric activation of E2-RING finger-mediated ubiquitylation by a structurally defined specific E2-binding region of gp78.' 
_citation.journal_abbrev            Mol.Cell 
_citation.journal_volume            34 
_citation.page_first                674 
_citation.page_last                 685 
_citation.year                      2009 
_citation.journal_id_ASTM           MOCEFL 
_citation.country                   US 
_citation.journal_id_ISSN           1097-2765 
_citation.journal_id_CSD            2168 
_citation.book_publisher            ? 
_citation.pdbx_database_id_PubMed   19560420 
_citation.pdbx_database_id_DOI      10.1016/j.molcel.2009.05.010 
# 
loop_
_citation_author.citation_id 
_citation_author.name 
_citation_author.ordinal 
_citation_author.identifier_ORCID 
primary 'Das, R.'         1  ?                   
primary 'Mariano, J.'     2  ?                   
primary 'Tsai, Y.C.'      3  ?                   
primary 'Kalathur, R.C.'  4  ?                   
primary 'Kostova, Z.'     5  ?                   
primary 'Li, J.'          6  ?                   
primary 'Tarasov, S.G.'   7  ?                   
primary 'McFeeters, R.L.' 8  ?                   
primary 'Altieri, A.S.'   9  ?                   
primary 'Ji, X.'          10 0000-0001-6942-1514 
primary 'Byrd, R.A.'      11 ?                   
primary 'Weissman, A.M.'  12 ?                   
# 
_cell.length_a           48.92 
_cell.length_b           60.15 
_cell.length_c           61.64 
_cell.angle_alpha        90.00 
_cell.angle_beta         90.00 
_cell.angle_gamma        90.00 
_cell.entry_id           3H8K 
_cell.pdbx_unique_axis   ? 
_cell.Z_PDB              4 
_cell.length_a_esd       ? 
_cell.length_b_esd       ? 
_cell.length_c_esd       ? 
_cell.angle_alpha_esd    ? 
_cell.angle_beta_esd     ? 
_cell.angle_gamma_esd    ? 
# 
_symmetry.space_group_name_H-M             'P 21 21 21' 
_symmetry.entry_id                         3H8K 
_symmetry.Int_Tables_number                19 
_symmetry.pdbx_full_space_group_name_H-M   ? 
_symmetry.cell_setting                     ? 
_symmetry.space_group_name_Hall            ? 
# 
loop_
_entity.id 
_entity.type 
_entity.src_method 
_entity.pdbx_description 
_entity.formula_weight 
_entity.pdbx_number_of_molecules 
_entity.pdbx_ec 
_entity.pdbx_mutation 
_entity.pdbx_fragment 
_entity.details 
1 polymer man 'Ubiquitin-conjugating enzyme E2 G2'            18451.062 1   6.3.2.19 ?     ?                  ? 
2 polymer man 'Autocrine motility factor receptor, isoform 2' 3552.120  1   6.3.2.-  K573W 'Residues 573-600' ? 
3 water   nat water                                           18.015    163 ?        ?     ?                  ? 
# 
loop_
_entity_name_com.entity_id 
_entity_name_com.name 
1 'Ubiquitin-protein ligase G2, Ubiquitin carrier protein G2' 
2 'AMF receptor, isoform 2, gp78, RING finger protein 45'     
# 
loop_
_entity_poly.entity_id 
_entity_poly.type 
_entity_poly.nstd_linkage 
_entity_poly.nstd_monomer 
_entity_poly.pdbx_seq_one_letter_code 
_entity_poly.pdbx_seq_one_letter_code_can 
_entity_poly.pdbx_strand_id 
_entity_poly.pdbx_target_identifier 
1 'polypeptide(L)' no no 
;AGTALKRLMAEYKQLTLNPPEGIVAGPMNEENFFEWEALIMGPEDTCFEFGVFPAILSFPLDYPLSPPKMRFTCEMFHPN
IYPDGRVCISILHAPGDDPMGYESSAERWSPVQSVEKILLSVVSMLAEPNDESGANVDASKMWRDDREQFYKIAKQIVQK
SLGL
;
;AGTALKRLMAEYKQLTLNPPEGIVAGPMNEENFFEWEALIMGPEDTCFEFGVFPAILSFPLDYPLSPPKMRFTCEMFHPN
IYPDGRVCISILHAPGDDPMGYESSAERWSPVQSVEKILLSVVSMLAEPNDESGANVDASKMWRDDREQFYKIAKQIVQK
SLGL
;
A ? 
2 'polypeptide(L)' no no WSADERQRMLVQRKDELLQQARKRFLNK WSADERQRMLVQRKDELLQQARKRFLNK B ? 
# 
loop_
_entity_poly_seq.entity_id 
_entity_poly_seq.num 
_entity_poly_seq.mon_id 
_entity_poly_seq.hetero 
1 1   ALA n 
1 2   GLY n 
1 3   THR n 
1 4   ALA n 
1 5   LEU n 
1 6   LYS n 
1 7   ARG n 
1 8   LEU n 
1 9   MET n 
1 10  ALA n 
1 11  GLU n 
1 12  TYR n 
1 13  LYS n 
1 14  GLN n 
1 15  LEU n 
1 16  THR n 
1 17  LEU n 
1 18  ASN n 
1 19  PRO n 
1 20  PRO n 
1 21  GLU n 
1 22  GLY n 
1 23  ILE n 
1 24  VAL n 
1 25  ALA n 
1 26  GLY n 
1 27  PRO n 
1 28  MET n 
1 29  ASN n 
1 30  GLU n 
1 31  GLU n 
1 32  ASN n 
1 33  PHE n 
1 34  PHE n 
1 35  GLU n 
1 36  TRP n 
1 37  GLU n 
1 38  ALA n 
1 39  LEU n 
1 40  ILE n 
1 41  MET n 
1 42  GLY n 
1 43  PRO n 
1 44  GLU n 
1 45  ASP n 
1 46  THR n 
1 47  CYS n 
1 48  PHE n 
1 49  GLU n 
1 50  PHE n 
1 51  GLY n 
1 52  VAL n 
1 53  PHE n 
1 54  PRO n 
1 55  ALA n 
1 56  ILE n 
1 57  LEU n 
1 58  SER n 
1 59  PHE n 
1 60  PRO n 
1 61  LEU n 
1 62  ASP n 
1 63  TYR n 
1 64  PRO n 
1 65  LEU n 
1 66  SER n 
1 67  PRO n 
1 68  PRO n 
1 69  LYS n 
1 70  MET n 
1 71  ARG n 
1 72  PHE n 
1 73  THR n 
1 74  CYS n 
1 75  GLU n 
1 76  MET n 
1 77  PHE n 
1 78  HIS n 
1 79  PRO n 
1 80  ASN n 
1 81  ILE n 
1 82  TYR n 
1 83  PRO n 
1 84  ASP n 
1 85  GLY n 
1 86  ARG n 
1 87  VAL n 
1 88  CYS n 
1 89  ILE n 
1 90  SER n 
1 91  ILE n 
1 92  LEU n 
1 93  HIS n 
1 94  ALA n 
1 95  PRO n 
1 96  GLY n 
1 97  ASP n 
1 98  ASP n 
1 99  PRO n 
1 100 MET n 
1 101 GLY n 
1 102 TYR n 
1 103 GLU n 
1 104 SER n 
1 105 SER n 
1 106 ALA n 
1 107 GLU n 
1 108 ARG n 
1 109 TRP n 
1 110 SER n 
1 111 PRO n 
1 112 VAL n 
1 113 GLN n 
1 114 SER n 
1 115 VAL n 
1 116 GLU n 
1 117 LYS n 
1 118 ILE n 
1 119 LEU n 
1 120 LEU n 
1 121 SER n 
1 122 VAL n 
1 123 VAL n 
1 124 SER n 
1 125 MET n 
1 126 LEU n 
1 127 ALA n 
1 128 GLU n 
1 129 PRO n 
1 130 ASN n 
1 131 ASP n 
1 132 GLU n 
1 133 SER n 
1 134 GLY n 
1 135 ALA n 
1 136 ASN n 
1 137 VAL n 
1 138 ASP n 
1 139 ALA n 
1 140 SER n 
1 141 LYS n 
1 142 MET n 
1 143 TRP n 
1 144 ARG n 
1 145 ASP n 
1 146 ASP n 
1 147 ARG n 
1 148 GLU n 
1 149 GLN n 
1 150 PHE n 
1 151 TYR n 
1 152 LYS n 
1 153 ILE n 
1 154 ALA n 
1 155 LYS n 
1 156 GLN n 
1 157 ILE n 
1 158 VAL n 
1 159 GLN n 
1 160 LYS n 
1 161 SER n 
1 162 LEU n 
1 163 GLY n 
1 164 LEU n 
2 1   TRP n 
2 2   SER n 
2 3   ALA n 
2 4   ASP n 
2 5   GLU n 
2 6   ARG n 
2 7   GLN n 
2 8   ARG n 
2 9   MET n 
2 10  LEU n 
2 11  VAL n 
2 12  GLN n 
2 13  ARG n 
2 14  LYS n 
2 15  ASP n 
2 16  GLU n 
2 17  LEU n 
2 18  LEU n 
2 19  GLN n 
2 20  GLN n 
2 21  ALA n 
2 22  ARG n 
2 23  LYS n 
2 24  ARG n 
2 25  PHE n 
2 26  LEU n 
2 27  ASN n 
2 28  LYS n 
# 
loop_
_entity_src_gen.entity_id 
_entity_src_gen.pdbx_src_id 
_entity_src_gen.pdbx_alt_source_flag 
_entity_src_gen.pdbx_seq_type 
_entity_src_gen.pdbx_beg_seq_num 
_entity_src_gen.pdbx_end_seq_num 
_entity_src_gen.gene_src_common_name 
_entity_src_gen.gene_src_genus 
_entity_src_gen.pdbx_gene_src_gene 
_entity_src_gen.gene_src_species 
_entity_src_gen.gene_src_strain 
_entity_src_gen.gene_src_tissue 
_entity_src_gen.gene_src_tissue_fraction 
_entity_src_gen.gene_src_details 
_entity_src_gen.pdbx_gene_src_fragment 
_entity_src_gen.pdbx_gene_src_scientific_name 
_entity_src_gen.pdbx_gene_src_ncbi_taxonomy_id 
_entity_src_gen.pdbx_gene_src_variant 
_entity_src_gen.pdbx_gene_src_cell_line 
_entity_src_gen.pdbx_gene_src_atcc 
_entity_src_gen.pdbx_gene_src_organ 
_entity_src_gen.pdbx_gene_src_organelle 
_entity_src_gen.pdbx_gene_src_cell 
_entity_src_gen.pdbx_gene_src_cellular_location 
_entity_src_gen.host_org_common_name 
_entity_src_gen.pdbx_host_org_scientific_name 
_entity_src_gen.pdbx_host_org_ncbi_taxonomy_id 
_entity_src_gen.host_org_genus 
_entity_src_gen.pdbx_host_org_gene 
_entity_src_gen.pdbx_host_org_organ 
_entity_src_gen.host_org_species 
_entity_src_gen.pdbx_host_org_tissue 
_entity_src_gen.pdbx_host_org_tissue_fraction 
_entity_src_gen.pdbx_host_org_strain 
_entity_src_gen.pdbx_host_org_variant 
_entity_src_gen.pdbx_host_org_cell_line 
_entity_src_gen.pdbx_host_org_atcc 
_entity_src_gen.pdbx_host_org_culture_collection 
_entity_src_gen.pdbx_host_org_cell 
_entity_src_gen.pdbx_host_org_organelle 
_entity_src_gen.pdbx_host_org_cellular_location 
_entity_src_gen.pdbx_host_org_vector_type 
_entity_src_gen.pdbx_host_org_vector 
_entity_src_gen.host_org_details 
_entity_src_gen.expression_system_id 
_entity_src_gen.plasmid_name 
_entity_src_gen.plasmid_details 
_entity_src_gen.pdbx_description 
1 1 sample ? ? ? human ? UBE2G2        ? ? ? ? ? ? 'Homo sapiens' 9606 ? ? ? ? ? ? ? ? 'Escherichia coli' 562 ? ? ? ? ? ? BL21 ? ? 
? ? ? ? ? plasmid ? ? ? pET3a ? ? 
2 1 sample ? ? ? human ? 'AMFR, RNF45' ? ? ? ? ? ? 'Homo sapiens' 9606 ? ? ? ? ? ? ? ? 'Escherichia coli' 562 ? ? ? ? ? ? BL21 ? ? 
? ? ? ? ? plasmid ? ? ? pET3a ? ? 
# 
loop_
_struct_ref.id 
_struct_ref.db_name 
_struct_ref.db_code 
_struct_ref.pdbx_db_accession 
_struct_ref.entity_id 
_struct_ref.pdbx_seq_one_letter_code 
_struct_ref.pdbx_align_begin 
_struct_ref.pdbx_db_isoform 
1 UNP UB2G2_HUMAN P60604 1 
;AGTALKRLMAEYKQLTLNPPEGIVAGPMNEENFFEWEALIMGPEDTCFEFGVFPAILSFPLDYPLSPPKMRFTCEMFHPN
IYPDGRVCISILHAPGDDPMGYESSAERWSPVQSVEKILLSVVSMLAEPNDESGANVDASKMWRDDREQFYKIAKQIVQK
SLGL
;
2   ? 
2 UNP AMFR2_HUMAN Q9UKV5 2 KSADERQRMLVQRKDELLQQARKRFLNK 573 ? 
# 
loop_
_struct_ref_seq.align_id 
_struct_ref_seq.ref_id 
_struct_ref_seq.pdbx_PDB_id_code 
_struct_ref_seq.pdbx_strand_id 
_struct_ref_seq.seq_align_beg 
_struct_ref_seq.pdbx_seq_align_beg_ins_code 
_struct_ref_seq.seq_align_end 
_struct_ref_seq.pdbx_seq_align_end_ins_code 
_struct_ref_seq.pdbx_db_accession 
_struct_ref_seq.db_align_beg 
_struct_ref_seq.pdbx_db_align_beg_ins_code 
_struct_ref_seq.db_align_end 
_struct_ref_seq.pdbx_db_align_end_ins_code 
_struct_ref_seq.pdbx_auth_seq_align_beg 
_struct_ref_seq.pdbx_auth_seq_align_end 
1 1 3H8K A 1 ? 164 ? P60604 2   ? 165 ? 2   165 
2 2 3H8K B 1 ? 28  ? Q9UKV5 573 ? 600 ? 573 600 
# 
_struct_ref_seq_dif.align_id                     2 
_struct_ref_seq_dif.pdbx_pdb_id_code             3H8K 
_struct_ref_seq_dif.mon_id                       TRP 
_struct_ref_seq_dif.pdbx_pdb_strand_id           B 
_struct_ref_seq_dif.seq_num                      1 
_struct_ref_seq_dif.pdbx_pdb_ins_code            ? 
_struct_ref_seq_dif.pdbx_seq_db_name             UNP 
_struct_ref_seq_dif.pdbx_seq_db_accession_code   Q9UKV5 
_struct_ref_seq_dif.db_mon_id                    LYS 
_struct_ref_seq_dif.pdbx_seq_db_seq_num          573 
_struct_ref_seq_dif.details                      'engineered mutation' 
_struct_ref_seq_dif.pdbx_auth_seq_num            573 
_struct_ref_seq_dif.pdbx_ordinal                 1 
# 
loop_
_chem_comp.id 
_chem_comp.type 
_chem_comp.mon_nstd_flag 
_chem_comp.name 
_chem_comp.pdbx_synonyms 
_chem_comp.formula 
_chem_comp.formula_weight 
ALA 'L-peptide linking' y ALANINE         ? 'C3 H7 N O2'     89.093  
ARG 'L-peptide linking' y ARGININE        ? 'C6 H15 N4 O2 1' 175.209 
ASN 'L-peptide linking' y ASPARAGINE      ? 'C4 H8 N2 O3'    132.118 
ASP 'L-peptide linking' y 'ASPARTIC ACID' ? 'C4 H7 N O4'     133.103 
CYS 'L-peptide linking' y CYSTEINE        ? 'C3 H7 N O2 S'   121.158 
GLN 'L-peptide linking' y GLUTAMINE       ? 'C5 H10 N2 O3'   146.144 
GLU 'L-peptide linking' y 'GLUTAMIC ACID' ? 'C5 H9 N O4'     147.129 
GLY 'peptide linking'   y GLYCINE         ? 'C2 H5 N O2'     75.067  
HIS 'L-peptide linking' y HISTIDINE       ? 'C6 H10 N3 O2 1' 156.162 
HOH non-polymer         . WATER           ? 'H2 O'           18.015  
ILE 'L-peptide linking' y ISOLEUCINE      ? 'C6 H13 N O2'    131.173 
LEU 'L-peptide linking' y LEUCINE         ? 'C6 H13 N O2'    131.173 
LYS 'L-peptide linking' y LYSINE          ? 'C6 H15 N2 O2 1' 147.195 
MET 'L-peptide linking' y METHIONINE      ? 'C5 H11 N O2 S'  149.211 
PHE 'L-peptide linking' y PHENYLALANINE   ? 'C9 H11 N O2'    165.189 
PRO 'L-peptide linking' y PROLINE         ? 'C5 H9 N O2'     115.130 
SER 'L-peptide linking' y SERINE          ? 'C3 H7 N O3'     105.093 
THR 'L-peptide linking' y THREONINE       ? 'C4 H9 N O3'     119.119 
TRP 'L-peptide linking' y TRYPTOPHAN      ? 'C11 H12 N2 O2'  204.225 
TYR 'L-peptide linking' y TYROSINE        ? 'C9 H11 N O3'    181.189 
VAL 'L-peptide linking' y VALINE          ? 'C5 H11 N O2'    117.146 
# 
_exptl.crystals_number   1 
_exptl.entry_id          3H8K 
_exptl.method            'X-RAY DIFFRACTION' 
# 
_exptl_crystal.id                    1 
_exptl_crystal.density_Matthews      2.05 
_exptl_crystal.density_meas          ? 
_exptl_crystal.density_percent_sol   39.96 
_exptl_crystal.description           ? 
_exptl_crystal.F_000                 ? 
_exptl_crystal.preparation           ? 
# 
_exptl_crystal_grow.crystal_id      1 
_exptl_crystal_grow.method          'VAPOR DIFFUSION, SITTING DROP' 
_exptl_crystal_grow.pH              8.5 
_exptl_crystal_grow.temp            292 
_exptl_crystal_grow.pdbx_details    'PEG 3350, 100 mM Tris, pH 8.5, VAPOR DIFFUSION, SITTING DROP, temperature 292K' 
_exptl_crystal_grow.temp_details    ? 
_exptl_crystal_grow.pdbx_pH_range   ? 
# 
_diffrn.id                     1 
_diffrn.ambient_temp           100 
_diffrn.ambient_temp_details   ? 
_diffrn.crystal_id             1 
# 
_diffrn_detector.diffrn_id              1 
_diffrn_detector.detector               CCD 
_diffrn_detector.type                   MAR300 
_diffrn_detector.pdbx_collection_date   2008-07-21 
_diffrn_detector.details                mirrors 
# 
_diffrn_radiation.diffrn_id                        1 
_diffrn_radiation.pdbx_diffrn_protocol             'SINGLE WAVELENGTH' 
_diffrn_radiation.monochromator                    'Si 220' 
_diffrn_radiation.wavelength_id                    1 
_diffrn_radiation.pdbx_monochromatic_or_laue_m_l   M 
_diffrn_radiation.pdbx_scattering_type             x-ray 
# 
_diffrn_radiation_wavelength.id           1 
_diffrn_radiation_wavelength.wavelength   1.0000 
_diffrn_radiation_wavelength.wt           1.0 
# 
_diffrn_source.diffrn_id                   1 
_diffrn_source.source                      SYNCHROTRON 
_diffrn_source.type                        'APS BEAMLINE 22-ID' 
_diffrn_source.pdbx_wavelength             ? 
_diffrn_source.pdbx_wavelength_list        1.0000 
_diffrn_source.pdbx_synchrotron_site       APS 
_diffrn_source.pdbx_synchrotron_beamline   22-ID 
# 
_reflns.entry_id                     3H8K 
_reflns.d_resolution_high            1.800 
_reflns.d_resolution_low             50.000 
_reflns.number_obs                   16657 
_reflns.pdbx_Rmerge_I_obs            0.078 
_reflns.pdbx_netI_over_sigmaI        22.381 
_reflns.pdbx_chi_squared             1.051 
_reflns.pdbx_redundancy              6.400 
_reflns.percent_possible_obs         95.400 
_reflns.observed_criterion_sigma_F   -6.0 
_reflns.observed_criterion_sigma_I   -3.0 
_reflns.number_all                   ? 
_reflns.pdbx_Rsym_value              ? 
_reflns.B_iso_Wilson_estimate        21.6 
_reflns.R_free_details               ? 
_reflns.limit_h_max                  ? 
_reflns.limit_h_min                  ? 
_reflns.limit_k_max                  ? 
_reflns.limit_k_min                  ? 
_reflns.limit_l_max                  ? 
_reflns.limit_l_min                  ? 
_reflns.observed_criterion_F_max     ? 
_reflns.observed_criterion_F_min     ? 
_reflns.pdbx_scaling_rejects         ? 
_reflns.pdbx_ordinal                 1 
_reflns.pdbx_diffrn_id               1 
# 
_reflns_shell.d_res_high             1.80 
_reflns_shell.d_res_low              1.86 
_reflns_shell.number_measured_obs    ? 
_reflns_shell.number_measured_all    ? 
_reflns_shell.number_unique_obs      ? 
_reflns_shell.Rmerge_I_obs           0.437 
_reflns_shell.meanI_over_sigI_obs    2.74 
_reflns_shell.pdbx_Rsym_value        ? 
_reflns_shell.pdbx_chi_squared       0.959 
_reflns_shell.pdbx_redundancy        4.60 
_reflns_shell.percent_possible_obs   ? 
_reflns_shell.number_unique_all      1272 
_reflns_shell.percent_possible_all   74.20 
_reflns_shell.pdbx_ordinal           1 
_reflns_shell.pdbx_diffrn_id         1 
# 
_refine.entry_id                                 3H8K 
_refine.ls_d_res_high                            1.800 
_refine.ls_d_res_low                             43.048 
_refine.pdbx_ls_sigma_F                          0.12 
_refine.pdbx_data_cutoff_high_absF               ? 
_refine.pdbx_data_cutoff_low_absF                ? 
_refine.ls_percent_reflns_obs                    90.730 
_refine.ls_number_reflns_obs                     15822 
_refine.ls_number_reflns_all                     ? 
_refine.pdbx_ls_cross_valid_method               15822 
_refine.pdbx_R_Free_selection_details            RANDOM 
_refine.details                                  ? 
_refine.ls_R_factor_all                          ? 
_refine.ls_R_factor_obs                          0.198 
_refine.ls_R_factor_R_work                       0.193 
_refine.ls_wR_factor_R_work                      ? 
_refine.ls_R_factor_R_free                       0.242 
_refine.ls_wR_factor_R_free                      ? 
_refine.ls_percent_reflns_R_free                 9.940 
_refine.ls_number_reflns_R_free                  1573 
_refine.ls_R_factor_R_free_error                 ? 
_refine.B_iso_mean                               34.205 
_refine.solvent_model_param_bsol                 46.284 
_refine.solvent_model_param_ksol                 0.349 
_refine.pdbx_isotropic_thermal_model             Isotropic 
_refine.aniso_B[1][1]                            10.605 
_refine.aniso_B[2][2]                            -4.214 
_refine.aniso_B[3][3]                            -6.390 
_refine.aniso_B[1][2]                            -0.000 
_refine.aniso_B[1][3]                            -0.000 
_refine.aniso_B[2][3]                            0.000 
_refine.correlation_coeff_Fo_to_Fc               ? 
_refine.correlation_coeff_Fo_to_Fc_free          ? 
_refine.overall_SU_R_Cruickshank_DPI             ? 
_refine.overall_SU_R_free                        ? 
_refine.pdbx_overall_ESU_R                       ? 
_refine.pdbx_overall_ESU_R_Free                  ? 
_refine.overall_SU_ML                            0.270 
_refine.overall_SU_B                             ? 
_refine.solvent_model_details                    'FLAT BULK SOLVENT MODEL' 
_refine.pdbx_solvent_vdw_probe_radii             1.110 
_refine.pdbx_solvent_ion_probe_radii             ? 
_refine.pdbx_solvent_shrinkage_radii             0.900 
_refine.ls_number_parameters                     ? 
_refine.ls_number_restraints                     ? 
_refine.pdbx_starting_model                      'PDB entry 2CYX' 
_refine.pdbx_method_to_determine_struct          'MOLECULAR REPLACEMENT' 
_refine.pdbx_stereochemistry_target_values       ML 
_refine.pdbx_stereochem_target_val_spec_case     ? 
_refine.overall_FOM_work_R_set                   0.809 
_refine.B_iso_max                                97.34 
_refine.B_iso_min                                10.88 
_refine.occupancy_max                            1.00 
_refine.occupancy_min                            0.21 
_refine.pdbx_ls_sigma_I                          ? 
_refine.ls_redundancy_reflns_obs                 ? 
_refine.ls_R_factor_R_free_error_details         ? 
_refine.pdbx_data_cutoff_high_rms_absF           ? 
_refine.overall_FOM_free_R_set                   ? 
_refine.pdbx_overall_phase_error                 ? 
_refine.pdbx_refine_id                           'X-RAY DIFFRACTION' 
_refine.pdbx_diffrn_id                           1 
_refine.pdbx_TLS_residual_ADP_flag               ? 
_refine.pdbx_overall_SU_R_free_Cruickshank_DPI   ? 
_refine.pdbx_overall_SU_R_Blow_DPI               ? 
_refine.pdbx_overall_SU_R_free_Blow_DPI          ? 
# 
_refine_analyze.entry_id                        3H8K 
_refine_analyze.Luzzati_coordinate_error_obs    0.27 
_refine_analyze.Luzzati_sigma_a_obs             ? 
_refine_analyze.Luzzati_d_res_low_obs           ? 
_refine_analyze.Luzzati_coordinate_error_free   ? 
_refine_analyze.Luzzati_sigma_a_free            ? 
_refine_analyze.Luzzati_d_res_low_free          ? 
_refine_analyze.number_disordered_residues      ? 
_refine_analyze.occupancy_sum_non_hydrogen      ? 
_refine_analyze.occupancy_sum_hydrogen          ? 
_refine_analyze.pdbx_Luzzati_d_res_high_obs     ? 
_refine_analyze.pdbx_refine_id                  'X-RAY DIFFRACTION' 
# 
_refine_hist.pdbx_refine_id                   'X-RAY DIFFRACTION' 
_refine_hist.cycle_id                         LAST 
_refine_hist.pdbx_number_atoms_protein        1543 
_refine_hist.pdbx_number_atoms_nucleic_acid   0 
_refine_hist.pdbx_number_atoms_ligand         0 
_refine_hist.number_atoms_solvent             163 
_refine_hist.number_atoms_total               1706 
_refine_hist.d_res_high                       1.800 
_refine_hist.d_res_low                        43.048 
# 
loop_
_refine_ls_restr.type 
_refine_ls_restr.number 
_refine_ls_restr.dev_ideal 
_refine_ls_restr.dev_ideal_target 
_refine_ls_restr.weight 
_refine_ls_restr.pdbx_refine_id 
_refine_ls_restr.pdbx_restraint_function 
f_bond_d           1623 0.005  ? ? 'X-RAY DIFFRACTION' ? 
f_angle_d          2207 0.921  ? ? 'X-RAY DIFFRACTION' ? 
f_chiral_restr     232  0.066  ? ? 'X-RAY DIFFRACTION' ? 
f_plane_restr      294  0.005  ? ? 'X-RAY DIFFRACTION' ? 
f_dihedral_angle_d 629  15.157 ? ? 'X-RAY DIFFRACTION' ? 
# 
loop_
_refine_ls_shell.d_res_high 
_refine_ls_shell.d_res_low 
_refine_ls_shell.pdbx_total_number_of_bins_used 
_refine_ls_shell.percent_reflns_obs 
_refine_ls_shell.number_reflns_R_work 
_refine_ls_shell.R_factor_all 
_refine_ls_shell.R_factor_R_work 
_refine_ls_shell.R_factor_R_free 
_refine_ls_shell.percent_reflns_R_free 
_refine_ls_shell.number_reflns_R_free 
_refine_ls_shell.R_factor_R_free_error 
_refine_ls_shell.number_reflns_all 
_refine_ls_shell.number_reflns_obs 
_refine_ls_shell.redundancy_reflns_obs 
_refine_ls_shell.pdbx_refine_id 
1.8   1.864  10 62.000  951  . 0.231 0.275 . 102 . 1053 1053 . 'X-RAY DIFFRACTION' 
1.864 1.939  10 75.000  1162 . 0.243 0.318 . 129 . 1291 1291 . 'X-RAY DIFFRACTION' 
1.939 2.027  10 87.000  1337 . 0.226 0.309 . 155 . 1492 1492 . 'X-RAY DIFFRACTION' 
2.027 2.134  10 93.000  1452 . 0.204 0.241 . 158 . 1610 1610 . 'X-RAY DIFFRACTION' 
2.134 2.267  10 96.000  1477 . 0.195 0.257 . 159 . 1636 1636 . 'X-RAY DIFFRACTION' 
2.267 2.442  10 97.000  1500 . 0.209 0.250 . 170 . 1670 1670 . 'X-RAY DIFFRACTION' 
2.442 2.688  10 98.000  1541 . 0.212 0.276 . 167 . 1708 1708 . 'X-RAY DIFFRACTION' 
2.688 3.077  10 99.000  1560 . 0.203 0.265 . 175 . 1735 1735 . 'X-RAY DIFFRACTION' 
3.077 3.876  10 100.000 1592 . 0.181 0.238 . 171 . 1763 1763 . 'X-RAY DIFFRACTION' 
3.876 43.061 10 100.000 1677 . 0.167 0.194 . 187 . 1864 1864 . 'X-RAY DIFFRACTION' 
# 
_struct.entry_id                  3H8K 
_struct.title                     'Crystal structure of Ube2g2 complxed with the G2BR domain of gp78 at 1.8-A resolution' 
_struct.pdbx_model_details        ? 
_struct.pdbx_CASP_flag            ? 
_struct.pdbx_model_type_details   ? 
# 
_struct_keywords.entry_id        3H8K 
_struct_keywords.text            
;alpha beta, all alpha, Ligase, Ubl conjugation pathway, Endoplasmic reticulum, Membrane, Metal-binding, Phosphoprotein, Receptor, Transmembrane, Zinc-finger
;
_struct_keywords.pdbx_keywords   LIGASE 
# 
loop_
_struct_asym.id 
_struct_asym.pdbx_blank_PDB_chainid_flag 
_struct_asym.pdbx_modified 
_struct_asym.entity_id 
_struct_asym.details 
A N N 1 ? 
B N N 2 ? 
C N N 3 ? 
D N N 3 ? 
# 
_struct_biol.id        1 
_struct_biol.details   ? 
# 
loop_
_struct_conf.conf_type_id 
_struct_conf.id 
_struct_conf.pdbx_PDB_helix_id 
_struct_conf.beg_label_comp_id 
_struct_conf.beg_label_asym_id 
_struct_conf.beg_label_seq_id 
_struct_conf.pdbx_beg_PDB_ins_code 
_struct_conf.end_label_comp_id 
_struct_conf.end_label_asym_id 
_struct_conf.end_label_seq_id 
_struct_conf.pdbx_end_PDB_ins_code 
_struct_conf.beg_auth_comp_id 
_struct_conf.beg_auth_asym_id 
_struct_conf.beg_auth_seq_id 
_struct_conf.end_auth_comp_id 
_struct_conf.end_auth_asym_id 
_struct_conf.end_auth_seq_id 
_struct_conf.pdbx_PDB_helix_class 
_struct_conf.details 
_struct_conf.pdbx_PDB_helix_length 
HELX_P HELX_P1 1 GLY A 2   ? ASN A 18  ? GLY A 3   ASN A 19  1 ? 17 
HELX_P HELX_P2 2 ILE A 89  ? HIS A 93  ? ILE A 90  HIS A 94  5 ? 5  
HELX_P HELX_P3 3 SER A 114 ? GLU A 128 ? SER A 115 GLU A 129 1 ? 15 
HELX_P HELX_P4 4 ASN A 136 ? ASP A 146 ? ASN A 137 ASP A 147 1 ? 11 
HELX_P HELX_P5 5 ASP A 146 ? GLY A 163 ? ASP A 147 GLY A 164 1 ? 18 
HELX_P HELX_P6 6 SER B 2   ? LYS B 28  ? SER B 574 LYS B 600 1 ? 27 
# 
_struct_conf_type.id          HELX_P 
_struct_conf_type.criteria    ? 
_struct_conf_type.reference   ? 
# 
_struct_mon_prot_cis.pdbx_id                1 
_struct_mon_prot_cis.label_comp_id          TYR 
_struct_mon_prot_cis.label_seq_id           63 
_struct_mon_prot_cis.label_asym_id          A 
_struct_mon_prot_cis.label_alt_id           . 
_struct_mon_prot_cis.pdbx_PDB_ins_code      ? 
_struct_mon_prot_cis.auth_comp_id           TYR 
_struct_mon_prot_cis.auth_seq_id            64 
_struct_mon_prot_cis.auth_asym_id           A 
_struct_mon_prot_cis.pdbx_label_comp_id_2   PRO 
_struct_mon_prot_cis.pdbx_label_seq_id_2    64 
_struct_mon_prot_cis.pdbx_label_asym_id_2   A 
_struct_mon_prot_cis.pdbx_PDB_ins_code_2    ? 
_struct_mon_prot_cis.pdbx_auth_comp_id_2    PRO 
_struct_mon_prot_cis.pdbx_auth_seq_id_2     65 
_struct_mon_prot_cis.pdbx_auth_asym_id_2    A 
_struct_mon_prot_cis.pdbx_PDB_model_num     1 
_struct_mon_prot_cis.pdbx_omega_angle       8.29 
# 
_struct_sheet.id               A 
_struct_sheet.type             ? 
_struct_sheet.number_strands   4 
_struct_sheet.details          ? 
# 
loop_
_struct_sheet_order.sheet_id 
_struct_sheet_order.range_id_1 
_struct_sheet_order.range_id_2 
_struct_sheet_order.offset 
_struct_sheet_order.sense 
A 1 2 ? anti-parallel 
A 2 3 ? anti-parallel 
A 3 4 ? anti-parallel 
# 
loop_
_struct_sheet_range.sheet_id 
_struct_sheet_range.id 
_struct_sheet_range.beg_label_comp_id 
_struct_sheet_range.beg_label_asym_id 
_struct_sheet_range.beg_label_seq_id 
_struct_sheet_range.pdbx_beg_PDB_ins_code 
_struct_sheet_range.end_label_comp_id 
_struct_sheet_range.end_label_asym_id 
_struct_sheet_range.end_label_seq_id 
_struct_sheet_range.pdbx_end_PDB_ins_code 
_struct_sheet_range.beg_auth_comp_id 
_struct_sheet_range.beg_auth_asym_id 
_struct_sheet_range.beg_auth_seq_id 
_struct_sheet_range.end_auth_comp_id 
_struct_sheet_range.end_auth_asym_id 
_struct_sheet_range.end_auth_seq_id 
A 1 ILE A 23 ? PRO A 27 ? ILE A 24 PRO A 28 
A 2 GLU A 35 ? MET A 41 ? GLU A 36 MET A 42 
A 3 VAL A 52 ? SER A 58 ? VAL A 53 SER A 59 
A 4 LYS A 69 ? PHE A 72 ? LYS A 70 PHE A 73 
# 
loop_
_pdbx_struct_sheet_hbond.sheet_id 
_pdbx_struct_sheet_hbond.range_id_1 
_pdbx_struct_sheet_hbond.range_id_2 
_pdbx_struct_sheet_hbond.range_1_label_atom_id 
_pdbx_struct_sheet_hbond.range_1_label_comp_id 
_pdbx_struct_sheet_hbond.range_1_label_asym_id 
_pdbx_struct_sheet_hbond.range_1_label_seq_id 
_pdbx_struct_sheet_hbond.range_1_PDB_ins_code 
_pdbx_struct_sheet_hbond.range_1_auth_atom_id 
_pdbx_struct_sheet_hbond.range_1_auth_comp_id 
_pdbx_struct_sheet_hbond.range_1_auth_asym_id 
_pdbx_struct_sheet_hbond.range_1_auth_seq_id 
_pdbx_struct_sheet_hbond.range_2_label_atom_id 
_pdbx_struct_sheet_hbond.range_2_label_comp_id 
_pdbx_struct_sheet_hbond.range_2_label_asym_id 
_pdbx_struct_sheet_hbond.range_2_label_seq_id 
_pdbx_struct_sheet_hbond.range_2_PDB_ins_code 
_pdbx_struct_sheet_hbond.range_2_auth_atom_id 
_pdbx_struct_sheet_hbond.range_2_auth_comp_id 
_pdbx_struct_sheet_hbond.range_2_auth_asym_id 
_pdbx_struct_sheet_hbond.range_2_auth_seq_id 
A 1 2 N VAL A 24 ? N VAL A 25 O LEU A 39 ? O LEU A 40 
A 2 3 N TRP A 36 ? N TRP A 37 O LEU A 57 ? O LEU A 58 
A 3 4 N ILE A 56 ? N ILE A 57 O ARG A 71 ? O ARG A 72 
# 
_atom_sites.entry_id                    3H8K 
_atom_sites.fract_transf_matrix[1][1]   0.01637255 
_atom_sites.fract_transf_matrix[1][2]   -0.01149312 
_atom_sites.fract_transf_matrix[1][3]   0.00421474 
_atom_sites.fract_transf_matrix[2][1]   -0.00852345 
_atom_sites.fract_transf_matrix[2][2]   -0.00774525 
_atom_sites.fract_transf_matrix[2][3]   0.01198969 
_atom_sites.fract_transf_matrix[3][1]   -0.00501973 
_atom_sites.fract_transf_matrix[3][2]   -0.01108567 
_atom_sites.fract_transf_matrix[3][3]   -0.01072979 
_atom_sites.fract_transf_vector[1]      0.477073 
_atom_sites.fract_transf_vector[2]      -0.018446 
_atom_sites.fract_transf_vector[3]      -0.072595 
# 
loop_
_atom_type.symbol 
C 
N 
O 
S 
# 
loop_
_atom_site.group_PDB 
_atom_site.id 
_atom_site.type_symbol 
_atom_site.label_atom_id 
_atom_site.label_alt_id 
_atom_site.label_comp_id 
_atom_site.label_asym_id 
_atom_site.label_entity_id 
_atom_site.label_seq_id 
_atom_site.pdbx_PDB_ins_code 
_atom_site.Cartn_x 
_atom_site.Cartn_y 
_atom_site.Cartn_z 
_atom_site.occupancy 
_atom_site.B_iso_or_equiv 
_atom_site.pdbx_formal_charge 
_atom_site.auth_seq_id 
_atom_site.auth_comp_id 
_atom_site.auth_asym_id 
_atom_site.auth_atom_id 
_atom_site.pdbx_PDB_model_num 
ATOM   1    N N   . ALA A 1 1   ? 0.470   28.071  -0.412  1.00 50.24 ? 2   ALA A N   1 
ATOM   2    C CA  . ALA A 1 1   ? 0.835   26.663  -0.530  1.00 43.57 ? 2   ALA A CA  1 
ATOM   3    C C   . ALA A 1 1   ? 1.128   26.293  -1.981  1.00 43.45 ? 2   ALA A C   1 
ATOM   4    O O   . ALA A 1 1   ? 0.430   26.730  -2.900  1.00 40.02 ? 2   ALA A O   1 
ATOM   5    C CB  . ALA A 1 1   ? -0.277  25.780  0.032   1.00 41.71 ? 2   ALA A CB  1 
ATOM   6    N N   . GLY A 1 2   ? 2.165   25.486  -2.183  1.00 42.54 ? 3   GLY A N   1 
ATOM   7    C CA  . GLY A 1 2   ? 2.499   25.014  -3.515  1.00 43.49 ? 3   GLY A CA  1 
ATOM   8    C C   . GLY A 1 2   ? 1.429   24.091  -4.066  1.00 33.45 ? 3   GLY A C   1 
ATOM   9    O O   . GLY A 1 2   ? 0.477   23.738  -3.369  1.00 28.21 ? 3   GLY A O   1 
ATOM   10   N N   . THR A 1 3   ? 1.581   23.698  -5.325  1.00 37.36 ? 4   THR A N   1 
ATOM   11   C CA  . THR A 1 3   ? 0.621   22.802  -5.954  1.00 36.27 ? 4   THR A CA  1 
ATOM   12   C C   . THR A 1 3   ? 0.529   21.488  -5.181  1.00 28.40 ? 4   THR A C   1 
ATOM   13   O O   . THR A 1 3   ? -0.567  20.972  -4.939  1.00 30.96 ? 4   THR A O   1 
ATOM   14   C CB  . THR A 1 3   ? 0.997   22.515  -7.423  1.00 46.51 ? 4   THR A CB  1 
ATOM   15   O OG1 . THR A 1 3   ? 0.729   23.675  -8.223  1.00 43.11 ? 4   THR A OG1 1 
ATOM   16   C CG2 . THR A 1 3   ? 0.197   21.333  -7.964  1.00 48.93 ? 4   THR A CG2 1 
ATOM   17   N N   . ALA A 1 4   ? 1.686   20.962  -4.780  1.00 24.48 ? 5   ALA A N   1 
ATOM   18   C CA  . ALA A 1 4   ? 1.757   19.685  -4.074  1.00 25.30 ? 5   ALA A CA  1 
ATOM   19   C C   . ALA A 1 4   ? 0.944   19.699  -2.788  1.00 21.70 ? 5   ALA A C   1 
ATOM   20   O O   . ALA A 1 4   ? 0.127   18.809  -2.555  1.00 24.57 ? 5   ALA A O   1 
ATOM   21   C CB  . ALA A 1 4   ? 3.203   19.321  -3.773  1.00 31.23 ? 5   ALA A CB  1 
ATOM   22   N N   . LEU A 1 5   ? 1.170   20.717  -1.955  1.00 28.26 ? 6   LEU A N   1 
ATOM   23   C CA  . LEU A 1 5   ? 0.469   20.848  -0.683  1.00 25.84 ? 6   LEU A CA  1 
ATOM   24   C C   . LEU A 1 5   ? -1.039  20.919  -0.899  1.00 30.32 ? 6   LEU A C   1 
ATOM   25   O O   . LEU A 1 5   ? -1.809  20.230  -0.225  1.00 22.86 ? 6   LEU A O   1 
ATOM   26   C CB  . LEU A 1 5   ? 0.955   22.088  0.072   1.00 23.59 ? 6   LEU A CB  1 
ATOM   27   C CG  . LEU A 1 5   ? 0.423   22.309  1.488   1.00 24.69 ? 6   LEU A CG  1 
ATOM   28   C CD1 . LEU A 1 5   ? 0.593   21.053  2.330   1.00 34.37 ? 6   LEU A CD1 1 
ATOM   29   C CD2 . LEU A 1 5   ? 1.120   23.498  2.147   1.00 32.21 ? 6   LEU A CD2 1 
ATOM   30   N N   . LYS A 1 6   ? -1.451  21.748  -1.855  1.00 30.72 ? 7   LYS A N   1 
ATOM   31   C CA  . LYS A 1 6   ? -2.863  21.898  -2.188  1.00 31.29 ? 7   LYS A CA  1 
ATOM   32   C C   . LYS A 1 6   ? -3.496  20.551  -2.533  1.00 22.72 ? 7   LYS A C   1 
ATOM   33   O O   . LYS A 1 6   ? -4.505  20.161  -1.945  1.00 24.80 ? 7   LYS A O   1 
ATOM   34   C CB  . LYS A 1 6   ? -3.045  22.874  -3.352  1.00 33.07 ? 7   LYS A CB  1 
ATOM   35   C CG  . LYS A 1 6   ? -2.606  24.302  -3.047  1.00 37.84 ? 7   LYS A CG  1 
ATOM   36   C CD  . LYS A 1 6   ? -2.764  25.186  -4.275  1.00 50.58 ? 7   LYS A CD  1 
ATOM   37   C CE  . LYS A 1 6   ? -2.476  26.642  -3.960  1.00 59.33 ? 7   LYS A CE  1 
ATOM   38   N NZ  . LYS A 1 6   ? -2.798  27.523  -5.117  1.00 60.77 ? 7   LYS A NZ  1 
ATOM   39   N N   . ARG A 1 7   ? -2.897  19.837  -3.478  1.00 27.51 ? 8   ARG A N   1 
ATOM   40   C CA  . ARG A 1 7   ? -3.437  18.551  -3.901  1.00 24.93 ? 8   ARG A CA  1 
ATOM   41   C C   . ARG A 1 7   ? -3.518  17.552  -2.749  1.00 21.77 ? 8   ARG A C   1 
ATOM   42   O O   . ARG A 1 7   ? -4.497  16.823  -2.617  1.00 24.42 ? 8   ARG A O   1 
ATOM   43   C CB  . ARG A 1 7   ? -2.594  17.957  -5.029  1.00 36.54 ? 8   ARG A CB  1 
ATOM   44   C CG  . ARG A 1 7   ? -2.719  16.439  -5.130  1.00 42.09 ? 8   ARG A CG  1 
ATOM   45   C CD  . ARG A 1 7   ? -4.099  15.998  -5.596  1.00 40.71 ? 8   ARG A CD  1 
ATOM   46   N NE  . ARG A 1 7   ? -4.204  16.047  -7.047  1.00 48.55 ? 8   ARG A NE  1 
ATOM   47   C CZ  . ARG A 1 7   ? -4.006  15.008  -7.849  1.00 44.18 ? 8   ARG A CZ  1 
ATOM   48   N NH1 . ARG A 1 7   ? -3.701  13.819  -7.346  1.00 38.55 ? 8   ARG A NH1 1 
ATOM   49   N NH2 . ARG A 1 7   ? -4.114  15.161  -9.159  1.00 41.08 ? 8   ARG A NH2 1 
ATOM   50   N N   . LEU A 1 8   ? -2.475  17.512  -1.932  1.00 18.70 ? 9   LEU A N   1 
ATOM   51   C CA  . LEU A 1 8   ? -2.384  16.537  -0.845  1.00 18.38 ? 9   LEU A CA  1 
ATOM   52   C C   . LEU A 1 8   ? -3.382  16.797  0.283   1.00 26.43 ? 9   LEU A C   1 
ATOM   53   O O   . LEU A 1 8   ? -3.949  15.858  0.841   1.00 24.90 ? 9   LEU A O   1 
ATOM   54   C CB  . LEU A 1 8   ? -0.950  16.461  -0.312  1.00 19.64 ? 9   LEU A CB  1 
ATOM   55   C CG  . LEU A 1 8   ? 0.009   15.663  -1.205  1.00 23.50 ? 9   LEU A CG  1 
ATOM   56   C CD1 . LEU A 1 8   ? 1.451   16.060  -0.946  1.00 24.18 ? 9   LEU A CD1 1 
ATOM   57   C CD2 . LEU A 1 8   ? -0.187  14.157  -1.012  1.00 23.81 ? 9   LEU A CD2 1 
ATOM   58   N N   . MET A 1 9   ? -3.606  18.070  0.612   1.00 18.20 ? 10  MET A N   1 
ATOM   59   C CA  . MET A 1 9   ? -4.648  18.427  1.559   1.00 20.83 ? 10  MET A CA  1 
ATOM   60   C C   . MET A 1 9   ? -6.020  18.057  0.996   1.00 21.93 ? 10  MET A C   1 
ATOM   61   O O   . MET A 1 9   ? -6.880  17.548  1.716   1.00 23.61 ? 10  MET A O   1 
ATOM   62   C CB  . MET A 1 9   ? -4.603  19.924  1.869   1.00 33.58 ? 10  MET A CB  1 
ATOM   63   C CG  . MET A 1 9   ? -3.243  20.428  2.306   1.00 36.39 ? 10  MET A CG  1 
ATOM   64   S SD  . MET A 1 9   ? -3.262  22.213  2.551   1.00 48.78 ? 10  MET A SD  1 
ATOM   65   C CE  . MET A 1 9   ? -4.473  22.333  3.862   1.00 38.26 ? 10  MET A CE  1 
ATOM   66   N N   . ALA A 1 10  ? -6.217  18.313  -0.295  1.00 24.18 ? 11  ALA A N   1 
ATOM   67   C CA  . ALA A 1 10  ? -7.473  17.979  -0.954  1.00 27.94 ? 11  ALA A CA  1 
ATOM   68   C C   . ALA A 1 10  ? -7.732  16.477  -0.879  1.00 33.88 ? 11  ALA A C   1 
ATOM   69   O O   . ALA A 1 10  ? -8.819  16.049  -0.508  1.00 29.69 ? 11  ALA A O   1 
ATOM   70   C CB  . ALA A 1 10  ? -7.457  18.441  -2.398  1.00 31.75 ? 11  ALA A CB  1 
ATOM   71   N N   . GLU A 1 11  ? -6.727  15.682  -1.232  1.00 32.50 ? 12  GLU A N   1 
ATOM   72   C CA  . GLU A 1 11  ? -6.873  14.228  -1.193  1.00 28.14 ? 12  GLU A CA  1 
ATOM   73   C C   . GLU A 1 11  ? -7.190  13.736  0.208   1.00 24.70 ? 12  GLU A C   1 
ATOM   74   O O   . GLU A 1 11  ? -8.090  12.916  0.395   1.00 31.65 ? 12  GLU A O   1 
ATOM   75   C CB  . GLU A 1 11  ? -5.617  13.532  -1.715  1.00 25.69 ? 12  GLU A CB  1 
ATOM   76   C CG  . GLU A 1 11  ? -5.394  13.680  -3.204  1.00 26.67 ? 12  GLU A CG  1 
ATOM   77   C CD  . GLU A 1 11  ? -4.372  12.697  -3.736  1.00 30.14 ? 12  GLU A CD  1 
ATOM   78   O OE1 . GLU A 1 11  ? -4.444  11.500  -3.378  1.00 25.63 ? 12  GLU A OE1 1 
ATOM   79   O OE2 . GLU A 1 11  ? -3.499  13.114  -4.523  1.00 33.25 ? 12  GLU A OE2 1 
ATOM   80   N N   . TYR A 1 12  ? -6.456  14.236  1.195   1.00 21.58 ? 13  TYR A N   1 
ATOM   81   C CA  . TYR A 1 12  ? -6.659  13.818  2.576   1.00 22.89 ? 13  TYR A CA  1 
ATOM   82   C C   . TYR A 1 12  ? -8.058  14.156  3.079   1.00 34.38 ? 13  TYR A C   1 
ATOM   83   O O   . TYR A 1 12  ? -8.691  13.343  3.742   1.00 28.83 ? 13  TYR A O   1 
ATOM   84   C CB  . TYR A 1 12  ? -5.597  14.421  3.494   1.00 19.50 ? 13  TYR A CB  1 
ATOM   85   C CG  . TYR A 1 12  ? -5.645  13.905  4.912   1.00 22.58 ? 13  TYR A CG  1 
ATOM   86   C CD1 . TYR A 1 12  ? -5.766  12.546  5.173   1.00 21.37 ? 13  TYR A CD1 1 
ATOM   87   C CD2 . TYR A 1 12  ? -5.553  14.772  5.987   1.00 21.84 ? 13  TYR A CD2 1 
ATOM   88   C CE1 . TYR A 1 12  ? -5.799  12.068  6.464   1.00 20.74 ? 13  TYR A CE1 1 
ATOM   89   C CE2 . TYR A 1 12  ? -5.583  14.306  7.284   1.00 25.13 ? 13  TYR A CE2 1 
ATOM   90   C CZ  . TYR A 1 12  ? -5.716  12.951  7.516   1.00 25.63 ? 13  TYR A CZ  1 
ATOM   91   O OH  . TYR A 1 12  ? -5.743  12.483  8.807   1.00 25.43 ? 13  TYR A OH  1 
ATOM   92   N N   . LYS A 1 13  ? -8.546  15.348  2.751   1.00 36.60 ? 14  LYS A N   1 
ATOM   93   C CA  . LYS A 1 13  ? -9.902  15.718  3.136   1.00 37.94 ? 14  LYS A CA  1 
ATOM   94   C C   . LYS A 1 13  ? -10.907 14.682  2.628   1.00 32.91 ? 14  LYS A C   1 
ATOM   95   O O   . LYS A 1 13  ? -11.769 14.209  3.377   1.00 32.93 ? 14  LYS A O   1 
ATOM   96   C CB  . LYS A 1 13  ? -10.268 17.113  2.619   1.00 43.25 ? 14  LYS A CB  1 
ATOM   97   C CG  . LYS A 1 13  ? -11.562 17.651  3.222   1.00 50.79 ? 14  LYS A CG  1 
ATOM   98   C CD  . LYS A 1 13  ? -11.875 19.072  2.771   1.00 54.73 ? 14  LYS A CD  1 
ATOM   99   C CE  . LYS A 1 13  ? -12.558 19.093  1.413   1.00 55.68 ? 14  LYS A CE  1 
ATOM   100  N NZ  . LYS A 1 13  ? -13.152 20.434  1.123   1.00 57.94 ? 14  LYS A NZ  1 
ATOM   101  N N   . GLN A 1 14  ? -10.788 14.320  1.356   1.00 31.93 ? 15  GLN A N   1 
ATOM   102  C CA  . GLN A 1 14  ? -11.700 13.344  0.779   1.00 39.17 ? 15  GLN A CA  1 
ATOM   103  C C   . GLN A 1 14  ? -11.599 11.993  1.491   1.00 35.88 ? 15  GLN A C   1 
ATOM   104  O O   . GLN A 1 14  ? -12.601 11.295  1.652   1.00 33.27 ? 15  GLN A O   1 
ATOM   105  C CB  . GLN A 1 14  ? -11.459 13.191  -0.722  1.00 36.30 ? 15  GLN A CB  1 
ATOM   106  C CG  . GLN A 1 14  ? -12.525 12.370  -1.417  1.00 49.24 ? 15  GLN A CG  1 
ATOM   107  C CD  . GLN A 1 14  ? -13.927 12.797  -1.027  1.00 55.74 ? 15  GLN A CD  1 
ATOM   108  O OE1 . GLN A 1 14  ? -14.770 11.964  -0.684  1.00 61.28 ? 15  GLN A OE1 1 
ATOM   109  N NE2 . GLN A 1 14  ? -14.184 14.101  -1.071  1.00 49.90 ? 15  GLN A NE2 1 
ATOM   110  N N   . LEU A 1 15  ? -10.391 11.638  1.923   1.00 34.47 ? 16  LEU A N   1 
ATOM   111  C CA  . LEU A 1 15  ? -10.167 10.380  2.632   1.00 32.25 ? 16  LEU A CA  1 
ATOM   112  C C   . LEU A 1 15  ? -10.772 10.383  4.034   1.00 32.30 ? 16  LEU A C   1 
ATOM   113  O O   . LEU A 1 15  ? -11.287 9.368   4.500   1.00 32.89 ? 16  LEU A O   1 
ATOM   114  C CB  . LEU A 1 15  ? -8.671  10.069  2.725   1.00 35.14 ? 16  LEU A CB  1 
ATOM   115  C CG  . LEU A 1 15  ? -7.958  9.483   1.501   1.00 25.49 ? 16  LEU A CG  1 
ATOM   116  C CD1 . LEU A 1 15  ? -6.461  9.451   1.746   1.00 25.55 ? 16  LEU A CD1 1 
ATOM   117  C CD2 . LEU A 1 15  ? -8.466  8.098   1.214   1.00 32.50 ? 16  LEU A CD2 1 
ATOM   118  N N   . THR A 1 16  ? -10.697 11.518  4.716   1.00 31.49 ? 17  THR A N   1 
ATOM   119  C CA  . THR A 1 16  ? -11.248 11.610  6.061   1.00 38.25 ? 17  THR A CA  1 
ATOM   120  C C   . THR A 1 16  ? -12.769 11.673  5.973   1.00 38.04 ? 17  THR A C   1 
ATOM   121  O O   . THR A 1 16  ? -13.477 11.111  6.811   1.00 38.30 ? 17  THR A O   1 
ATOM   122  C CB  . THR A 1 16  ? -10.715 12.846  6.814   1.00 34.11 ? 17  THR A CB  1 
ATOM   123  O OG1 . THR A 1 16  ? -11.167 14.035  6.156   1.00 48.05 ? 17  THR A OG1 1 
ATOM   124  C CG2 . THR A 1 16  ? -9.196  12.841  6.831   1.00 23.44 ? 17  THR A CG2 1 
ATOM   125  N N   . LEU A 1 17  ? -13.259 12.349  4.939   1.00 40.76 ? 18  LEU A N   1 
ATOM   126  C CA  . LEU A 1 17  ? -14.694 12.508  4.721   1.00 47.50 ? 18  LEU A CA  1 
ATOM   127  C C   . LEU A 1 17  ? -15.370 11.187  4.391   1.00 39.73 ? 18  LEU A C   1 
ATOM   128  O O   . LEU A 1 17  ? -16.429 10.875  4.931   1.00 46.39 ? 18  LEU A O   1 
ATOM   129  C CB  . LEU A 1 17  ? -14.965 13.507  3.594   1.00 41.43 ? 18  LEU A CB  1 
ATOM   130  C CG  . LEU A 1 17  ? -16.443 13.752  3.297   1.00 47.41 ? 18  LEU A CG  1 
ATOM   131  C CD1 . LEU A 1 17  ? -17.097 14.493  4.455   1.00 49.26 ? 18  LEU A CD1 1 
ATOM   132  C CD2 . LEU A 1 17  ? -16.616 14.520  1.999   1.00 52.79 ? 18  LEU A CD2 1 
ATOM   133  N N   . ASN A 1 18  ? -14.762 10.422  3.489   1.00 44.70 ? 19  ASN A N   1 
ATOM   134  C CA  . ASN A 1 18  ? -15.335 9.161   3.040   1.00 44.89 ? 19  ASN A CA  1 
ATOM   135  C C   . ASN A 1 18  ? -14.310 8.035   3.098   1.00 42.51 ? 19  ASN A C   1 
ATOM   136  O O   . ASN A 1 18  ? -13.805 7.591   2.065   1.00 34.20 ? 19  ASN A O   1 
ATOM   137  C CB  . ASN A 1 18  ? -15.889 9.304   1.622   1.00 52.21 ? 19  ASN A CB  1 
ATOM   138  C CG  . ASN A 1 18  ? -16.552 8.033   1.122   1.00 65.85 ? 19  ASN A CG  1 
ATOM   139  O OD1 . ASN A 1 18  ? -16.812 7.106   1.890   1.00 68.66 ? 19  ASN A OD1 1 
ATOM   140  N ND2 . ASN A 1 18  ? -16.834 7.988   -0.176  1.00 75.59 ? 19  ASN A ND2 1 
ATOM   141  N N   . PRO A 1 19  ? -14.008 7.561   4.316   1.00 38.46 ? 20  PRO A N   1 
ATOM   142  C CA  . PRO A 1 19  ? -12.950 6.575   4.555   1.00 39.30 ? 20  PRO A CA  1 
ATOM   143  C C   . PRO A 1 19  ? -13.141 5.321   3.713   1.00 44.04 ? 20  PRO A C   1 
ATOM   144  O O   . PRO A 1 19  ? -14.218 4.728   3.737   1.00 45.70 ? 20  PRO A O   1 
ATOM   145  C CB  . PRO A 1 19  ? -13.113 6.234   6.038   1.00 32.68 ? 20  PRO A CB  1 
ATOM   146  C CG  . PRO A 1 19  ? -13.859 7.389   6.626   1.00 45.48 ? 20  PRO A CG  1 
ATOM   147  C CD  . PRO A 1 19  ? -14.764 7.874   5.541   1.00 40.96 ? 20  PRO A CD  1 
ATOM   148  N N   . PRO A 1 20  ? -12.107 4.927   2.959   1.00 41.63 ? 21  PRO A N   1 
ATOM   149  C CA  . PRO A 1 20  ? -12.160 3.698   2.159   1.00 31.96 ? 21  PRO A CA  1 
ATOM   150  C C   . PRO A 1 20  ? -12.061 2.454   3.037   1.00 28.39 ? 21  PRO A C   1 
ATOM   151  O O   . PRO A 1 20  ? -11.292 2.430   3.996   1.00 28.04 ? 21  PRO A O   1 
ATOM   152  C CB  . PRO A 1 20  ? -10.914 3.815   1.274   1.00 42.46 ? 21  PRO A CB  1 
ATOM   153  C CG  . PRO A 1 20  ? -9.986  4.670   2.079   1.00 45.85 ? 21  PRO A CG  1 
ATOM   154  C CD  . PRO A 1 20  ? -10.895 5.708   2.663   1.00 42.56 ? 21  PRO A CD  1 
ATOM   155  N N   . GLU A 1 21  ? -12.838 1.430   2.708   1.00 32.67 ? 22  GLU A N   1 
ATOM   156  C CA  . GLU A 1 21  ? -12.844 0.182   3.461   1.00 33.78 ? 22  GLU A CA  1 
ATOM   157  C C   . GLU A 1 21  ? -11.496 -0.537  3.383   1.00 25.56 ? 22  GLU A C   1 
ATOM   158  O O   . GLU A 1 21  ? -10.966 -0.766  2.297   1.00 29.21 ? 22  GLU A O   1 
ATOM   159  C CB  . GLU A 1 21  ? -13.960 -0.728  2.936   1.00 32.01 ? 22  GLU A CB  1 
ATOM   160  C CG  . GLU A 1 21  ? -13.942 -2.143  3.492   1.00 49.32 ? 22  GLU A CG  1 
ATOM   161  C CD  . GLU A 1 21  ? -14.879 -2.326  4.672   1.00 58.05 ? 22  GLU A CD  1 
ATOM   162  O OE1 . GLU A 1 21  ? -15.385 -1.310  5.202   1.00 53.67 ? 22  GLU A OE1 1 
ATOM   163  O OE2 . GLU A 1 21  ? -15.113 -3.492  5.064   1.00 62.91 ? 22  GLU A OE2 1 
ATOM   164  N N   . GLY A 1 22  ? -10.939 -0.871  4.544   1.00 25.85 ? 23  GLY A N   1 
ATOM   165  C CA  . GLY A 1 22  ? -9.712  -1.642  4.620   1.00 24.17 ? 23  GLY A CA  1 
ATOM   166  C C   . GLY A 1 22  ? -8.446  -0.843  4.368   1.00 25.00 ? 23  GLY A C   1 
ATOM   167  O O   . GLY A 1 22  ? -7.359  -1.409  4.311   1.00 21.67 ? 23  GLY A O   1 
ATOM   168  N N   . ILE A 1 23  ? -8.588  0.471   4.218   1.00 20.11 ? 24  ILE A N   1 
ATOM   169  C CA  . ILE A 1 23  ? -7.451  1.349   3.935   1.00 18.57 ? 24  ILE A CA  1 
ATOM   170  C C   . ILE A 1 23  ? -7.504  2.599   4.831   1.00 21.89 ? 24  ILE A C   1 
ATOM   171  O O   . ILE A 1 23  ? -8.521  3.297   4.870   1.00 24.67 ? 24  ILE A O   1 
ATOM   172  C CB  . ILE A 1 23  ? -7.435  1.777   2.451   1.00 18.92 ? 24  ILE A CB  1 
ATOM   173  C CG1 . ILE A 1 23  ? -7.248  0.555   1.540   1.00 23.29 ? 24  ILE A CG1 1 
ATOM   174  C CG2 . ILE A 1 23  ? -6.336  2.820   2.185   1.00 21.15 ? 24  ILE A CG2 1 
ATOM   175  C CD1 . ILE A 1 23  ? -7.418  0.850   0.079   1.00 25.77 ? 24  ILE A CD1 1 
ATOM   176  N N   . VAL A 1 24  ? -6.418  2.856   5.561   1.00 19.17 ? 25  VAL A N   1 
ATOM   177  C CA  . VAL A 1 24  ? -6.291  4.056   6.400   1.00 21.27 ? 25  VAL A CA  1 
ATOM   178  C C   . VAL A 1 24  ? -4.997  4.766   6.024   1.00 25.25 ? 25  VAL A C   1 
ATOM   179  O O   . VAL A 1 24  ? -3.925  4.163   6.063   1.00 28.92 ? 25  VAL A O   1 
ATOM   180  C CB  . VAL A 1 24  ? -6.247  3.708   7.902   1.00 21.10 ? 25  VAL A CB  1 
ATOM   181  C CG1 . VAL A 1 24  ? -6.211  4.977   8.755   1.00 22.30 ? 25  VAL A CG1 1 
ATOM   182  C CG2 . VAL A 1 24  ? -7.441  2.849   8.291   1.00 23.99 ? 25  VAL A CG2 1 
ATOM   183  N N   . ALA A 1 25  ? -5.088  6.040   5.649   1.00 17.50 ? 26  ALA A N   1 
ATOM   184  C CA  . ALA A 1 25  ? -3.912  6.755   5.169   1.00 14.40 ? 26  ALA A CA  1 
ATOM   185  C C   . ALA A 1 25  ? -3.996  8.239   5.476   1.00 18.42 ? 26  ALA A C   1 
ATOM   186  O O   . ALA A 1 25  ? -5.064  8.835   5.376   1.00 22.11 ? 26  ALA A O   1 
ATOM   187  C CB  . ALA A 1 25  ? -3.745  6.551   3.667   1.00 19.83 ? 26  ALA A CB  1 
ATOM   188  N N   . GLY A 1 26  ? -2.867  8.825   5.856   1.00 21.39 ? 27  GLY A N   1 
ATOM   189  C CA  . GLY A 1 26  ? -2.793  10.260  6.077   1.00 18.79 ? 27  GLY A CA  1 
ATOM   190  C C   . GLY A 1 26  ? -1.435  10.703  6.576   1.00 19.99 ? 27  GLY A C   1 
ATOM   191  O O   . GLY A 1 26  ? -0.602  9.871   6.924   1.00 20.18 ? 27  GLY A O   1 
ATOM   192  N N   . PRO A 1 27  ? -1.207  12.032  6.636   1.00 18.26 ? 28  PRO A N   1 
ATOM   193  C CA  . PRO A 1 27  ? 0.076   12.556  7.115   1.00 15.53 ? 28  PRO A CA  1 
ATOM   194  C C   . PRO A 1 27  ? 0.324   12.123  8.548   1.00 28.27 ? 28  PRO A C   1 
ATOM   195  O O   . PRO A 1 27  ? -0.609  12.146  9.347   1.00 26.89 ? 28  PRO A O   1 
ATOM   196  C CB  . PRO A 1 27  ? -0.108  14.084  7.092   1.00 16.81 ? 28  PRO A CB  1 
ATOM   197  C CG  . PRO A 1 27  ? -1.437  14.352  6.475   1.00 23.43 ? 28  PRO A CG  1 
ATOM   198  C CD  . PRO A 1 27  ? -2.221  13.078  6.425   1.00 24.87 ? 28  PRO A CD  1 
ATOM   199  N N   . MET A 1 28  ? 1.551   11.738  8.873   1.00 33.51 ? 29  MET A N   1 
ATOM   200  C CA  . MET A 1 28  ? 1.886   11.447  10.260  1.00 42.15 ? 29  MET A CA  1 
ATOM   201  C C   . MET A 1 28  ? 1.671   12.706  11.105  1.00 49.05 ? 29  MET A C   1 
ATOM   202  O O   . MET A 1 28  ? 1.169   12.640  12.226  1.00 54.91 ? 29  MET A O   1 
ATOM   203  C CB  . MET A 1 28  ? 3.329   10.951  10.364  1.00 38.05 ? 29  MET A CB  1 
ATOM   204  C CG  . MET A 1 28  ? 3.765   10.117  9.170   1.00 40.00 ? 29  MET A CG  1 
ATOM   205  S SD  . MET A 1 28  ? 5.150   9.012   9.513   1.00 60.24 ? 29  MET A SD  1 
ATOM   206  C CE  . MET A 1 28  ? 5.890   8.885   7.885   1.00 37.31 ? 29  MET A CE  1 
ATOM   207  N N   . ASN A 1 29  ? 2.040   13.854  10.541  1.00 32.68 ? 30  ASN A N   1 
ATOM   208  C CA  . ASN A 1 29  ? 1.866   15.146  11.191  1.00 24.21 ? 30  ASN A CA  1 
ATOM   209  C C   . ASN A 1 29  ? 1.524   16.180  10.122  1.00 24.00 ? 30  ASN A C   1 
ATOM   210  O O   . ASN A 1 29  ? 2.212   16.269  9.102   1.00 22.91 ? 30  ASN A O   1 
ATOM   211  C CB  . ASN A 1 29  ? 3.152   15.526  11.935  1.00 29.64 ? 30  ASN A CB  1 
ATOM   212  C CG  . ASN A 1 29  ? 3.044   16.852  12.675  1.00 38.76 ? 30  ASN A CG  1 
ATOM   213  O OD1 . ASN A 1 29  ? 2.431   17.804  12.197  1.00 30.14 ? 30  ASN A OD1 1 
ATOM   214  N ND2 . ASN A 1 29  ? 3.659   16.918  13.853  1.00 49.40 ? 30  ASN A ND2 1 
ATOM   215  N N   . GLU A 1 30  ? 0.462   16.950  10.340  1.00 21.88 ? 31  GLU A N   1 
ATOM   216  C CA  . GLU A 1 30  ? -0.007  17.891  9.320   1.00 29.80 ? 31  GLU A CA  1 
ATOM   217  C C   . GLU A 1 30  ? 0.926   19.079  9.047   1.00 26.65 ? 31  GLU A C   1 
ATOM   218  O O   . GLU A 1 30  ? 0.689   19.863  8.128   1.00 26.23 ? 31  GLU A O   1 
ATOM   219  C CB  . GLU A 1 30  ? -1.446  18.346  9.597   1.00 29.43 ? 31  GLU A CB  1 
ATOM   220  C CG  . GLU A 1 30  ? -2.456  17.207  9.502   1.00 24.69 ? 31  GLU A CG  1 
ATOM   221  C CD  . GLU A 1 30  ? -3.872  17.672  9.223   1.00 21.44 ? 31  GLU A CD  1 
ATOM   222  O OE1 . GLU A 1 30  ? -4.055  18.814  8.753   1.00 25.05 ? 31  GLU A OE1 1 
ATOM   223  O OE2 . GLU A 1 30  ? -4.813  16.889  9.467   1.00 23.97 ? 31  GLU A OE2 1 
ATOM   224  N N   . GLU A 1 31  ? 2.001   19.195  9.823   1.00 22.61 ? 32  GLU A N   1 
ATOM   225  C CA  . GLU A 1 31  ? 3.016   20.199  9.530   1.00 23.78 ? 32  GLU A CA  1 
ATOM   226  C C   . GLU A 1 31  ? 3.897   19.751  8.362   1.00 25.94 ? 32  GLU A C   1 
ATOM   227  O O   . GLU A 1 31  ? 4.679   20.535  7.833   1.00 23.98 ? 32  GLU A O   1 
ATOM   228  C CB  . GLU A 1 31  ? 3.871   20.511  10.764  1.00 25.73 ? 32  GLU A CB  1 
ATOM   229  C CG  . GLU A 1 31  ? 4.883   19.432  11.115  1.00 35.85 ? 32  GLU A CG  1 
ATOM   230  C CD  . GLU A 1 31  ? 5.645   19.739  12.398  1.00 44.34 ? 32  GLU A CD  1 
ATOM   231  O OE1 . GLU A 1 31  ? 5.445   20.834  12.966  1.00 55.69 ? 32  GLU A OE1 1 
ATOM   232  O OE2 . GLU A 1 31  ? 6.445   18.883  12.839  1.00 39.83 ? 32  GLU A OE2 1 
ATOM   233  N N   . ASN A 1 32  ? 3.770   18.484  7.971   1.00 24.63 ? 33  ASN A N   1 
ATOM   234  C CA  . ASN A 1 32  ? 4.498   17.970  6.810   1.00 24.76 ? 33  ASN A CA  1 
ATOM   235  C C   . ASN A 1 32  ? 3.620   17.021  5.991   1.00 17.50 ? 33  ASN A C   1 
ATOM   236  O O   . ASN A 1 32  ? 3.633   15.809  6.207   1.00 20.73 ? 33  ASN A O   1 
ATOM   237  C CB  . ASN A 1 32  ? 5.789   17.270  7.253   1.00 25.66 ? 33  ASN A CB  1 
ATOM   238  C CG  . ASN A 1 32  ? 6.676   16.856  6.075   1.00 27.82 ? 33  ASN A CG  1 
ATOM   239  O OD1 . ASN A 1 32  ? 6.286   16.967  4.913   1.00 20.56 ? 33  ASN A OD1 1 
ATOM   240  N ND2 . ASN A 1 32  ? 7.881   16.387  6.383   1.00 21.25 ? 33  ASN A ND2 1 
ATOM   241  N N   . PHE A 1 33  ? 2.854   17.566  5.050   1.00 20.61 ? 34  PHE A N   1 
ATOM   242  C CA  . PHE A 1 33  ? 1.986   16.733  4.218   1.00 26.90 ? 34  PHE A CA  1 
ATOM   243  C C   . PHE A 1 33  ? 2.745   15.829  3.239   1.00 20.88 ? 34  PHE A C   1 
ATOM   244  O O   . PHE A 1 33  ? 2.130   15.065  2.513   1.00 17.96 ? 34  PHE A O   1 
ATOM   245  C CB  . PHE A 1 33  ? 0.970   17.589  3.455   1.00 26.02 ? 34  PHE A CB  1 
ATOM   246  C CG  . PHE A 1 33  ? -0.393  17.631  4.092   1.00 25.49 ? 34  PHE A CG  1 
ATOM   247  C CD1 . PHE A 1 33  ? -0.682  18.550  5.087   1.00 24.41 ? 34  PHE A CD1 1 
ATOM   248  C CD2 . PHE A 1 33  ? -1.386  16.759  3.687   1.00 21.70 ? 34  PHE A CD2 1 
ATOM   249  C CE1 . PHE A 1 33  ? -1.938  18.584  5.671   1.00 23.60 ? 34  PHE A CE1 1 
ATOM   250  C CE2 . PHE A 1 33  ? -2.641  16.795  4.254   1.00 23.57 ? 34  PHE A CE2 1 
ATOM   251  C CZ  . PHE A 1 33  ? -2.917  17.711  5.252   1.00 28.38 ? 34  PHE A CZ  1 
ATOM   252  N N   . PHE A 1 34  ? 4.073   15.909  3.227   1.00 17.69 ? 35  PHE A N   1 
ATOM   253  C CA  . PHE A 1 34  ? 4.860   15.129  2.265   1.00 16.44 ? 35  PHE A CA  1 
ATOM   254  C C   . PHE A 1 34  ? 5.239   13.733  2.771   1.00 17.44 ? 35  PHE A C   1 
ATOM   255  O O   . PHE A 1 34  ? 5.825   12.931  2.036   1.00 18.06 ? 35  PHE A O   1 
ATOM   256  C CB  . PHE A 1 34  ? 6.096   15.921  1.807   1.00 17.25 ? 35  PHE A CB  1 
ATOM   257  C CG  . PHE A 1 34  ? 5.755   17.134  0.987   1.00 18.14 ? 35  PHE A CG  1 
ATOM   258  C CD1 . PHE A 1 34  ? 5.500   18.357  1.601   1.00 19.22 ? 35  PHE A CD1 1 
ATOM   259  C CD2 . PHE A 1 34  ? 5.656   17.047  -0.395  1.00 18.19 ? 35  PHE A CD2 1 
ATOM   260  C CE1 . PHE A 1 34  ? 5.168   19.467  0.855   1.00 18.45 ? 35  PHE A CE1 1 
ATOM   261  C CE2 . PHE A 1 34  ? 5.325   18.166  -1.157  1.00 22.10 ? 35  PHE A CE2 1 
ATOM   262  C CZ  . PHE A 1 34  ? 5.075   19.376  -0.525  1.00 18.30 ? 35  PHE A CZ  1 
ATOM   263  N N   . GLU A 1 35  ? 4.890   13.440  4.022   1.00 15.84 ? 36  GLU A N   1 
ATOM   264  C CA  . GLU A 1 35  ? 5.170   12.128  4.603   1.00 15.56 ? 36  GLU A CA  1 
ATOM   265  C C   . GLU A 1 35  ? 3.916   11.514  5.211   1.00 16.81 ? 36  GLU A C   1 
ATOM   266  O O   . GLU A 1 35  ? 3.426   11.984  6.251   1.00 19.53 ? 36  GLU A O   1 
ATOM   267  C CB  . GLU A 1 35  ? 6.259   12.239  5.676   1.00 20.66 ? 36  GLU A CB  1 
ATOM   268  C CG  . GLU A 1 35  ? 7.527   12.920  5.201   1.00 26.42 ? 36  GLU A CG  1 
ATOM   269  C CD  . GLU A 1 35  ? 8.209   12.165  4.077   1.00 30.09 ? 36  GLU A CD  1 
ATOM   270  O OE1 . GLU A 1 35  ? 8.042   10.929  3.998   1.00 26.31 ? 36  GLU A OE1 1 
ATOM   271  O OE2 . GLU A 1 35  ? 8.919   12.809  3.276   1.00 30.80 ? 36  GLU A OE2 1 
ATOM   272  N N   . TRP A 1 36  ? 3.401   10.462  4.581   1.00 17.30 ? 37  TRP A N   1 
ATOM   273  C CA  . TRP A 1 36  ? 2.211   9.788   5.089   1.00 20.54 ? 37  TRP A CA  1 
ATOM   274  C C   . TRP A 1 36  ? 2.515   8.393   5.605   1.00 21.41 ? 37  TRP A C   1 
ATOM   275  O O   . TRP A 1 36  ? 3.475   7.744   5.166   1.00 18.82 ? 37  TRP A O   1 
ATOM   276  C CB  . TRP A 1 36  ? 1.169   9.632   3.990   1.00 19.52 ? 37  TRP A CB  1 
ATOM   277  C CG  . TRP A 1 36  ? 0.549   10.894  3.523   1.00 21.47 ? 37  TRP A CG  1 
ATOM   278  C CD1 . TRP A 1 36  ? 1.119   12.140  3.490   1.00 21.26 ? 37  TRP A CD1 1 
ATOM   279  C CD2 . TRP A 1 36  ? -0.759  11.036  2.971   1.00 17.71 ? 37  TRP A CD2 1 
ATOM   280  N NE1 . TRP A 1 36  ? 0.229   13.049  2.969   1.00 20.42 ? 37  TRP A NE1 1 
ATOM   281  C CE2 . TRP A 1 36  ? -0.929  12.392  2.636   1.00 19.81 ? 37  TRP A CE2 1 
ATOM   282  C CE3 . TRP A 1 36  ? -1.811  10.143  2.731   1.00 21.09 ? 37  TRP A CE3 1 
ATOM   283  C CZ2 . TRP A 1 36  ? -2.106  12.879  2.077   1.00 26.77 ? 37  TRP A CZ2 1 
ATOM   284  C CZ3 . TRP A 1 36  ? -2.972  10.623  2.182   1.00 20.52 ? 37  TRP A CZ3 1 
ATOM   285  C CH2 . TRP A 1 36  ? -3.113  11.983  1.855   1.00 20.77 ? 37  TRP A CH2 1 
ATOM   286  N N   . GLU A 1 37  ? 1.671   7.934   6.519   1.00 17.77 ? 38  GLU A N   1 
ATOM   287  C CA  . GLU A 1 37  ? 1.626   6.523   6.896   1.00 17.94 ? 38  GLU A CA  1 
ATOM   288  C C   . GLU A 1 37  ? 0.341   5.931   6.348   1.00 18.33 ? 38  GLU A C   1 
ATOM   289  O O   . GLU A 1 37  ? -0.712  6.560   6.414   1.00 25.09 ? 38  GLU A O   1 
ATOM   290  C CB  . GLU A 1 37  ? 1.639   6.359   8.417   1.00 22.53 ? 38  GLU A CB  1 
ATOM   291  C CG  . GLU A 1 37  ? 3.006   6.483   9.050   1.00 48.45 ? 38  GLU A CG  1 
ATOM   292  C CD  . GLU A 1 37  ? 3.004   6.115   10.528  1.00 69.45 ? 38  GLU A CD  1 
ATOM   293  O OE1 . GLU A 1 37  ? 1.972   6.329   11.202  1.00 78.54 ? 38  GLU A OE1 1 
ATOM   294  O OE2 . GLU A 1 37  ? 4.040   5.614   11.016  1.00 72.28 ? 38  GLU A OE2 1 
ATOM   295  N N   . ALA A 1 38  ? 0.420   4.717   5.817   1.00 16.12 ? 39  ALA A N   1 
ATOM   296  C CA  . ALA A 1 38  ? -0.774  4.029   5.351   1.00 18.46 ? 39  ALA A CA  1 
ATOM   297  C C   . ALA A 1 38  ? -0.853  2.626   5.937   1.00 21.65 ? 39  ALA A C   1 
ATOM   298  O O   . ALA A 1 38  ? 0.169   1.995   6.192   1.00 25.60 ? 39  ALA A O   1 
ATOM   299  C CB  . ALA A 1 38  ? -0.795  3.967   3.837   1.00 21.12 ? 39  ALA A CB  1 
ATOM   300  N N   . LEU A 1 39  ? -2.081  2.161   6.140   1.00 14.20 ? 40  LEU A N   1 
ATOM   301  C CA  . LEU A 1 39  ? -2.364  0.821   6.633   1.00 19.38 ? 40  LEU A CA  1 
ATOM   302  C C   . LEU A 1 39  ? -3.362  0.198   5.687   1.00 19.82 ? 40  LEU A C   1 
ATOM   303  O O   . LEU A 1 39  ? -4.402  0.790   5.396   1.00 22.72 ? 40  LEU A O   1 
ATOM   304  C CB  . LEU A 1 39  ? -2.990  0.876   8.026   1.00 30.52 ? 40  LEU A CB  1 
ATOM   305  C CG  . LEU A 1 39  ? -2.172  0.483   9.249   1.00 37.35 ? 40  LEU A CG  1 
ATOM   306  C CD1 . LEU A 1 39  ? -3.112  0.173   10.413  1.00 32.36 ? 40  LEU A CD1 1 
ATOM   307  C CD2 . LEU A 1 39  ? -1.292  -0.713  8.956   1.00 28.66 ? 40  LEU A CD2 1 
ATOM   308  N N   . ILE A 1 40  ? -3.052  -0.992  5.189   1.00 21.20 ? 41  ILE A N   1 
ATOM   309  C CA  . ILE A 1 40  ? -3.981  -1.681  4.321   1.00 18.56 ? 41  ILE A CA  1 
ATOM   310  C C   . ILE A 1 40  ? -4.190  -3.114  4.819   1.00 19.59 ? 41  ILE A C   1 
ATOM   311  O O   . ILE A 1 40  ? -3.264  -3.753  5.330   1.00 21.63 ? 41  ILE A O   1 
ATOM   312  C CB  . ILE A 1 40  ? -3.514  -1.655  2.851   1.00 21.11 ? 41  ILE A CB  1 
ATOM   313  C CG1 . ILE A 1 40  ? -2.339  -2.610  2.630   1.00 22.30 ? 41  ILE A CG1 1 
ATOM   314  C CG2 . ILE A 1 40  ? -3.154  -0.216  2.428   1.00 21.08 ? 41  ILE A CG2 1 
ATOM   315  C CD1 . ILE A 1 40  ? -1.756  -2.540  1.225   1.00 24.56 ? 41  ILE A CD1 1 
ATOM   316  N N   . MET A 1 41  ? -5.418  -3.599  4.696   1.00 19.15 ? 42  MET A N   1 
ATOM   317  C CA  . MET A 1 41  ? -5.714  -4.967  5.096   1.00 20.15 ? 42  MET A CA  1 
ATOM   318  C C   . MET A 1 41  ? -5.767  -5.880  3.883   1.00 27.14 ? 42  MET A C   1 
ATOM   319  O O   . MET A 1 41  ? -6.378  -5.546  2.864   1.00 26.78 ? 42  MET A O   1 
ATOM   320  C CB  . MET A 1 41  ? -7.039  -5.052  5.852   1.00 24.16 ? 42  MET A CB  1 
ATOM   321  C CG  . MET A 1 41  ? -7.281  -6.446  6.447   1.00 24.42 ? 42  MET A CG  1 
ATOM   322  S SD  . MET A 1 41  ? -8.935  -6.689  7.089   1.00 29.64 ? 42  MET A SD  1 
ATOM   323  C CE  . MET A 1 41  ? -9.859  -6.819  5.560   1.00 25.68 ? 42  MET A CE  1 
ATOM   324  N N   . GLY A 1 42  ? -5.113  -7.029  3.983   1.00 27.11 ? 43  GLY A N   1 
ATOM   325  C CA  . GLY A 1 42  ? -5.217  -8.029  2.938   1.00 22.32 ? 43  GLY A CA  1 
ATOM   326  C C   . GLY A 1 42  ? -6.676  -8.419  2.759   1.00 23.63 ? 43  GLY A C   1 
ATOM   327  O O   . GLY A 1 42  ? -7.368  -8.706  3.734   1.00 25.15 ? 43  GLY A O   1 
ATOM   328  N N   . PRO A 1 43  ? -7.152  -8.432  1.507   1.00 22.31 ? 44  PRO A N   1 
ATOM   329  C CA  . PRO A 1 43  ? -8.567  -8.691  1.216   1.00 30.69 ? 44  PRO A CA  1 
ATOM   330  C C   . PRO A 1 43  ? -9.002  -10.102 1.612   1.00 30.00 ? 44  PRO A C   1 
ATOM   331  O O   . PRO A 1 43  ? -8.248  -11.055 1.410   1.00 27.38 ? 44  PRO A O   1 
ATOM   332  C CB  . PRO A 1 43  ? -8.657  -8.542  -0.309  1.00 36.54 ? 44  PRO A CB  1 
ATOM   333  C CG  . PRO A 1 43  ? -7.345  -7.969  -0.757  1.00 28.44 ? 44  PRO A CG  1 
ATOM   334  C CD  . PRO A 1 43  ? -6.339  -8.330  0.285   1.00 25.31 ? 44  PRO A CD  1 
ATOM   335  N N   . GLU A 1 44  ? -10.210 -10.212 2.154   1.00 22.23 ? 45  GLU A N   1 
ATOM   336  C CA  . GLU A 1 44  ? -10.806 -11.489 2.517   1.00 38.42 ? 45  GLU A CA  1 
ATOM   337  C C   . GLU A 1 44  ? -10.809 -12.469 1.344   1.00 30.85 ? 45  GLU A C   1 
ATOM   338  O O   . GLU A 1 44  ? -10.945 -12.069 0.187   1.00 30.36 ? 45  GLU A O   1 
ATOM   339  C CB  . GLU A 1 44  ? -12.237 -11.269 3.004   1.00 48.42 ? 45  GLU A CB  1 
ATOM   340  C CG  . GLU A 1 44  ? -12.935 -12.514 3.513   1.00 55.46 ? 45  GLU A CG  1 
ATOM   341  C CD  . GLU A 1 44  ? -14.297 -12.203 4.094   1.00 69.73 ? 45  GLU A CD  1 
ATOM   342  O OE1 . GLU A 1 44  ? -14.799 -11.083 3.852   1.00 76.46 ? 45  GLU A OE1 1 
ATOM   343  O OE2 . GLU A 1 44  ? -14.862 -13.071 4.796   1.00 69.38 ? 45  GLU A OE2 1 
ATOM   344  N N   . ASP A 1 45  ? -10.653 -13.750 1.663   1.00 29.05 ? 46  ASP A N   1 
ATOM   345  C CA  . ASP A 1 45  ? -10.713 -14.825 0.672   1.00 32.21 ? 46  ASP A CA  1 
ATOM   346  C C   . ASP A 1 45  ? -9.535  -14.811 -0.304  1.00 36.63 ? 46  ASP A C   1 
ATOM   347  O O   . ASP A 1 45  ? -9.624  -15.347 -1.404  1.00 26.84 ? 46  ASP A O   1 
ATOM   348  C CB  . ASP A 1 45  ? -12.045 -14.780 -0.077  1.00 37.75 ? 46  ASP A CB  1 
ATOM   349  C CG  . ASP A 1 45  ? -13.239 -14.886 0.855   1.00 46.95 ? 46  ASP A CG  1 
ATOM   350  O OD1 . ASP A 1 45  ? -13.210 -15.740 1.769   1.00 45.91 ? 46  ASP A OD1 1 
ATOM   351  O OD2 . ASP A 1 45  ? -14.208 -14.118 0.674   1.00 53.49 ? 46  ASP A OD2 1 
ATOM   352  N N   . THR A 1 46  ? -8.432  -14.192 0.105   1.00 25.77 ? 47  THR A N   1 
ATOM   353  C CA  . THR A 1 46  ? -7.198  -14.245 -0.663  1.00 25.54 ? 47  THR A CA  1 
ATOM   354  C C   . THR A 1 46  ? -6.133  -14.757 0.289   1.00 24.59 ? 47  THR A C   1 
ATOM   355  O O   . THR A 1 46  ? -6.398  -14.897 1.486   1.00 23.19 ? 47  THR A O   1 
ATOM   356  C CB  . THR A 1 46  ? -6.794  -12.864 -1.171  1.00 30.77 ? 47  THR A CB  1 
ATOM   357  O OG1 . THR A 1 46  ? -6.299  -12.093 -0.077  1.00 32.35 ? 47  THR A OG1 1 
ATOM   358  C CG2 . THR A 1 46  ? -7.991  -12.150 -1.780  1.00 31.83 ? 47  THR A CG2 1 
ATOM   359  N N   . CYS A 1 47  ? -4.936  -15.040 -0.215  1.00 24.68 ? 48  CYS A N   1 
ATOM   360  C CA  . CYS A 1 47  ? -3.920  -15.652 0.645   1.00 35.45 ? 48  CYS A CA  1 
ATOM   361  C C   . CYS A 1 47  ? -3.356  -14.715 1.723   1.00 22.35 ? 48  CYS A C   1 
ATOM   362  O O   . CYS A 1 47  ? -2.770  -15.176 2.699   1.00 23.01 ? 48  CYS A O   1 
ATOM   363  C CB  . CYS A 1 47  ? -2.794  -16.287 -0.174  1.00 40.44 ? 48  CYS A CB  1 
ATOM   364  S SG  . CYS A 1 47  ? -1.855  -15.161 -1.198  1.00 35.31 ? 48  CYS A SG  1 
ATOM   365  N N   . PHE A 1 48  ? -3.536  -13.409 1.541   1.00 19.68 ? 49  PHE A N   1 
ATOM   366  C CA  . PHE A 1 48  ? -3.110  -12.436 2.546   1.00 22.59 ? 49  PHE A CA  1 
ATOM   367  C C   . PHE A 1 48  ? -4.277  -11.924 3.390   1.00 25.99 ? 49  PHE A C   1 
ATOM   368  O O   . PHE A 1 48  ? -4.159  -10.877 4.041   1.00 20.18 ? 49  PHE A O   1 
ATOM   369  C CB  . PHE A 1 48  ? -2.389  -11.254 1.891   1.00 20.78 ? 49  PHE A CB  1 
ATOM   370  C CG  . PHE A 1 48  ? -1.018  -11.586 1.374   1.00 19.20 ? 49  PHE A CG  1 
ATOM   371  C CD1 . PHE A 1 48  ? 0.036   -11.773 2.249   1.00 19.68 ? 49  PHE A CD1 1 
ATOM   372  C CD2 . PHE A 1 48  ? -0.785  -11.711 0.019   1.00 18.61 ? 49  PHE A CD2 1 
ATOM   373  C CE1 . PHE A 1 48  ? 1.288   -12.079 1.789   1.00 23.62 ? 49  PHE A CE1 1 
ATOM   374  C CE2 . PHE A 1 48  ? 0.477   -12.020 -0.450  1.00 22.60 ? 49  PHE A CE2 1 
ATOM   375  C CZ  . PHE A 1 48  ? 1.512   -12.203 0.431   1.00 18.64 ? 49  PHE A CZ  1 
ATOM   376  N N   . GLU A 1 49  ? -5.394  -12.655 3.389   1.00 19.67 ? 50  GLU A N   1 
ATOM   377  C CA  . GLU A 1 49  ? -6.596  -12.192 4.092   1.00 21.60 ? 50  GLU A CA  1 
ATOM   378  C C   . GLU A 1 49  ? -6.358  -11.827 5.564   1.00 21.71 ? 50  GLU A C   1 
ATOM   379  O O   . GLU A 1 49  ? -5.807  -12.614 6.330   1.00 19.73 ? 50  GLU A O   1 
ATOM   380  C CB  . GLU A 1 49  ? -7.765  -13.191 3.958   1.00 21.26 ? 50  GLU A CB  1 
ATOM   381  C CG  . GLU A 1 49  ? -7.532  -14.570 4.572   1.00 23.31 ? 50  GLU A CG  1 
ATOM   382  C CD  . GLU A 1 49  ? -8.808  -15.411 4.620   1.00 34.48 ? 50  GLU A CD  1 
ATOM   383  O OE1 . GLU A 1 49  ? -9.805  -15.023 3.972   1.00 31.16 ? 50  GLU A OE1 1 
ATOM   384  O OE2 . GLU A 1 49  ? -8.817  -16.458 5.307   1.00 32.51 ? 50  GLU A OE2 1 
ATOM   385  N N   . PHE A 1 50  ? -6.765  -10.611 5.925   1.00 19.37 ? 51  PHE A N   1 
ATOM   386  C CA  . PHE A 1 50  ? -6.712  -10.089 7.303   1.00 23.44 ? 51  PHE A CA  1 
ATOM   387  C C   . PHE A 1 50  ? -5.341  -9.658  7.805   1.00 23.42 ? 51  PHE A C   1 
ATOM   388  O O   . PHE A 1 50  ? -5.199  -9.269  8.972   1.00 21.26 ? 51  PHE A O   1 
ATOM   389  C CB  . PHE A 1 50  ? -7.359  -11.059 8.289   1.00 22.61 ? 51  PHE A CB  1 
ATOM   390  C CG  . PHE A 1 50  ? -8.652  -11.614 7.794   1.00 22.99 ? 51  PHE A CG  1 
ATOM   391  C CD1 . PHE A 1 50  ? -9.624  -10.770 7.284   1.00 26.79 ? 51  PHE A CD1 1 
ATOM   392  C CD2 . PHE A 1 50  ? -8.887  -12.980 7.805   1.00 28.42 ? 51  PHE A CD2 1 
ATOM   393  C CE1 . PHE A 1 50  ? -10.816 -11.273 6.809   1.00 37.33 ? 51  PHE A CE1 1 
ATOM   394  C CE2 . PHE A 1 50  ? -10.074 -13.489 7.338   1.00 34.49 ? 51  PHE A CE2 1 
ATOM   395  C CZ  . PHE A 1 50  ? -11.043 -12.634 6.837   1.00 43.38 ? 51  PHE A CZ  1 
ATOM   396  N N   . GLY A 1 51  ? -4.333  -9.722  6.939   1.00 21.06 ? 52  GLY A N   1 
ATOM   397  C CA  . GLY A 1 51  ? -3.046  -9.161  7.297   1.00 19.61 ? 52  GLY A CA  1 
ATOM   398  C C   . GLY A 1 51  ? -3.248  -7.661  7.400   1.00 15.91 ? 52  GLY A C   1 
ATOM   399  O O   . GLY A 1 51  ? -4.160  -7.128  6.772   1.00 20.32 ? 52  GLY A O   1 
ATOM   400  N N   . VAL A 1 52  ? -2.431  -6.989  8.200   1.00 15.80 ? 53  VAL A N   1 
ATOM   401  C CA  . VAL A 1 52  ? -2.510  -5.525  8.340   1.00 14.23 ? 53  VAL A CA  1 
ATOM   402  C C   . VAL A 1 52  ? -1.131  -4.961  8.115   1.00 12.80 ? 53  VAL A C   1 
ATOM   403  O O   . VAL A 1 52  ? -0.222  -5.175  8.923   1.00 16.62 ? 53  VAL A O   1 
ATOM   404  C CB  . VAL A 1 52  ? -3.054  -5.095  9.716   1.00 17.32 ? 53  VAL A CB  1 
ATOM   405  C CG1 . VAL A 1 52  ? -2.939  -3.596  9.882   1.00 17.81 ? 53  VAL A CG1 1 
ATOM   406  C CG2 . VAL A 1 52  ? -4.497  -5.536  9.872   1.00 18.76 ? 53  VAL A CG2 1 
ATOM   407  N N   . PHE A 1 53  ? -0.968  -4.234  7.010   1.00 16.25 ? 54  PHE A N   1 
ATOM   408  C CA  . PHE A 1 53  ? 0.359   -3.949  6.494   1.00 11.53 ? 54  PHE A CA  1 
ATOM   409  C C   . PHE A 1 53  ? 0.631   -2.461  6.394   1.00 14.54 ? 54  PHE A C   1 
ATOM   410  O O   . PHE A 1 53  ? 0.046   -1.783  5.551   1.00 14.59 ? 54  PHE A O   1 
ATOM   411  C CB  . PHE A 1 53  ? 0.514   -4.580  5.111   1.00 15.09 ? 54  PHE A CB  1 
ATOM   412  C CG  . PHE A 1 53  ? 0.188   -6.048  5.073   1.00 15.61 ? 54  PHE A CG  1 
ATOM   413  C CD1 . PHE A 1 53  ? 0.898   -6.948  5.846   1.00 17.52 ? 54  PHE A CD1 1 
ATOM   414  C CD2 . PHE A 1 53  ? -0.812  -6.529  4.230   1.00 17.97 ? 54  PHE A CD2 1 
ATOM   415  C CE1 . PHE A 1 53  ? 0.609   -8.310  5.781   1.00 18.27 ? 54  PHE A CE1 1 
ATOM   416  C CE2 . PHE A 1 53  ? -1.107  -7.880  4.176   1.00 24.92 ? 54  PHE A CE2 1 
ATOM   417  C CZ  . PHE A 1 53  ? -0.398  -8.763  4.950   1.00 20.10 ? 54  PHE A CZ  1 
ATOM   418  N N   . PRO A 1 54  ? 1.528   -1.964  7.256   1.00 19.20 ? 55  PRO A N   1 
ATOM   419  C CA  . PRO A 1 54  ? 1.882   -0.540  7.351   1.00 16.32 ? 55  PRO A CA  1 
ATOM   420  C C   . PRO A 1 54  ? 2.922   -0.154  6.318   1.00 18.77 ? 55  PRO A C   1 
ATOM   421  O O   . PRO A 1 54  ? 3.827   -0.935  6.027   1.00 15.53 ? 55  PRO A O   1 
ATOM   422  C CB  . PRO A 1 54  ? 2.497   -0.417  8.749   1.00 19.83 ? 55  PRO A CB  1 
ATOM   423  C CG  . PRO A 1 54  ? 2.592   -1.811  9.306   1.00 28.14 ? 55  PRO A CG  1 
ATOM   424  C CD  . PRO A 1 54  ? 2.276   -2.781  8.226   1.00 19.12 ? 55  PRO A CD  1 
ATOM   425  N N   . ALA A 1 55  ? 2.805   1.062   5.792   1.00 17.65 ? 56  ALA A N   1 
ATOM   426  C CA  . ALA A 1 55  ? 3.711   1.539   4.758   1.00 15.30 ? 56  ALA A CA  1 
ATOM   427  C C   . ALA A 1 55  ? 3.905   3.023   4.964   1.00 15.22 ? 56  ALA A C   1 
ATOM   428  O O   . ALA A 1 55  ? 3.046   3.687   5.550   1.00 17.32 ? 56  ALA A O   1 
ATOM   429  C CB  . ALA A 1 55  ? 3.133   1.271   3.376   1.00 14.34 ? 56  ALA A CB  1 
ATOM   430  N N   . ILE A 1 56  ? 5.049   3.526   4.516   1.00 15.90 ? 57  ILE A N   1 
ATOM   431  C CA  . ILE A 1 56  ? 5.302   4.956   4.486   1.00 15.26 ? 57  ILE A CA  1 
ATOM   432  C C   . ILE A 1 56  ? 5.185   5.430   3.048   1.00 15.32 ? 57  ILE A C   1 
ATOM   433  O O   . ILE A 1 56  ? 5.685   4.773   2.127   1.00 18.33 ? 57  ILE A O   1 
ATOM   434  C CB  . ILE A 1 56  ? 6.732   5.291   4.961   1.00 20.43 ? 57  ILE A CB  1 
ATOM   435  C CG1 . ILE A 1 56  ? 6.946   4.851   6.409   1.00 27.77 ? 57  ILE A CG1 1 
ATOM   436  C CG2 . ILE A 1 56  ? 7.029   6.792   4.786   1.00 21.56 ? 57  ILE A CG2 1 
ATOM   437  C CD1 . ILE A 1 56  ? 5.941   5.421   7.379   1.00 36.07 ? 57  ILE A CD1 1 
ATOM   438  N N   . LEU A 1 57  ? 4.496   6.546   2.853   1.00 14.24 ? 58  LEU A N   1 
ATOM   439  C CA  A LEU A 1 57  ? 4.468   7.178   1.541   0.56 15.40 ? 58  LEU A CA  1 
ATOM   440  C CA  B LEU A 1 57  ? 4.430   7.193   1.547   0.44 16.69 ? 58  LEU A CA  1 
ATOM   441  C C   . LEU A 1 57  ? 5.157   8.529   1.610   1.00 17.81 ? 58  LEU A C   1 
ATOM   442  O O   . LEU A 1 57  ? 4.791   9.391   2.412   1.00 19.38 ? 58  LEU A O   1 
ATOM   443  C CB  A LEU A 1 57  ? 3.041   7.342   1.022   0.56 19.36 ? 58  LEU A CB  1 
ATOM   444  C CB  B LEU A 1 57  ? 2.977   7.440   1.145   0.44 20.90 ? 58  LEU A CB  1 
ATOM   445  C CG  A LEU A 1 57  ? 2.348   6.105   0.467   0.56 22.70 ? 58  LEU A CG  1 
ATOM   446  C CG  B LEU A 1 57  ? 2.070   6.235   0.917   0.44 20.11 ? 58  LEU A CG  1 
ATOM   447  C CD1 A LEU A 1 57  ? 1.705   5.306   1.588   0.56 18.01 ? 58  LEU A CD1 1 
ATOM   448  C CD1 B LEU A 1 57  ? 0.607   6.645   1.020   0.44 10.88 ? 58  LEU A CD1 1 
ATOM   449  C CD2 A LEU A 1 57  ? 1.301   6.532   -0.552  0.56 16.78 ? 58  LEU A CD2 1 
ATOM   450  C CD2 B LEU A 1 57  ? 2.367   5.618   -0.441  0.44 17.58 ? 58  LEU A CD2 1 
ATOM   451  N N   . SER A 1 58  ? 6.171   8.694   0.768   1.00 16.82 ? 59  SER A N   1 
ATOM   452  C CA  . SER A 1 58  ? 6.940   9.930   0.699   1.00 17.18 ? 59  SER A CA  1 
ATOM   453  C C   . SER A 1 58  ? 6.687   10.605  -0.644  1.00 18.08 ? 59  SER A C   1 
ATOM   454  O O   . SER A 1 58  ? 6.953   10.026  -1.701  1.00 21.86 ? 59  SER A O   1 
ATOM   455  C CB  . SER A 1 58  ? 8.432   9.647   0.889   1.00 24.19 ? 59  SER A CB  1 
ATOM   456  O OG  . SER A 1 58  ? 8.662   9.027   2.151   1.00 25.51 ? 59  SER A OG  1 
ATOM   457  N N   . PHE A 1 59  ? 6.165   11.828  -0.605  1.00 13.53 ? 60  PHE A N   1 
ATOM   458  C CA  . PHE A 1 59  ? 5.743   12.515  -1.823  1.00 17.29 ? 60  PHE A CA  1 
ATOM   459  C C   . PHE A 1 59  ? 6.811   13.488  -2.310  1.00 18.89 ? 60  PHE A C   1 
ATOM   460  O O   . PHE A 1 59  ? 7.479   14.140  -1.504  1.00 18.21 ? 60  PHE A O   1 
ATOM   461  C CB  . PHE A 1 59  ? 4.419   13.245  -1.593  1.00 19.20 ? 60  PHE A CB  1 
ATOM   462  C CG  . PHE A 1 59  ? 3.274   12.324  -1.290  1.00 19.64 ? 60  PHE A CG  1 
ATOM   463  C CD1 . PHE A 1 59  ? 3.091   11.830  -0.007  1.00 16.25 ? 60  PHE A CD1 1 
ATOM   464  C CD2 . PHE A 1 59  ? 2.395   11.939  -2.290  1.00 18.62 ? 60  PHE A CD2 1 
ATOM   465  C CE1 . PHE A 1 59  ? 2.052   10.966  0.273   1.00 17.32 ? 60  PHE A CE1 1 
ATOM   466  C CE2 . PHE A 1 59  ? 1.343   11.065  -2.015  1.00 20.07 ? 60  PHE A CE2 1 
ATOM   467  C CZ  . PHE A 1 59  ? 1.172   10.588  -0.726  1.00 18.84 ? 60  PHE A CZ  1 
ATOM   468  N N   . PRO A 1 60  ? 6.976   13.578  -3.634  1.00 17.58 ? 61  PRO A N   1 
ATOM   469  C CA  . PRO A 1 60  ? 7.960   14.472  -4.254  1.00 18.37 ? 61  PRO A CA  1 
ATOM   470  C C   . PRO A 1 60  ? 7.450   15.902  -4.216  1.00 18.81 ? 61  PRO A C   1 
ATOM   471  O O   . PRO A 1 60  ? 6.244   16.121  -4.104  1.00 16.86 ? 61  PRO A O   1 
ATOM   472  C CB  . PRO A 1 60  ? 8.025   13.991  -5.716  1.00 19.22 ? 61  PRO A CB  1 
ATOM   473  C CG  . PRO A 1 60  ? 6.865   13.091  -5.922  1.00 17.43 ? 61  PRO A CG  1 
ATOM   474  C CD  . PRO A 1 60  ? 6.114   12.909  -4.628  1.00 19.80 ? 61  PRO A CD  1 
ATOM   475  N N   . LEU A 1 61  ? 8.353   16.867  -4.329  1.00 19.54 ? 62  LEU A N   1 
ATOM   476  C CA  . LEU A 1 61  ? 7.963   18.271  -4.293  1.00 22.49 ? 62  LEU A CA  1 
ATOM   477  C C   . LEU A 1 61  ? 7.007   18.621  -5.434  1.00 21.86 ? 62  LEU A C   1 
ATOM   478  O O   . LEU A 1 61  ? 6.187   19.531  -5.309  1.00 26.05 ? 62  LEU A O   1 
ATOM   479  C CB  . LEU A 1 61  ? 9.196   19.167  -4.349  1.00 21.72 ? 62  LEU A CB  1 
ATOM   480  C CG  . LEU A 1 61  ? 8.928   20.654  -4.122  1.00 20.03 ? 62  LEU A CG  1 
ATOM   481  C CD1 . LEU A 1 61  ? 8.469   20.892  -2.682  1.00 17.99 ? 62  LEU A CD1 1 
ATOM   482  C CD2 . LEU A 1 61  ? 10.184  21.450  -4.438  1.00 22.20 ? 62  LEU A CD2 1 
ATOM   483  N N   . ASP A 1 62  ? 7.099   17.885  -6.537  1.00 17.37 ? 63  ASP A N   1 
ATOM   484  C CA  . ASP A 1 62  ? 6.309   18.215  -7.723  1.00 20.18 ? 63  ASP A CA  1 
ATOM   485  C C   . ASP A 1 62  ? 5.004   17.424  -7.872  1.00 26.16 ? 63  ASP A C   1 
ATOM   486  O O   . ASP A 1 62  ? 4.362   17.486  -8.914  1.00 25.51 ? 63  ASP A O   1 
ATOM   487  C CB  . ASP A 1 62  ? 7.156   18.105  -8.995  1.00 22.34 ? 63  ASP A CB  1 
ATOM   488  C CG  . ASP A 1 62  ? 7.632   16.692  -9.269  1.00 27.04 ? 63  ASP A CG  1 
ATOM   489  O OD1 . ASP A 1 62  ? 7.589   15.848  -8.358  1.00 30.15 ? 63  ASP A OD1 1 
ATOM   490  O OD2 . ASP A 1 62  ? 8.066   16.426  -10.406 1.00 42.97 ? 63  ASP A OD2 1 
ATOM   491  N N   . TYR A 1 63  ? 4.618   16.689  -6.833  1.00 24.50 ? 64  TYR A N   1 
ATOM   492  C CA  . TYR A 1 63  ? 3.349   15.959  -6.826  1.00 21.83 ? 64  TYR A CA  1 
ATOM   493  C C   . TYR A 1 63  ? 2.228   16.909  -7.230  1.00 23.70 ? 64  TYR A C   1 
ATOM   494  O O   . TYR A 1 63  ? 2.187   18.047  -6.762  1.00 25.74 ? 64  TYR A O   1 
ATOM   495  C CB  . TYR A 1 63  ? 3.085   15.393  -5.420  1.00 24.67 ? 64  TYR A CB  1 
ATOM   496  C CG  . TYR A 1 63  ? 1.895   14.456  -5.348  1.00 19.03 ? 64  TYR A CG  1 
ATOM   497  C CD1 . TYR A 1 63  ? 2.001   13.140  -5.770  1.00 16.82 ? 64  TYR A CD1 1 
ATOM   498  C CD2 . TYR A 1 63  ? 0.676   14.889  -4.858  1.00 23.40 ? 64  TYR A CD2 1 
ATOM   499  C CE1 . TYR A 1 63  ? 0.919   12.277  -5.717  1.00 20.82 ? 64  TYR A CE1 1 
ATOM   500  C CE2 . TYR A 1 63  ? -0.418  14.029  -4.801  1.00 24.20 ? 64  TYR A CE2 1 
ATOM   501  C CZ  . TYR A 1 63  ? -0.286  12.728  -5.230  1.00 17.73 ? 64  TYR A CZ  1 
ATOM   502  O OH  . TYR A 1 63  ? -1.363  11.869  -5.173  1.00 20.11 ? 64  TYR A OH  1 
ATOM   503  N N   . PRO A 1 64  ? 1.292   16.450  -8.084  1.00 27.57 ? 65  PRO A N   1 
ATOM   504  C CA  . PRO A 1 64  ? 1.089   15.083  -8.581  1.00 23.99 ? 65  PRO A CA  1 
ATOM   505  C C   . PRO A 1 64  ? 1.733   14.767  -9.936  1.00 28.29 ? 65  PRO A C   1 
ATOM   506  O O   . PRO A 1 64  ? 1.292   13.815  -10.599 1.00 25.94 ? 65  PRO A O   1 
ATOM   507  C CB  . PRO A 1 64  ? -0.438  14.999  -8.740  1.00 32.09 ? 65  PRO A CB  1 
ATOM   508  C CG  . PRO A 1 64  ? -0.973  16.411  -8.516  1.00 34.48 ? 65  PRO A CG  1 
ATOM   509  C CD  . PRO A 1 64  ? 0.207   17.335  -8.524  1.00 24.61 ? 65  PRO A CD  1 
ATOM   510  N N   . LEU A 1 65  ? 2.738   15.538  -10.345 1.00 27.18 ? 66  LEU A N   1 
ATOM   511  C CA  . LEU A 1 65  ? 3.429   15.281  -11.605 1.00 27.47 ? 66  LEU A CA  1 
ATOM   512  C C   . LEU A 1 65  ? 4.253   14.006  -11.518 1.00 35.40 ? 66  LEU A C   1 
ATOM   513  O O   . LEU A 1 65  ? 4.443   13.301  -12.511 1.00 36.49 ? 66  LEU A O   1 
ATOM   514  C CB  . LEU A 1 65  ? 4.344   16.450  -11.977 1.00 27.22 ? 66  LEU A CB  1 
ATOM   515  C CG  . LEU A 1 65  ? 3.702   17.794  -12.307 1.00 28.14 ? 66  LEU A CG  1 
ATOM   516  C CD1 . LEU A 1 65  ? 4.735   18.680  -12.974 1.00 25.03 ? 66  LEU A CD1 1 
ATOM   517  C CD2 . LEU A 1 65  ? 2.487   17.633  -13.205 1.00 31.63 ? 66  LEU A CD2 1 
ATOM   518  N N   . SER A 1 66  ? 4.751   13.723  -10.324 1.00 26.71 ? 67  SER A N   1 
ATOM   519  C CA  . SER A 1 66  ? 5.529   12.520  -10.082 1.00 23.93 ? 67  SER A CA  1 
ATOM   520  C C   . SER A 1 66  ? 4.836   11.735  -8.973  1.00 19.22 ? 67  SER A C   1 
ATOM   521  O O   . SER A 1 66  ? 4.073   12.308  -8.199  1.00 19.96 ? 67  SER A O   1 
ATOM   522  C CB  . SER A 1 66  ? 6.958   12.878  -9.671  1.00 29.13 ? 67  SER A CB  1 
ATOM   523  O OG  . SER A 1 66  ? 7.614   13.633  -10.679 1.00 41.80 ? 67  SER A OG  1 
ATOM   524  N N   . PRO A 1 67  ? 5.088   10.419  -8.903  1.00 24.83 ? 68  PRO A N   1 
ATOM   525  C CA  . PRO A 1 67  ? 4.425   9.544   -7.932  1.00 21.38 ? 68  PRO A CA  1 
ATOM   526  C C   . PRO A 1 67  ? 5.134   9.588   -6.590  1.00 18.13 ? 68  PRO A C   1 
ATOM   527  O O   . PRO A 1 67  ? 6.308   9.960   -6.549  1.00 21.24 ? 68  PRO A O   1 
ATOM   528  C CB  . PRO A 1 67  ? 4.616   8.142   -8.530  1.00 26.70 ? 68  PRO A CB  1 
ATOM   529  C CG  . PRO A 1 67  ? 5.572   8.291   -9.667  1.00 28.99 ? 68  PRO A CG  1 
ATOM   530  C CD  . PRO A 1 67  ? 6.072   9.690   -9.719  1.00 25.86 ? 68  PRO A CD  1 
ATOM   531  N N   . PRO A 1 68  ? 4.448   9.186   -5.509  1.00 20.48 ? 69  PRO A N   1 
ATOM   532  C CA  . PRO A 1 68  ? 5.130   9.052   -4.225  1.00 19.25 ? 69  PRO A CA  1 
ATOM   533  C C   . PRO A 1 68  ? 5.995   7.810   -4.255  1.00 19.92 ? 69  PRO A C   1 
ATOM   534  O O   . PRO A 1 68  ? 5.882   7.001   -5.185  1.00 20.42 ? 69  PRO A O   1 
ATOM   535  C CB  . PRO A 1 68  ? 3.983   8.821   -3.227  1.00 29.90 ? 69  PRO A CB  1 
ATOM   536  C CG  . PRO A 1 68  ? 2.716   8.711   -4.053  1.00 25.99 ? 69  PRO A CG  1 
ATOM   537  C CD  . PRO A 1 68  ? 3.100   8.597   -5.480  1.00 27.07 ? 69  PRO A CD  1 
ATOM   538  N N   . LYS A 1 69  ? 6.866   7.675   -3.263  1.00 17.86 ? 70  LYS A N   1 
ATOM   539  C CA  . LYS A 1 69  ? 7.546   6.417   -3.015  1.00 19.41 ? 70  LYS A CA  1 
ATOM   540  C C   . LYS A 1 69  ? 6.720   5.751   -1.928  1.00 19.05 ? 70  LYS A C   1 
ATOM   541  O O   . LYS A 1 69  ? 6.237   6.419   -1.021  1.00 21.11 ? 70  LYS A O   1 
ATOM   542  C CB  . LYS A 1 69  ? 8.951   6.651   -2.456  1.00 20.26 ? 70  LYS A CB  1 
ATOM   543  C CG  . LYS A 1 69  ? 9.870   7.521   -3.289  1.00 34.87 ? 70  LYS A CG  1 
ATOM   544  C CD  . LYS A 1 69  ? 11.179  7.717   -2.540  1.00 42.00 ? 70  LYS A CD  1 
ATOM   545  C CE  . LYS A 1 69  ? 12.128  8.643   -3.272  1.00 47.39 ? 70  LYS A CE  1 
ATOM   546  N NZ  . LYS A 1 69  ? 13.359  8.892   -2.468  1.00 45.95 ? 70  LYS A NZ  1 
ATOM   547  N N   . MET A 1 70  ? 6.551   4.443   -2.015  1.00 13.86 ? 71  MET A N   1 
ATOM   548  C CA  . MET A 1 70  ? 5.834   3.727   -0.975  1.00 15.28 ? 71  MET A CA  1 
ATOM   549  C C   . MET A 1 70  ? 6.654   2.540   -0.527  1.00 18.17 ? 71  MET A C   1 
ATOM   550  O O   . MET A 1 70  ? 7.131   1.759   -1.360  1.00 21.85 ? 71  MET A O   1 
ATOM   551  C CB  . MET A 1 70  ? 4.474   3.261   -1.490  1.00 16.82 ? 71  MET A CB  1 
ATOM   552  C CG  . MET A 1 70  ? 3.720   2.345   -0.533  1.00 18.72 ? 71  MET A CG  1 
ATOM   553  S SD  . MET A 1 70  ? 2.177   1.794   -1.283  1.00 20.50 ? 71  MET A SD  1 
ATOM   554  C CE  . MET A 1 70  ? 1.445   0.920   0.090   1.00 18.75 ? 71  MET A CE  1 
ATOM   555  N N   . ARG A 1 71  ? 6.819   2.410   0.788   1.00 16.79 ? 72  ARG A N   1 
ATOM   556  C CA  . ARG A 1 71  ? 7.599   1.315   1.347   1.00 26.06 ? 72  ARG A CA  1 
ATOM   557  C C   . ARG A 1 71  ? 6.874   0.685   2.540   1.00 17.66 ? 72  ARG A C   1 
ATOM   558  O O   . ARG A 1 71  ? 6.547   1.376   3.504   1.00 15.46 ? 72  ARG A O   1 
ATOM   559  C CB  . ARG A 1 71  ? 8.975   1.834   1.776   1.00 23.72 ? 72  ARG A CB  1 
ATOM   560  C CG  . ARG A 1 71  ? 9.961   0.766   2.220   1.00 30.67 ? 72  ARG A CG  1 
ATOM   561  C CD  . ARG A 1 71  ? 11.262  1.403   2.699   1.00 32.22 ? 72  ARG A CD  1 
ATOM   562  N NE  . ARG A 1 71  ? 11.012  2.427   3.709   1.00 37.62 ? 72  ARG A NE  1 
ATOM   563  C CZ  . ARG A 1 71  ? 11.042  2.205   5.019   1.00 39.22 ? 72  ARG A CZ  1 
ATOM   564  N NH1 . ARG A 1 71  ? 11.326  0.994   5.482   1.00 34.31 ? 72  ARG A NH1 1 
ATOM   565  N NH2 . ARG A 1 71  ? 10.794  3.193   5.867   1.00 47.06 ? 72  ARG A NH2 1 
ATOM   566  N N   . PHE A 1 72  ? 6.639   -0.623  2.483   1.00 15.00 ? 73  PHE A N   1 
ATOM   567  C CA  . PHE A 1 72  ? 6.136   -1.339  3.652   1.00 12.81 ? 73  PHE A CA  1 
ATOM   568  C C   . PHE A 1 72  ? 7.204   -1.412  4.744   1.00 16.90 ? 73  PHE A C   1 
ATOM   569  O O   . PHE A 1 72  ? 8.386   -1.627  4.459   1.00 18.35 ? 73  PHE A O   1 
ATOM   570  C CB  . PHE A 1 72  ? 5.653   -2.753  3.293   1.00 14.86 ? 73  PHE A CB  1 
ATOM   571  C CG  . PHE A 1 72  ? 4.343   -2.777  2.554   1.00 17.00 ? 73  PHE A CG  1 
ATOM   572  C CD1 . PHE A 1 72  ? 3.150   -2.561  3.223   1.00 13.27 ? 73  PHE A CD1 1 
ATOM   573  C CD2 . PHE A 1 72  ? 4.309   -3.009  1.196   1.00 18.40 ? 73  PHE A CD2 1 
ATOM   574  C CE1 . PHE A 1 72  ? 1.954   -2.578  2.547   1.00 14.49 ? 73  PHE A CE1 1 
ATOM   575  C CE2 . PHE A 1 72  ? 3.109   -3.029  0.508   1.00 18.45 ? 73  PHE A CE2 1 
ATOM   576  C CZ  . PHE A 1 72  ? 1.930   -2.808  1.189   1.00 16.78 ? 73  PHE A CZ  1 
ATOM   577  N N   . THR A 1 73  ? 6.778   -1.228  5.987   1.00 17.90 ? 74  THR A N   1 
ATOM   578  C CA  . THR A 1 73  ? 7.691   -1.273  7.125   1.00 21.74 ? 74  THR A CA  1 
ATOM   579  C C   . THR A 1 73  ? 7.624   -2.624  7.849   1.00 27.79 ? 74  THR A C   1 
ATOM   580  O O   . THR A 1 73  ? 8.461   -2.932  8.692   1.00 39.54 ? 74  THR A O   1 
ATOM   581  C CB  . THR A 1 73  ? 7.422   -0.106  8.105   1.00 17.68 ? 74  THR A CB  1 
ATOM   582  O OG1 . THR A 1 73  ? 6.049   -0.113  8.517   1.00 20.53 ? 74  THR A OG1 1 
ATOM   583  C CG2 . THR A 1 73  ? 7.728   1.218   7.436   1.00 19.74 ? 74  THR A CG2 1 
ATOM   584  N N   . CYS A 1 74  ? 6.628   -3.428  7.503   1.00 23.40 ? 75  CYS A N   1 
ATOM   585  C CA  . CYS A 1 74  ? 6.481   -4.769  8.066   1.00 26.62 ? 75  CYS A CA  1 
ATOM   586  C C   . CYS A 1 74  ? 7.133   -5.790  7.144   1.00 25.32 ? 75  CYS A C   1 
ATOM   587  O O   . CYS A 1 74  ? 7.500   -5.465  6.014   1.00 23.86 ? 75  CYS A O   1 
ATOM   588  C CB  . CYS A 1 74  ? 5.001   -5.111  8.236   1.00 21.62 ? 75  CYS A CB  1 
ATOM   589  S SG  . CYS A 1 74  ? 4.065   -5.192  6.675   1.00 22.69 ? 75  CYS A SG  1 
ATOM   590  N N   . GLU A 1 75  ? 7.271   -7.025  7.618   1.00 21.18 ? 76  GLU A N   1 
ATOM   591  C CA  . GLU A 1 75  ? 7.790   -8.091  6.763   1.00 30.01 ? 76  GLU A CA  1 
ATOM   592  C C   . GLU A 1 75  ? 6.769   -8.455  5.683   1.00 21.78 ? 76  GLU A C   1 
ATOM   593  O O   . GLU A 1 75  ? 5.572   -8.535  5.953   1.00 21.32 ? 76  GLU A O   1 
ATOM   594  C CB  . GLU A 1 75  ? 8.165   -9.331  7.581   1.00 31.19 ? 76  GLU A CB  1 
ATOM   595  C CG  . GLU A 1 75  ? 8.865   -10.402 6.756   1.00 37.81 ? 76  GLU A CG  1 
ATOM   596  C CD  . GLU A 1 75  ? 9.327   -11.583 7.585   1.00 46.67 ? 76  GLU A CD  1 
ATOM   597  O OE1 . GLU A 1 75  ? 8.959   -11.663 8.775   1.00 44.90 ? 76  GLU A OE1 1 
ATOM   598  O OE2 . GLU A 1 75  ? 10.058  -12.435 7.041   1.00 50.61 ? 76  GLU A OE2 1 
ATOM   599  N N   . MET A 1 76  ? 7.247   -8.659  4.458   1.00 23.70 ? 77  MET A N   1 
ATOM   600  C CA  . MET A 1 76  ? 6.381   -9.038  3.349   1.00 20.46 ? 77  MET A CA  1 
ATOM   601  C C   . MET A 1 76  ? 7.051   -10.113 2.510   1.00 20.60 ? 77  MET A C   1 
ATOM   602  O O   . MET A 1 76  ? 8.261   -10.298 2.575   1.00 22.35 ? 77  MET A O   1 
ATOM   603  C CB  . MET A 1 76  ? 6.055   -7.830  2.460   1.00 19.55 ? 77  MET A CB  1 
ATOM   604  C CG  . MET A 1 76  ? 5.301   -6.716  3.177   1.00 19.91 ? 77  MET A CG  1 
ATOM   605  S SD  . MET A 1 76  ? 3.639   -7.225  3.656   1.00 22.47 ? 77  MET A SD  1 
ATOM   606  C CE  . MET A 1 76  ? 2.655   -6.561  2.315   1.00 24.37 ? 77  MET A CE  1 
ATOM   607  N N   . PHE A 1 77  ? 6.250   -10.811 1.721   1.00 19.76 ? 78  PHE A N   1 
ATOM   608  C CA  . PHE A 1 77  ? 6.763   -11.816 0.800   1.00 19.31 ? 78  PHE A CA  1 
ATOM   609  C C   . PHE A 1 77  ? 5.847   -11.843 -0.407  1.00 17.85 ? 78  PHE A C   1 
ATOM   610  O O   . PHE A 1 77  ? 4.814   -12.507 -0.404  1.00 18.52 ? 78  PHE A O   1 
ATOM   611  C CB  . PHE A 1 77  ? 6.838   -13.188 1.467   1.00 17.89 ? 78  PHE A CB  1 
ATOM   612  C CG  . PHE A 1 77  ? 7.545   -14.226 0.638   1.00 26.48 ? 78  PHE A CG  1 
ATOM   613  C CD1 . PHE A 1 77  ? 8.920   -14.190 0.483   1.00 27.95 ? 78  PHE A CD1 1 
ATOM   614  C CD2 . PHE A 1 77  ? 6.834   -15.235 0.012   1.00 34.13 ? 78  PHE A CD2 1 
ATOM   615  C CE1 . PHE A 1 77  ? 9.574   -15.147 -0.287  1.00 33.02 ? 78  PHE A CE1 1 
ATOM   616  C CE2 . PHE A 1 77  ? 7.479   -16.190 -0.758  1.00 35.53 ? 78  PHE A CE2 1 
ATOM   617  C CZ  . PHE A 1 77  ? 8.847   -16.148 -0.904  1.00 33.22 ? 78  PHE A CZ  1 
ATOM   618  N N   . HIS A 1 78  ? 6.241   -11.100 -1.435  1.00 23.61 ? 79  HIS A N   1 
ATOM   619  C CA  . HIS A 1 78  ? 5.390   -10.860 -2.591  1.00 22.30 ? 79  HIS A CA  1 
ATOM   620  C C   . HIS A 1 78  ? 6.271   -10.543 -3.794  1.00 17.78 ? 79  HIS A C   1 
ATOM   621  O O   . HIS A 1 78  ? 7.285   -9.856  -3.657  1.00 17.77 ? 79  HIS A O   1 
ATOM   622  C CB  . HIS A 1 78  ? 4.466   -9.672  -2.303  1.00 16.20 ? 79  HIS A CB  1 
ATOM   623  C CG  . HIS A 1 78  ? 3.383   -9.491  -3.319  1.00 13.52 ? 79  HIS A CG  1 
ATOM   624  N ND1 . HIS A 1 78  ? 3.613   -8.935  -4.552  1.00 16.72 ? 79  HIS A ND1 1 
ATOM   625  C CD2 . HIS A 1 78  ? 2.062   -9.798  -3.273  1.00 18.10 ? 79  HIS A CD2 1 
ATOM   626  C CE1 . HIS A 1 78  ? 2.476   -8.909  -5.238  1.00 20.96 ? 79  HIS A CE1 1 
ATOM   627  N NE2 . HIS A 1 78  ? 1.527   -9.422  -4.483  1.00 19.78 ? 79  HIS A NE2 1 
ATOM   628  N N   . PRO A 1 79  ? 5.883   -11.026 -4.983  1.00 20.83 ? 80  PRO A N   1 
ATOM   629  C CA  . PRO A 1 79  ? 6.717   -10.799 -6.172  1.00 21.92 ? 80  PRO A CA  1 
ATOM   630  C C   . PRO A 1 79  ? 6.955   -9.321  -6.507  1.00 23.22 ? 80  PRO A C   1 
ATOM   631  O O   . PRO A 1 79  ? 7.993   -8.991  -7.078  1.00 27.51 ? 80  PRO A O   1 
ATOM   632  C CB  . PRO A 1 79  ? 5.921   -11.482 -7.288  1.00 23.99 ? 80  PRO A CB  1 
ATOM   633  C CG  . PRO A 1 79  ? 5.174   -12.588 -6.584  1.00 24.38 ? 80  PRO A CG  1 
ATOM   634  C CD  . PRO A 1 79  ? 4.790   -11.983 -5.242  1.00 20.17 ? 80  PRO A CD  1 
ATOM   635  N N   . ASN A 1 80  ? 6.017   -8.443  -6.163  1.00 18.25 ? 81  ASN A N   1 
ATOM   636  C CA  . ASN A 1 80  ? 6.152   -7.024  -6.500  1.00 16.97 ? 81  ASN A CA  1 
ATOM   637  C C   . ASN A 1 80  ? 6.648   -6.122  -5.365  1.00 23.15 ? 81  ASN A C   1 
ATOM   638  O O   . ASN A 1 80  ? 6.614   -4.888  -5.467  1.00 23.25 ? 81  ASN A O   1 
ATOM   639  C CB  . ASN A 1 80  ? 4.841   -6.500  -7.072  1.00 26.47 ? 81  ASN A CB  1 
ATOM   640  C CG  . ASN A 1 80  ? 4.359   -7.325  -8.240  1.00 30.87 ? 81  ASN A CG  1 
ATOM   641  O OD1 . ASN A 1 80  ? 5.159   -7.804  -9.046  1.00 39.44 ? 81  ASN A OD1 1 
ATOM   642  N ND2 . ASN A 1 80  ? 3.051   -7.505  -8.341  1.00 28.17 ? 81  ASN A ND2 1 
ATOM   643  N N   . ILE A 1 81  ? 7.119   -6.729  -4.287  1.00 18.70 ? 82  ILE A N   1 
ATOM   644  C CA  . ILE A 1 81  ? 7.677   -5.950  -3.192  1.00 18.71 ? 82  ILE A CA  1 
ATOM   645  C C   . ILE A 1 81  ? 9.126   -6.333  -2.976  1.00 20.54 ? 82  ILE A C   1 
ATOM   646  O O   . ILE A 1 81  ? 9.423   -7.498  -2.744  1.00 25.43 ? 82  ILE A O   1 
ATOM   647  C CB  . ILE A 1 81  ? 6.897   -6.191  -1.883  1.00 17.00 ? 82  ILE A CB  1 
ATOM   648  C CG1 . ILE A 1 81  ? 5.418   -5.857  -2.083  1.00 17.93 ? 82  ILE A CG1 1 
ATOM   649  C CG2 . ILE A 1 81  ? 7.503   -5.373  -0.746  1.00 22.22 ? 82  ILE A CG2 1 
ATOM   650  C CD1 . ILE A 1 81  ? 4.529   -6.230  -0.882  1.00 17.12 ? 82  ILE A CD1 1 
ATOM   651  N N   . TYR A 1 82  ? 10.029  -5.358  -3.056  1.00 19.45 ? 83  TYR A N   1 
ATOM   652  C CA  . TYR A 1 82  ? 11.443  -5.624  -2.799  1.00 27.03 ? 83  TYR A CA  1 
ATOM   653  C C   . TYR A 1 82  ? 11.677  -6.048  -1.375  1.00 27.69 ? 83  TYR A C   1 
ATOM   654  O O   . TYR A 1 82  ? 10.874  -5.740  -0.494  1.00 29.33 ? 83  TYR A O   1 
ATOM   655  C CB  . TYR A 1 82  ? 12.316  -4.404  -3.091  1.00 26.92 ? 83  TYR A CB  1 
ATOM   656  C CG  . TYR A 1 82  ? 12.379  -4.081  -4.544  1.00 26.06 ? 83  TYR A CG  1 
ATOM   657  C CD1 . TYR A 1 82  ? 13.237  -4.762  -5.404  1.00 25.79 ? 83  TYR A CD1 1 
ATOM   658  C CD2 . TYR A 1 82  ? 11.558  -3.122  -5.072  1.00 26.75 ? 83  TYR A CD2 1 
ATOM   659  C CE1 . TYR A 1 82  ? 13.266  -4.464  -6.758  1.00 28.31 ? 83  TYR A CE1 1 
ATOM   660  C CE2 . TYR A 1 82  ? 11.598  -2.826  -6.394  1.00 36.22 ? 83  TYR A CE2 1 
ATOM   661  C CZ  . TYR A 1 82  ? 12.434  -3.484  -7.242  1.00 32.16 ? 83  TYR A CZ  1 
ATOM   662  O OH  . TYR A 1 82  ? 12.402  -3.123  -8.573  1.00 32.53 ? 83  TYR A OH  1 
ATOM   663  N N   . PRO A 1 83  ? 12.792  -6.750  -1.143  1.00 35.43 ? 84  PRO A N   1 
ATOM   664  C CA  . PRO A 1 83  ? 13.188  -7.192  0.193   1.00 40.69 ? 84  PRO A CA  1 
ATOM   665  C C   . PRO A 1 83  ? 13.249  -6.031  1.187   1.00 35.42 ? 84  PRO A C   1 
ATOM   666  O O   . PRO A 1 83  ? 13.137  -6.265  2.386   1.00 41.75 ? 84  PRO A O   1 
ATOM   667  C CB  . PRO A 1 83  ? 14.582  -7.776  -0.036  1.00 41.22 ? 84  PRO A CB  1 
ATOM   668  C CG  . PRO A 1 83  ? 14.547  -8.259  -1.446  1.00 43.75 ? 84  PRO A CG  1 
ATOM   669  C CD  . PRO A 1 83  ? 13.698  -7.266  -2.188  1.00 45.47 ? 84  PRO A CD  1 
ATOM   670  N N   . ASP A 1 84  ? 13.415  -4.805  0.700   1.00 37.52 ? 85  ASP A N   1 
ATOM   671  C CA  . ASP A 1 84  ? 13.480  -3.643  1.589   1.00 31.05 ? 85  ASP A CA  1 
ATOM   672  C C   . ASP A 1 84  ? 12.101  -3.040  1.888   1.00 30.82 ? 85  ASP A C   1 
ATOM   673  O O   . ASP A 1 84  ? 11.980  -2.104  2.678   1.00 25.99 ? 85  ASP A O   1 
ATOM   674  C CB  . ASP A 1 84  ? 14.437  -2.578  1.036   1.00 37.48 ? 85  ASP A CB  1 
ATOM   675  C CG  . ASP A 1 84  ? 13.987  -2.017  -0.308  1.00 43.13 ? 85  ASP A CG  1 
ATOM   676  O OD1 . ASP A 1 84  ? 12.814  -2.215  -0.683  1.00 33.90 ? 85  ASP A OD1 1 
ATOM   677  O OD2 . ASP A 1 84  ? 14.810  -1.370  -0.988  1.00 41.16 ? 85  ASP A OD2 1 
ATOM   678  N N   . GLY A 1 85  ? 11.062  -3.584  1.264   1.00 26.83 ? 86  GLY A N   1 
ATOM   679  C CA  . GLY A 1 85  ? 9.710   -3.101  1.484   1.00 23.17 ? 86  GLY A CA  1 
ATOM   680  C C   . GLY A 1 85  ? 9.165   -2.195  0.392   1.00 22.26 ? 86  GLY A C   1 
ATOM   681  O O   . GLY A 1 85  ? 7.956   -1.964  0.324   1.00 22.05 ? 86  GLY A O   1 
ATOM   682  N N   . ARG A 1 86  ? 10.043  -1.694  -0.475  1.00 18.74 ? 87  ARG A N   1 
ATOM   683  C CA  . ARG A 1 86  ? 9.622   -0.801  -1.555  1.00 18.28 ? 87  ARG A CA  1 
ATOM   684  C C   . ARG A 1 86  ? 8.631   -1.482  -2.494  1.00 17.85 ? 87  ARG A C   1 
ATOM   685  O O   . ARG A 1 86  ? 8.834   -2.626  -2.907  1.00 19.67 ? 87  ARG A O   1 
ATOM   686  C CB  . ARG A 1 86  ? 10.826  -0.298  -2.355  1.00 21.72 ? 87  ARG A CB  1 
ATOM   687  C CG  . ARG A 1 86  ? 11.663  0.745   -1.635  1.00 32.13 ? 87  ARG A CG  1 
ATOM   688  C CD  . ARG A 1 86  ? 12.773  1.295   -2.548  1.00 41.01 ? 87  ARG A CD  1 
ATOM   689  N NE  . ARG A 1 86  ? 13.704  0.248   -2.970  1.00 37.59 ? 87  ARG A NE  1 
ATOM   690  C CZ  . ARG A 1 86  ? 13.801  -0.219  -4.211  1.00 36.54 ? 87  ARG A CZ  1 
ATOM   691  N NH1 . ARG A 1 86  ? 13.035  0.270   -5.176  1.00 37.21 ? 87  ARG A NH1 1 
ATOM   692  N NH2 . ARG A 1 86  ? 14.672  -1.179  -4.488  1.00 42.93 ? 87  ARG A NH2 1 
ATOM   693  N N   . VAL A 1 87  ? 7.562   -0.773  -2.832  1.00 13.45 ? 88  VAL A N   1 
ATOM   694  C CA  . VAL A 1 87  ? 6.519   -1.338  -3.671  1.00 16.48 ? 88  VAL A CA  1 
ATOM   695  C C   . VAL A 1 87  ? 6.832   -0.983  -5.116  1.00 24.83 ? 88  VAL A C   1 
ATOM   696  O O   . VAL A 1 87  ? 6.949   0.196   -5.464  1.00 22.00 ? 88  VAL A O   1 
ATOM   697  C CB  . VAL A 1 87  ? 5.136   -0.775  -3.322  1.00 18.79 ? 88  VAL A CB  1 
ATOM   698  C CG1 . VAL A 1 87  ? 4.099   -1.270  -4.327  1.00 23.31 ? 88  VAL A CG1 1 
ATOM   699  C CG2 . VAL A 1 87  ? 4.756   -1.145  -1.876  1.00 20.30 ? 88  VAL A CG2 1 
ATOM   700  N N   A CYS A 1 88  ? 6.999   -1.997  -5.953  0.79 19.91 ? 89  CYS A N   1 
ATOM   701  N N   B CYS A 1 88  ? 6.936   -2.003  -5.958  0.21 22.35 ? 89  CYS A N   1 
ATOM   702  C CA  A CYS A 1 88  ? 7.282   -1.749  -7.361  0.79 23.70 ? 89  CYS A CA  1 
ATOM   703  C CA  B CYS A 1 88  ? 7.307   -1.817  -7.354  0.21 21.65 ? 89  CYS A CA  1 
ATOM   704  C C   A CYS A 1 88  ? 6.171   -2.212  -8.292  0.79 23.11 ? 89  CYS A C   1 
ATOM   705  C C   B CYS A 1 88  ? 6.182   -2.217  -8.311  0.21 23.65 ? 89  CYS A C   1 
ATOM   706  O O   A CYS A 1 88  ? 6.072   -3.381  -8.663  0.79 25.87 ? 89  CYS A O   1 
ATOM   707  O O   B CYS A 1 88  ? 6.091   -3.368  -8.731  0.21 25.45 ? 89  CYS A O   1 
ATOM   708  C CB  A CYS A 1 88  ? 8.641   -2.313  -7.749  0.79 18.60 ? 89  CYS A CB  1 
ATOM   709  C CB  B CYS A 1 88  ? 8.567   -2.626  -7.655  0.21 18.91 ? 89  CYS A CB  1 
ATOM   710  S SG  A CYS A 1 88  ? 9.949   -1.305  -7.035  0.79 28.09 ? 89  CYS A SG  1 
ATOM   711  S SG  B CYS A 1 88  ? 9.058   -2.644  -9.383  0.21 29.04 ? 89  CYS A SG  1 
ATOM   712  N N   . ILE A 1 89  ? 5.331   -1.254  -8.650  1.00 21.26 ? 90  ILE A N   1 
ATOM   713  C CA  . ILE A 1 89  ? 4.246   -1.479  -9.588  1.00 25.31 ? 90  ILE A CA  1 
ATOM   714  C C   . ILE A 1 89  ? 4.249   -0.345  -10.607 1.00 27.93 ? 90  ILE A C   1 
ATOM   715  O O   . ILE A 1 89  ? 4.697   0.762   -10.316 1.00 21.89 ? 90  ILE A O   1 
ATOM   716  C CB  . ILE A 1 89  ? 2.884   -1.600  -8.886  1.00 28.62 ? 90  ILE A CB  1 
ATOM   717  C CG1 . ILE A 1 89  ? 2.608   -0.378  -8.018  1.00 34.39 ? 90  ILE A CG1 1 
ATOM   718  C CG2 . ILE A 1 89  ? 2.838   -2.861  -8.050  1.00 31.17 ? 90  ILE A CG2 1 
ATOM   719  C CD1 . ILE A 1 89  ? 1.316   -0.476  -7.236  1.00 39.87 ? 90  ILE A CD1 1 
ATOM   720  N N   . SER A 1 90  ? 3.767   -0.627  -11.810 1.00 25.73 ? 91  SER A N   1 
ATOM   721  C CA  A SER A 1 90  ? 3.850   0.334   -12.905 0.67 27.12 ? 91  SER A CA  1 
ATOM   722  C CA  B SER A 1 90  ? 3.850   0.333   -12.904 0.33 27.20 ? 91  SER A CA  1 
ATOM   723  C C   . SER A 1 90  ? 3.278   1.708   -12.559 1.00 25.97 ? 91  SER A C   1 
ATOM   724  O O   . SER A 1 90  ? 3.811   2.734   -12.994 1.00 35.07 ? 91  SER A O   1 
ATOM   725  C CB  A SER A 1 90  ? 3.176   -0.232  -14.165 0.67 28.35 ? 91  SER A CB  1 
ATOM   726  C CB  B SER A 1 90  ? 3.177   -0.233  -14.158 0.33 28.42 ? 91  SER A CB  1 
ATOM   727  O OG  A SER A 1 90  ? 1.815   -0.532  -13.914 0.67 31.40 ? 91  SER A OG  1 
ATOM   728  O OG  B SER A 1 90  ? 3.835   -1.410  -14.585 0.33 28.51 ? 91  SER A OG  1 
ATOM   729  N N   . ILE A 1 91  ? 2.203   1.728   -11.778 1.00 27.07 ? 92  ILE A N   1 
ATOM   730  C CA  A ILE A 1 91  ? 1.508   2.960   -11.415 0.75 34.60 ? 92  ILE A CA  1 
ATOM   731  C CA  B ILE A 1 91  ? 1.528   2.980   -11.447 0.25 33.54 ? 92  ILE A CA  1 
ATOM   732  C C   . ILE A 1 91  ? 2.348   3.869   -10.512 1.00 33.91 ? 92  ILE A C   1 
ATOM   733  O O   . ILE A 1 91  ? 2.001   5.030   -10.287 1.00 31.41 ? 92  ILE A O   1 
ATOM   734  C CB  A ILE A 1 91  ? 0.197   2.649   -10.680 0.75 37.79 ? 92  ILE A CB  1 
ATOM   735  C CB  B ILE A 1 91  ? 0.155   2.737   -10.804 0.25 37.02 ? 92  ILE A CB  1 
ATOM   736  C CG1 A ILE A 1 91  ? -0.655  3.908   -10.531 0.75 40.77 ? 92  ILE A CG1 1 
ATOM   737  C CG1 B ILE A 1 91  ? 0.327   2.121   -9.415  0.25 41.20 ? 92  ILE A CG1 1 
ATOM   738  C CG2 A ILE A 1 91  ? 0.485   2.067   -9.309  0.75 42.52 ? 92  ILE A CG2 1 
ATOM   739  C CG2 B ILE A 1 91  ? -0.708  1.859   -11.699 0.25 39.48 ? 92  ILE A CG2 1 
ATOM   740  C CD1 A ILE A 1 91  ? -1.807  3.736   -9.570  0.75 43.27 ? 92  ILE A CD1 1 
ATOM   741  C CD1 B ILE A 1 91  ? -0.959  2.003   -8.642  0.25 41.88 ? 92  ILE A CD1 1 
ATOM   742  N N   . LEU A 1 92  ? 3.434   3.327   -9.971  1.00 21.12 ? 93  LEU A N   1 
ATOM   743  C CA  . LEU A 1 92  ? 4.323   4.108   -9.110  1.00 22.14 ? 93  LEU A CA  1 
ATOM   744  C C   . LEU A 1 92  ? 5.612   4.465   -9.838  1.00 29.71 ? 93  LEU A C   1 
ATOM   745  O O   . LEU A 1 92  ? 6.525   5.056   -9.259  1.00 24.17 ? 93  LEU A O   1 
ATOM   746  C CB  . LEU A 1 92  ? 4.617   3.366   -7.801  1.00 25.25 ? 93  LEU A CB  1 
ATOM   747  C CG  . LEU A 1 92  ? 3.445   3.370   -6.818  1.00 23.72 ? 93  LEU A CG  1 
ATOM   748  C CD1 . LEU A 1 92  ? 3.760   2.593   -5.550  1.00 20.27 ? 93  LEU A CD1 1 
ATOM   749  C CD2 . LEU A 1 92  ? 3.051   4.796   -6.485  1.00 21.35 ? 93  LEU A CD2 1 
ATOM   750  N N   . HIS A 1 93  ? 5.685   4.106   -11.117 1.00 29.98 ? 94  HIS A N   1 
ATOM   751  C CA  . HIS A 1 93  ? 6.860   4.426   -11.915 1.00 31.28 ? 94  HIS A CA  1 
ATOM   752  C C   . HIS A 1 93  ? 6.601   5.622   -12.819 1.00 33.85 ? 94  HIS A C   1 
ATOM   753  O O   . HIS A 1 93  ? 5.635   5.634   -13.588 1.00 36.66 ? 94  HIS A O   1 
ATOM   754  C CB  . HIS A 1 93  ? 7.300   3.219   -12.748 1.00 31.63 ? 94  HIS A CB  1 
ATOM   755  C CG  . HIS A 1 93  ? 8.684   3.353   -13.309 1.00 51.75 ? 94  HIS A CG  1 
ATOM   756  N ND1 . HIS A 1 93  ? 9.755   3.743   -12.546 1.00 60.91 ? 94  HIS A ND1 1 
ATOM   757  C CD2 . HIS A 1 93  ? 9.161   3.135   -14.561 1.00 59.42 ? 94  HIS A CD2 1 
ATOM   758  C CE1 . HIS A 1 93  ? 10.847  3.772   -13.303 1.00 64.26 ? 94  HIS A CE1 1 
ATOM   759  N NE2 . HIS A 1 93  ? 10.509  3.407   -14.521 1.00 65.18 ? 94  HIS A NE2 1 
ATOM   760  N N   . ALA A 1 94  ? 7.473   6.625   -12.724 1.00 40.55 ? 95  ALA A N   1 
ATOM   761  C CA  . ALA A 1 94  ? 7.362   7.824   -13.549 1.00 43.71 ? 95  ALA A CA  1 
ATOM   762  C C   . ALA A 1 94  ? 7.550   7.498   -15.028 1.00 51.08 ? 95  ALA A C   1 
ATOM   763  O O   . ALA A 1 94  ? 8.406   6.686   -15.387 1.00 36.79 ? 95  ALA A O   1 
ATOM   764  C CB  . ALA A 1 94  ? 8.374   8.872   -13.104 1.00 49.34 ? 95  ALA A CB  1 
ATOM   765  N N   . PRO A 1 95  ? 6.739   8.126   -15.890 1.00 54.76 ? 96  PRO A N   1 
ATOM   766  C CA  . PRO A 1 95  ? 6.871   7.923   -17.337 1.00 57.45 ? 96  PRO A CA  1 
ATOM   767  C C   . PRO A 1 95  ? 8.295   8.244   -17.776 1.00 51.72 ? 96  PRO A C   1 
ATOM   768  O O   . PRO A 1 95  ? 8.776   9.346   -17.515 1.00 48.92 ? 96  PRO A O   1 
ATOM   769  C CB  . PRO A 1 95  ? 5.886   8.935   -17.924 1.00 57.20 ? 96  PRO A CB  1 
ATOM   770  C CG  . PRO A 1 95  ? 4.880   9.160   -16.837 1.00 56.13 ? 96  PRO A CG  1 
ATOM   771  C CD  . PRO A 1 95  ? 5.645   9.054   -15.551 1.00 53.84 ? 96  PRO A CD  1 
ATOM   772  N N   . GLY A 1 96  ? 8.967   7.293   -18.414 1.00 53.86 ? 97  GLY A N   1 
ATOM   773  C CA  . GLY A 1 96  ? 10.342  7.508   -18.823 1.00 66.66 ? 97  GLY A CA  1 
ATOM   774  C C   . GLY A 1 96  ? 10.920  6.411   -19.694 1.00 77.02 ? 97  GLY A C   1 
ATOM   775  O O   . GLY A 1 96  ? 10.511  5.251   -19.608 1.00 80.19 ? 97  GLY A O   1 
ATOM   776  N N   . ASP A 1 97  ? 11.880  6.791   -20.536 1.00 78.96 ? 98  ASP A N   1 
ATOM   777  C CA  . ASP A 1 97  ? 12.559  5.849   -21.420 1.00 79.27 ? 98  ASP A CA  1 
ATOM   778  C C   . ASP A 1 97  ? 13.534  4.973   -20.638 1.00 82.63 ? 98  ASP A C   1 
ATOM   779  O O   . ASP A 1 97  ? 14.752  5.146   -20.713 1.00 87.24 ? 98  ASP A O   1 
ATOM   780  C CB  . ASP A 1 97  ? 13.286  6.594   -22.540 1.00 79.47 ? 98  ASP A CB  1 
ATOM   781  C CG  . ASP A 1 97  ? 12.331  7.330   -23.465 1.00 85.29 ? 98  ASP A CG  1 
ATOM   782  O OD1 . ASP A 1 97  ? 11.266  6.766   -23.794 1.00 85.27 ? 98  ASP A OD1 1 
ATOM   783  O OD2 . ASP A 1 97  ? 12.650  8.471   -23.864 1.00 90.38 ? 98  ASP A OD2 1 
ATOM   784  N N   . ASP A 1 98  ? 12.970  4.042   -19.878 1.00 80.67 ? 99  ASP A N   1 
ATOM   785  C CA  . ASP A 1 98  ? 13.727  3.055   -19.123 1.00 77.87 ? 99  ASP A CA  1 
ATOM   786  C C   . ASP A 1 98  ? 12.705  2.119   -18.490 1.00 75.87 ? 99  ASP A C   1 
ATOM   787  O O   . ASP A 1 98  ? 12.192  2.392   -17.402 1.00 75.09 ? 99  ASP A O   1 
ATOM   788  C CB  . ASP A 1 98  ? 14.592  3.719   -18.050 1.00 75.85 ? 99  ASP A CB  1 
ATOM   789  C CG  . ASP A 1 98  ? 15.606  2.763   -17.442 1.00 76.39 ? 99  ASP A CG  1 
ATOM   790  O OD1 . ASP A 1 98  ? 15.434  1.533   -17.592 1.00 78.48 ? 99  ASP A OD1 1 
ATOM   791  O OD2 . ASP A 1 98  ? 16.576  3.242   -16.815 1.00 74.34 ? 99  ASP A OD2 1 
ATOM   792  N N   . PRO A 1 99  ? 12.396  1.014   -19.185 1.00 73.37 ? 100 PRO A N   1 
ATOM   793  C CA  . PRO A 1 99  ? 11.316  0.105   -18.788 1.00 65.24 ? 100 PRO A CA  1 
ATOM   794  C C   . PRO A 1 99  ? 11.453  -0.366  -17.346 1.00 61.90 ? 100 PRO A C   1 
ATOM   795  O O   . PRO A 1 99  ? 10.447  -0.687  -16.713 1.00 60.44 ? 100 PRO A O   1 
ATOM   796  C CB  . PRO A 1 99  ? 11.486  -1.077  -19.748 1.00 65.88 ? 100 PRO A CB  1 
ATOM   797  C CG  . PRO A 1 99  ? 12.179  -0.503  -20.937 1.00 69.53 ? 100 PRO A CG  1 
ATOM   798  C CD  . PRO A 1 99  ? 13.109  0.538   -20.383 1.00 72.69 ? 100 PRO A CD  1 
ATOM   799  N N   . MET A 1 100 ? 12.681  -0.395  -16.837 1.00 59.89 ? 101 MET A N   1 
ATOM   800  C CA  . MET A 1 100 ? 12.941  -0.950  -15.514 1.00 68.54 ? 101 MET A CA  1 
ATOM   801  C C   . MET A 1 100 ? 12.239  -2.301  -15.405 1.00 76.67 ? 101 MET A C   1 
ATOM   802  O O   . MET A 1 100 ? 11.837  -2.724  -14.320 1.00 83.70 ? 101 MET A O   1 
ATOM   803  C CB  . MET A 1 100 ? 12.453  0.001   -14.416 1.00 65.14 ? 101 MET A CB  1 
ATOM   804  C CG  . MET A 1 100 ? 13.049  1.404   -14.485 1.00 63.47 ? 101 MET A CG  1 
ATOM   805  S SD  . MET A 1 100 ? 14.730  1.538   -13.830 1.00 92.41 ? 101 MET A SD  1 
ATOM   806  C CE  . MET A 1 100 ? 14.420  1.541   -12.066 1.00 57.81 ? 101 MET A CE  1 
ATOM   807  N N   . GLY A 1 101 ? 12.090  -2.967  -16.546 1.00 74.87 ? 102 GLY A N   1 
ATOM   808  C CA  . GLY A 1 101 ? 11.414  -4.251  -16.605 1.00 77.16 ? 102 GLY A CA  1 
ATOM   809  C C   . GLY A 1 101 ? 10.040  -4.255  -15.959 1.00 74.50 ? 102 GLY A C   1 
ATOM   810  O O   . GLY A 1 101 ? 9.837   -4.893  -14.922 1.00 74.34 ? 102 GLY A O   1 
ATOM   811  N N   . TYR A 1 102 ? 9.094   -3.548  -16.572 1.00 71.91 ? 103 TYR A N   1 
ATOM   812  C CA  . TYR A 1 102 ? 7.713   -3.552  -16.093 1.00 71.49 ? 103 TYR A CA  1 
ATOM   813  C C   . TYR A 1 102 ? 6.761   -4.312  -17.017 1.00 78.55 ? 103 TYR A C   1 
ATOM   814  O O   . TYR A 1 102 ? 6.146   -5.301  -16.605 1.00 81.50 ? 103 TYR A O   1 
ATOM   815  C CB  . TYR A 1 102 ? 7.204   -2.129  -15.844 1.00 61.08 ? 103 TYR A CB  1 
ATOM   816  C CG  . TYR A 1 102 ? 7.415   -1.665  -14.422 1.00 50.15 ? 103 TYR A CG  1 
ATOM   817  C CD1 . TYR A 1 102 ? 6.784   -2.308  -13.361 1.00 45.07 ? 103 TYR A CD1 1 
ATOM   818  C CD2 . TYR A 1 102 ? 8.245   -0.590  -14.137 1.00 47.75 ? 103 TYR A CD2 1 
ATOM   819  C CE1 . TYR A 1 102 ? 6.979   -1.892  -12.054 1.00 41.63 ? 103 TYR A CE1 1 
ATOM   820  C CE2 . TYR A 1 102 ? 8.445   -0.165  -12.835 1.00 46.68 ? 103 TYR A CE2 1 
ATOM   821  C CZ  . TYR A 1 102 ? 7.809   -0.817  -11.799 1.00 45.90 ? 103 TYR A CZ  1 
ATOM   822  O OH  . TYR A 1 102 ? 8.010   -0.387  -10.509 1.00 48.39 ? 103 TYR A OH  1 
ATOM   823  N N   . GLU A 1 103 ? 6.642   -3.852  -18.259 1.00 76.99 ? 104 GLU A N   1 
ATOM   824  C CA  . GLU A 1 103 ? 5.732   -4.483  -19.210 1.00 80.59 ? 104 GLU A CA  1 
ATOM   825  C C   . GLU A 1 103 ? 5.786   -3.817  -20.583 1.00 83.43 ? 104 GLU A C   1 
ATOM   826  O O   . GLU A 1 103 ? 6.545   -2.868  -20.799 1.00 82.70 ? 104 GLU A O   1 
ATOM   827  C CB  . GLU A 1 103 ? 4.296   -4.444  -18.673 1.00 79.86 ? 104 GLU A CB  1 
ATOM   828  C CG  . GLU A 1 103 ? 3.367   -5.491  -19.262 1.00 83.11 ? 104 GLU A CG  1 
ATOM   829  C CD  . GLU A 1 103 ? 1.908   -5.201  -18.960 1.00 87.29 ? 104 GLU A CD  1 
ATOM   830  O OE1 . GLU A 1 103 ? 1.445   -4.089  -19.295 1.00 88.55 ? 104 GLU A OE1 1 
ATOM   831  O OE2 . GLU A 1 103 ? 1.228   -6.083  -18.392 1.00 88.76 ? 104 GLU A OE2 1 
ATOM   832  N N   . SER A 1 104 ? 4.976   -4.329  -21.506 1.00 86.08 ? 105 SER A N   1 
ATOM   833  C CA  . SER A 1 104 ? 4.843   -3.754  -22.838 1.00 84.58 ? 105 SER A CA  1 
ATOM   834  C C   . SER A 1 104 ? 4.205   -2.373  -22.742 1.00 80.21 ? 105 SER A C   1 
ATOM   835  O O   . SER A 1 104 ? 2.978   -2.250  -22.672 1.00 76.33 ? 105 SER A O   1 
ATOM   836  C CB  . SER A 1 104 ? 3.995   -4.664  -23.731 1.00 82.98 ? 105 SER A CB  1 
ATOM   837  O OG  . SER A 1 104 ? 3.739   -4.060  -24.988 1.00 80.70 ? 105 SER A OG  1 
ATOM   838  N N   . SER A 1 105 ? 5.046   -1.339  -22.742 1.00 78.40 ? 106 SER A N   1 
ATOM   839  C CA  . SER A 1 105 ? 4.587   0.029   -22.529 1.00 83.69 ? 106 SER A CA  1 
ATOM   840  C C   . SER A 1 105 ? 3.644   0.064   -21.335 1.00 92.00 ? 106 SER A C   1 
ATOM   841  O O   . SER A 1 105 ? 2.553   0.637   -21.407 1.00 97.34 ? 106 SER A O   1 
ATOM   842  C CB  . SER A 1 105 ? 3.890   0.578   -23.776 1.00 86.01 ? 106 SER A CB  1 
ATOM   843  O OG  . SER A 1 105 ? 4.816   0.787   -24.828 1.00 88.47 ? 106 SER A OG  1 
ATOM   844  N N   . ALA A 1 106 ? 4.073   -0.562  -20.240 1.00 89.06 ? 107 ALA A N   1 
ATOM   845  C CA  . ALA A 1 106 ? 3.267   -0.655  -19.030 1.00 79.23 ? 107 ALA A CA  1 
ATOM   846  C C   . ALA A 1 106 ? 2.683   0.694   -18.640 1.00 59.81 ? 107 ALA A C   1 
ATOM   847  O O   . ALA A 1 106 ? 3.262   1.742   -18.922 1.00 69.20 ? 107 ALA A O   1 
ATOM   848  C CB  . ALA A 1 106 ? 4.087   -1.231  -17.879 1.00 83.19 ? 107 ALA A CB  1 
ATOM   849  N N   . GLU A 1 107 ? 1.526   0.647   -17.990 1.00 45.13 ? 108 GLU A N   1 
ATOM   850  C CA  . GLU A 1 107 ? 0.828   1.838   -17.526 1.00 44.16 ? 108 GLU A CA  1 
ATOM   851  C C   . GLU A 1 107 ? 1.632   2.544   -16.425 1.00 37.68 ? 108 GLU A C   1 
ATOM   852  O O   . GLU A 1 107 ? 1.779   2.023   -15.322 1.00 39.23 ? 108 GLU A O   1 
ATOM   853  C CB  . GLU A 1 107 ? -0.560  1.432   -17.015 1.00 37.90 ? 108 GLU A CB  1 
ATOM   854  C CG  . GLU A 1 107 ? -1.631  2.496   -17.141 1.00 57.29 ? 108 GLU A CG  1 
ATOM   855  C CD  . GLU A 1 107 ? -1.732  3.372   -15.911 1.00 71.04 ? 108 GLU A CD  1 
ATOM   856  O OE1 . GLU A 1 107 ? -1.028  3.084   -14.917 1.00 76.09 ? 108 GLU A OE1 1 
ATOM   857  O OE2 . GLU A 1 107 ? -2.518  4.343   -15.940 1.00 74.34 ? 108 GLU A OE2 1 
ATOM   858  N N   . ARG A 1 108 ? 2.150   3.732   -16.727 1.00 42.28 ? 109 ARG A N   1 
ATOM   859  C CA  . ARG A 1 108 ? 2.960   4.479   -15.765 1.00 35.39 ? 109 ARG A CA  1 
ATOM   860  C C   . ARG A 1 108 ? 2.102   5.410   -14.905 1.00 42.51 ? 109 ARG A C   1 
ATOM   861  O O   . ARG A 1 108 ? 0.887   5.475   -15.074 1.00 44.41 ? 109 ARG A O   1 
ATOM   862  C CB  . ARG A 1 108 ? 4.037   5.286   -16.485 1.00 40.92 ? 109 ARG A CB  1 
ATOM   863  C CG  . ARG A 1 108 ? 4.952   4.468   -17.382 1.00 52.13 ? 109 ARG A CG  1 
ATOM   864  C CD  . ARG A 1 108 ? 5.863   3.556   -16.574 1.00 63.67 ? 109 ARG A CD  1 
ATOM   865  N NE  . ARG A 1 108 ? 7.145   3.343   -17.244 1.00 73.23 ? 109 ARG A NE  1 
ATOM   866  C CZ  . ARG A 1 108 ? 7.447   2.273   -17.974 1.00 81.09 ? 109 ARG A CZ  1 
ATOM   867  N NH1 . ARG A 1 108 ? 6.558   1.298   -18.135 1.00 80.95 ? 109 ARG A NH1 1 
ATOM   868  N NH2 . ARG A 1 108 ? 8.642   2.177   -18.544 1.00 83.60 ? 109 ARG A NH2 1 
ATOM   869  N N   . TRP A 1 109 ? 2.742   6.121   -13.978 1.00 38.52 ? 110 TRP A N   1 
ATOM   870  C CA  . TRP A 1 109 ? 2.052   7.109   -13.150 1.00 29.58 ? 110 TRP A CA  1 
ATOM   871  C C   . TRP A 1 109 ? 1.516   8.263   -13.995 1.00 31.11 ? 110 TRP A C   1 
ATOM   872  O O   . TRP A 1 109 ? 2.116   8.628   -15.007 1.00 34.73 ? 110 TRP A O   1 
ATOM   873  C CB  . TRP A 1 109 ? 2.997   7.659   -12.071 1.00 31.25 ? 110 TRP A CB  1 
ATOM   874  C CG  . TRP A 1 109 ? 2.482   8.901   -11.392 1.00 31.71 ? 110 TRP A CG  1 
ATOM   875  C CD1 . TRP A 1 109 ? 2.751   10.195  -11.733 1.00 34.01 ? 110 TRP A CD1 1 
ATOM   876  C CD2 . TRP A 1 109 ? 1.607   8.961   -10.259 1.00 26.96 ? 110 TRP A CD2 1 
ATOM   877  N NE1 . TRP A 1 109 ? 2.101   11.057  -10.879 1.00 27.10 ? 110 TRP A NE1 1 
ATOM   878  C CE2 . TRP A 1 109 ? 1.389   10.323  -9.969  1.00 27.06 ? 110 TRP A CE2 1 
ATOM   879  C CE3 . TRP A 1 109 ? 0.989   7.996   -9.460  1.00 29.08 ? 110 TRP A CE3 1 
ATOM   880  C CZ2 . TRP A 1 109 ? 0.574   10.742  -8.916  1.00 29.04 ? 110 TRP A CZ2 1 
ATOM   881  C CZ3 . TRP A 1 109 ? 0.181   8.415   -8.413  1.00 22.31 ? 110 TRP A CZ3 1 
ATOM   882  C CH2 . TRP A 1 109 ? -0.020  9.772   -8.152  1.00 31.48 ? 110 TRP A CH2 1 
ATOM   883  N N   . SER A 1 110 ? 0.380   8.817   -13.585 1.00 27.82 ? 111 SER A N   1 
ATOM   884  C CA  . SER A 1 110 ? -0.127  10.067  -14.147 1.00 34.09 ? 111 SER A CA  1 
ATOM   885  C C   . SER A 1 110 ? -0.885  10.818  -13.062 1.00 25.80 ? 111 SER A C   1 
ATOM   886  O O   . SER A 1 110 ? -1.339  10.211  -12.097 1.00 32.05 ? 111 SER A O   1 
ATOM   887  C CB  . SER A 1 110 ? -1.024  9.818   -15.371 1.00 32.56 ? 111 SER A CB  1 
ATOM   888  O OG  . SER A 1 110 ? -2.272  9.265   -14.999 1.00 40.36 ? 111 SER A OG  1 
ATOM   889  N N   . PRO A 1 111 ? -1.005  12.147  -13.201 1.00 31.37 ? 112 PRO A N   1 
ATOM   890  C CA  . PRO A 1 111 ? -1.722  12.953  -12.205 1.00 38.79 ? 112 PRO A CA  1 
ATOM   891  C C   . PRO A 1 111 ? -3.179  12.526  -12.022 1.00 35.20 ? 112 PRO A C   1 
ATOM   892  O O   . PRO A 1 111 ? -3.845  12.990  -11.090 1.00 26.38 ? 112 PRO A O   1 
ATOM   893  C CB  . PRO A 1 111 ? -1.645  14.366  -12.784 1.00 38.91 ? 112 PRO A CB  1 
ATOM   894  C CG  . PRO A 1 111 ? -0.407  14.357  -13.606 1.00 38.88 ? 112 PRO A CG  1 
ATOM   895  C CD  . PRO A 1 111 ? -0.320  12.985  -14.199 1.00 44.99 ? 112 PRO A CD  1 
ATOM   896  N N   . VAL A 1 112 ? -3.664  11.656  -12.904 1.00 32.45 ? 113 VAL A N   1 
ATOM   897  C CA  . VAL A 1 112 ? -5.013  11.119  -12.788 1.00 32.13 ? 113 VAL A CA  1 
ATOM   898  C C   . VAL A 1 112 ? -5.132  10.207  -11.570 1.00 33.00 ? 113 VAL A C   1 
ATOM   899  O O   . VAL A 1 112 ? -6.189  10.116  -10.944 1.00 33.95 ? 113 VAL A O   1 
ATOM   900  C CB  . VAL A 1 112 ? -5.405  10.344  -14.064 1.00 38.21 ? 113 VAL A CB  1 
ATOM   901  C CG1 . VAL A 1 112 ? -6.323  9.173   -13.730 1.00 44.97 ? 113 VAL A CG1 1 
ATOM   902  C CG2 . VAL A 1 112 ? -6.041  11.287  -15.076 1.00 40.12 ? 113 VAL A CG2 1 
ATOM   903  N N   . GLN A 1 113 ? -4.031  9.543   -11.236 1.00 36.23 ? 114 GLN A N   1 
ATOM   904  C CA  . GLN A 1 113 ? -3.980  8.671   -10.069 1.00 32.89 ? 114 GLN A CA  1 
ATOM   905  C C   . GLN A 1 113 ? -4.109  9.469   -8.773  1.00 22.69 ? 114 GLN A C   1 
ATOM   906  O O   . GLN A 1 113 ? -4.096  10.700  -8.775  1.00 30.85 ? 114 GLN A O   1 
ATOM   907  C CB  . GLN A 1 113 ? -2.685  7.858   -10.067 1.00 22.07 ? 114 GLN A CB  1 
ATOM   908  C CG  . GLN A 1 113 ? -2.454  7.040   -11.334 1.00 23.99 ? 114 GLN A CG  1 
ATOM   909  C CD  . GLN A 1 113 ? -3.397  5.859   -11.446 1.00 32.95 ? 114 GLN A CD  1 
ATOM   910  O OE1 . GLN A 1 113 ? -4.029  5.460   -10.468 1.00 25.56 ? 114 GLN A OE1 1 
ATOM   911  N NE2 . GLN A 1 113 ? -3.494  5.289   -12.643 1.00 34.09 ? 114 GLN A NE2 1 
ATOM   912  N N   . SER A 1 114 ? -4.236  8.761   -7.662  1.00 26.66 ? 115 SER A N   1 
ATOM   913  C CA  . SER A 1 114 ? -4.380  9.395   -6.359  1.00 27.33 ? 115 SER A CA  1 
ATOM   914  C C   . SER A 1 114 ? -3.889  8.422   -5.298  1.00 20.00 ? 115 SER A C   1 
ATOM   915  O O   . SER A 1 114 ? -3.637  7.253   -5.595  1.00 18.25 ? 115 SER A O   1 
ATOM   916  C CB  . SER A 1 114 ? -5.842  9.755   -6.096  1.00 31.82 ? 115 SER A CB  1 
ATOM   917  O OG  . SER A 1 114 ? -6.638  8.588   -5.984  1.00 29.28 ? 115 SER A OG  1 
ATOM   918  N N   . VAL A 1 115 ? -3.739  8.897   -4.069  1.00 21.46 ? 116 VAL A N   1 
ATOM   919  C CA  . VAL A 1 115 ? -3.310  8.018   -2.985  1.00 21.02 ? 116 VAL A CA  1 
ATOM   920  C C   . VAL A 1 115 ? -4.302  6.868   -2.813  1.00 21.06 ? 116 VAL A C   1 
ATOM   921  O O   . VAL A 1 115 ? -3.914  5.704   -2.709  1.00 20.59 ? 116 VAL A O   1 
ATOM   922  C CB  . VAL A 1 115 ? -3.132  8.782   -1.669  1.00 24.45 ? 116 VAL A CB  1 
ATOM   923  C CG1 . VAL A 1 115 ? -2.815  7.816   -0.529  1.00 26.92 ? 116 VAL A CG1 1 
ATOM   924  C CG2 . VAL A 1 115 ? -2.032  9.819   -1.815  1.00 22.56 ? 116 VAL A CG2 1 
ATOM   925  N N   . GLU A 1 116 ? -5.589  7.195   -2.796  1.00 22.78 ? 117 GLU A N   1 
ATOM   926  C CA  . GLU A 1 116 ? -6.620  6.166   -2.710  1.00 20.31 ? 117 GLU A CA  1 
ATOM   927  C C   . GLU A 1 116 ? -6.428  5.122   -3.806  1.00 18.11 ? 117 GLU A C   1 
ATOM   928  O O   . GLU A 1 116 ? -6.528  3.922   -3.551  1.00 18.24 ? 117 GLU A O   1 
ATOM   929  C CB  . GLU A 1 116 ? -8.012  6.774   -2.824  1.00 27.12 ? 117 GLU A CB  1 
ATOM   930  C CG  . GLU A 1 116 ? -9.127  5.798   -2.466  1.00 33.50 ? 117 GLU A CG  1 
ATOM   931  C CD  . GLU A 1 116 ? -10.513 6.363   -2.723  1.00 43.38 ? 117 GLU A CD  1 
ATOM   932  O OE1 . GLU A 1 116 ? -10.719 6.988   -3.785  1.00 47.86 ? 117 GLU A OE1 1 
ATOM   933  O OE2 . GLU A 1 116 ? -11.400 6.170   -1.867  1.00 46.74 ? 117 GLU A OE2 1 
ATOM   934  N N   . LYS A 1 117 ? -6.147  5.579   -5.025  1.00 17.38 ? 118 LYS A N   1 
ATOM   935  C CA  . LYS A 1 117 ? -5.969  4.657   -6.147  1.00 18.47 ? 118 LYS A CA  1 
ATOM   936  C C   . LYS A 1 117 ? -4.703  3.816   -6.036  1.00 18.02 ? 118 LYS A C   1 
ATOM   937  O O   . LYS A 1 117 ? -4.709  2.634   -6.377  1.00 17.51 ? 118 LYS A O   1 
ATOM   938  C CB  . LYS A 1 117 ? -5.988  5.397   -7.492  1.00 21.63 ? 118 LYS A CB  1 
ATOM   939  C CG  . LYS A 1 117 ? -7.366  5.889   -7.904  1.00 29.12 ? 118 LYS A CG  1 
ATOM   940  C CD  . LYS A 1 117 ? -7.318  6.579   -9.256  1.00 30.41 ? 118 LYS A CD  1 
ATOM   941  C CE  . LYS A 1 117 ? -8.650  7.211   -9.602  1.00 37.43 ? 118 LYS A CE  1 
ATOM   942  N NZ  . LYS A 1 117 ? -8.560  7.974   -10.879 1.00 40.59 ? 118 LYS A NZ  1 
ATOM   943  N N   . ILE A 1 118 ? -3.604  4.431   -5.603  1.00 16.48 ? 119 ILE A N   1 
ATOM   944  C CA  . ILE A 1 118 ? -2.397  3.657   -5.364  1.00 16.19 ? 119 ILE A CA  1 
ATOM   945  C C   . ILE A 1 118 ? -2.679  2.544   -4.348  1.00 15.39 ? 119 ILE A C   1 
ATOM   946  O O   . ILE A 1 118 ? -2.337  1.380   -4.559  1.00 16.82 ? 119 ILE A O   1 
ATOM   947  C CB  . ILE A 1 118 ? -1.259  4.533   -4.828  1.00 16.64 ? 119 ILE A CB  1 
ATOM   948  C CG1 . ILE A 1 118 ? -0.811  5.532   -5.898  1.00 22.03 ? 119 ILE A CG1 1 
ATOM   949  C CG2 . ILE A 1 118 ? -0.093  3.655   -4.395  1.00 24.18 ? 119 ILE A CG2 1 
ATOM   950  C CD1 . ILE A 1 118 ? 0.019   6.680   -5.353  1.00 35.37 ? 119 ILE A CD1 1 
ATOM   951  N N   . LEU A 1 119 ? -3.319  2.903   -3.245  1.00 15.52 ? 120 LEU A N   1 
ATOM   952  C CA  . LEU A 1 119 ? -3.561  1.943   -2.176  1.00 17.28 ? 120 LEU A CA  1 
ATOM   953  C C   . LEU A 1 119 ? -4.540  0.843   -2.590  1.00 19.58 ? 120 LEU A C   1 
ATOM   954  O O   . LEU A 1 119 ? -4.358  -0.325  -2.235  1.00 18.24 ? 120 LEU A O   1 
ATOM   955  C CB  . LEU A 1 119 ? -4.024  2.661   -0.902  1.00 14.33 ? 120 LEU A CB  1 
ATOM   956  C CG  . LEU A 1 119 ? -2.951  3.582   -0.302  1.00 19.69 ? 120 LEU A CG  1 
ATOM   957  C CD1 . LEU A 1 119 ? -3.490  4.292   0.940   1.00 17.78 ? 120 LEU A CD1 1 
ATOM   958  C CD2 . LEU A 1 119 ? -1.682  2.817   0.016   1.00 17.44 ? 120 LEU A CD2 1 
ATOM   959  N N   . LEU A 1 120 ? -5.562  1.199   -3.362  1.00 16.97 ? 121 LEU A N   1 
ATOM   960  C CA  . LEU A 1 120 ? -6.483  0.177   -3.861  1.00 18.00 ? 121 LEU A CA  1 
ATOM   961  C C   . LEU A 1 120 ? -5.758  -0.768  -4.821  1.00 20.22 ? 121 LEU A C   1 
ATOM   962  O O   . LEU A 1 120 ? -5.977  -1.984  -4.800  1.00 18.02 ? 121 LEU A O   1 
ATOM   963  C CB  . LEU A 1 120 ? -7.702  0.804   -4.538  1.00 19.73 ? 121 LEU A CB  1 
ATOM   964  C CG  . LEU A 1 120 ? -8.722  1.475   -3.613  1.00 22.69 ? 121 LEU A CG  1 
ATOM   965  C CD1 . LEU A 1 120 ? -9.613  2.418   -4.406  1.00 25.26 ? 121 LEU A CD1 1 
ATOM   966  C CD2 . LEU A 1 120 ? -9.558  0.441   -2.863  1.00 29.77 ? 121 LEU A CD2 1 
ATOM   967  N N   . SER A 1 121 ? -4.890  -0.205  -5.657  1.00 16.94 ? 122 SER A N   1 
ATOM   968  C CA  . SER A 1 121 ? -4.094  -1.009  -6.570  1.00 14.24 ? 122 SER A CA  1 
ATOM   969  C C   . SER A 1 121 ? -3.172  -1.958  -5.812  1.00 17.44 ? 122 SER A C   1 
ATOM   970  O O   . SER A 1 121 ? -2.998  -3.108  -6.209  1.00 19.11 ? 122 SER A O   1 
ATOM   971  C CB  . SER A 1 121 ? -3.290  -0.121  -7.521  1.00 25.85 ? 122 SER A CB  1 
ATOM   972  O OG  . SER A 1 121 ? -2.651  -0.915  -8.507  1.00 34.75 ? 122 SER A OG  1 
ATOM   973  N N   . VAL A 1 122 ? -2.587  -1.483  -4.714  1.00 19.18 ? 123 VAL A N   1 
ATOM   974  C CA  . VAL A 1 122 ? -1.733  -2.344  -3.895  1.00 22.89 ? 123 VAL A CA  1 
ATOM   975  C C   . VAL A 1 122 ? -2.556  -3.455  -3.244  1.00 20.32 ? 123 VAL A C   1 
ATOM   976  O O   . VAL A 1 122 ? -2.139  -4.618  -3.211  1.00 23.64 ? 123 VAL A O   1 
ATOM   977  C CB  . VAL A 1 122 ? -0.945  -1.559  -2.825  1.00 21.26 ? 123 VAL A CB  1 
ATOM   978  C CG1 . VAL A 1 122 ? -0.153  -2.515  -1.961  1.00 23.90 ? 123 VAL A CG1 1 
ATOM   979  C CG2 . VAL A 1 122 ? -0.006  -0.561  -3.475  1.00 18.85 ? 123 VAL A CG2 1 
ATOM   980  N N   . VAL A 1 123 ? -3.742  -3.112  -2.755  1.00 16.62 ? 124 VAL A N   1 
ATOM   981  C CA  . VAL A 1 123 ? -4.631  -4.134  -2.220  1.00 18.62 ? 124 VAL A CA  1 
ATOM   982  C C   . VAL A 1 123 ? -4.913  -5.189  -3.290  1.00 20.98 ? 124 VAL A C   1 
ATOM   983  O O   . VAL A 1 123 ? -4.857  -6.390  -3.011  1.00 20.12 ? 124 VAL A O   1 
ATOM   984  C CB  . VAL A 1 123 ? -5.948  -3.542  -1.693  1.00 16.66 ? 124 VAL A CB  1 
ATOM   985  C CG1 . VAL A 1 123 ? -6.954  -4.664  -1.394  1.00 22.27 ? 124 VAL A CG1 1 
ATOM   986  C CG2 . VAL A 1 123 ? -5.688  -2.703  -0.445  1.00 14.92 ? 124 VAL A CG2 1 
ATOM   987  N N   . SER A 1 124 ? -5.189  -4.747  -4.514  1.00 18.30 ? 125 SER A N   1 
ATOM   988  C CA  . SER A 1 124 ? -5.437  -5.684  -5.616  1.00 22.14 ? 125 SER A CA  1 
ATOM   989  C C   . SER A 1 124 ? -4.213  -6.556  -5.878  1.00 22.77 ? 125 SER A C   1 
ATOM   990  O O   . SER A 1 124 ? -4.327  -7.765  -6.106  1.00 21.66 ? 125 SER A O   1 
ATOM   991  C CB  . SER A 1 124 ? -5.825  -4.938  -6.897  1.00 25.10 ? 125 SER A CB  1 
ATOM   992  O OG  . SER A 1 124 ? -7.115  -4.359  -6.793  1.00 27.31 ? 125 SER A OG  1 
ATOM   993  N N   . MET A 1 125 ? -3.045  -5.920  -5.832  1.00 22.81 ? 126 MET A N   1 
ATOM   994  C CA  . MET A 1 125 ? -1.757  -6.568  -6.057  1.00 24.87 ? 126 MET A CA  1 
ATOM   995  C C   . MET A 1 125 ? -1.535  -7.728  -5.088  1.00 26.67 ? 126 MET A C   1 
ATOM   996  O O   . MET A 1 125 ? -1.000  -8.777  -5.466  1.00 25.32 ? 126 MET A O   1 
ATOM   997  C CB  . MET A 1 125 ? -0.645  -5.530  -5.890  1.00 29.46 ? 126 MET A CB  1 
ATOM   998  C CG  . MET A 1 125 ? 0.754   -6.082  -5.946  1.00 32.27 ? 126 MET A CG  1 
ATOM   999  S SD  . MET A 1 125 ? 1.950   -4.952  -5.227  1.00 32.33 ? 126 MET A SD  1 
ATOM   1000 C CE  . MET A 1 125 ? 1.815   -5.362  -3.489  1.00 30.25 ? 126 MET A CE  1 
ATOM   1001 N N   . LEU A 1 126 ? -1.947  -7.539  -3.837  1.00 23.63 ? 127 LEU A N   1 
ATOM   1002 C CA  . LEU A 1 126 ? -1.843  -8.583  -2.824  1.00 25.57 ? 127 LEU A CA  1 
ATOM   1003 C C   . LEU A 1 126 ? -2.764  -9.742  -3.169  1.00 37.11 ? 127 LEU A C   1 
ATOM   1004 O O   . LEU A 1 126 ? -2.370  -10.910 -3.100  1.00 37.89 ? 127 LEU A O   1 
ATOM   1005 C CB  . LEU A 1 126 ? -2.218  -8.043  -1.435  1.00 31.44 ? 127 LEU A CB  1 
ATOM   1006 C CG  . LEU A 1 126 ? -1.296  -7.020  -0.763  1.00 24.30 ? 127 LEU A CG  1 
ATOM   1007 C CD1 . LEU A 1 126 ? -1.852  -6.583  0.591   1.00 21.32 ? 127 LEU A CD1 1 
ATOM   1008 C CD2 . LEU A 1 126 ? 0.130   -7.541  -0.616  1.00 22.34 ? 127 LEU A CD2 1 
ATOM   1009 N N   . ALA A 1 127 ? -3.999  -9.402  -3.523  1.00 37.97 ? 128 ALA A N   1 
ATOM   1010 C CA  . ALA A 1 127 ? -5.024  -10.389 -3.829  1.00 48.62 ? 128 ALA A CA  1 
ATOM   1011 C C   . ALA A 1 127 ? -4.620  -11.157 -5.071  1.00 51.64 ? 128 ALA A C   1 
ATOM   1012 O O   . ALA A 1 127 ? -4.862  -12.356 -5.176  1.00 56.82 ? 128 ALA A O   1 
ATOM   1013 C CB  . ALA A 1 127 ? -6.370  -9.703  -4.050  1.00 42.05 ? 128 ALA A CB  1 
ATOM   1014 N N   . GLU A 1 128 ? -3.979  -10.460 -6.003  1.00 50.48 ? 129 GLU A N   1 
ATOM   1015 C CA  . GLU A 1 128 ? -3.633  -11.052 -7.287  1.00 51.03 ? 129 GLU A CA  1 
ATOM   1016 C C   . GLU A 1 128 ? -2.154  -10.929 -7.564  1.00 43.21 ? 129 GLU A C   1 
ATOM   1017 O O   . GLU A 1 128 ? -1.740  -10.173 -8.437  1.00 34.14 ? 129 GLU A O   1 
ATOM   1018 C CB  . GLU A 1 128 ? -4.474  -10.443 -8.408  1.00 51.84 ? 129 GLU A CB  1 
ATOM   1019 C CG  . GLU A 1 128 ? -5.959  -10.702 -8.221  1.00 64.82 ? 129 GLU A CG  1 
ATOM   1020 C CD  . GLU A 1 128 ? -6.850  -9.698  -8.931  1.00 76.71 ? 129 GLU A CD  1 
ATOM   1021 O OE1 . GLU A 1 128 ? -6.918  -8.540  -8.469  1.00 76.54 ? 129 GLU A OE1 1 
ATOM   1022 O OE2 . GLU A 1 128 ? -7.485  -10.082 -9.936  1.00 76.02 ? 129 GLU A OE2 1 
ATOM   1023 N N   . PRO A 1 129 ? -1.349  -11.678 -6.798  1.00 55.46 ? 130 PRO A N   1 
ATOM   1024 C CA  . PRO A 1 129 ? 0.100   -11.645 -6.975  1.00 61.00 ? 130 PRO A CA  1 
ATOM   1025 C C   . PRO A 1 129 ? 0.413   -11.684 -8.449  1.00 67.06 ? 130 PRO A C   1 
ATOM   1026 O O   . PRO A 1 129 ? 0.534   -12.751 -9.051  1.00 76.35 ? 130 PRO A O   1 
ATOM   1027 C CB  . PRO A 1 129 ? 0.558   -12.915 -6.272  1.00 62.83 ? 130 PRO A CB  1 
ATOM   1028 C CG  . PRO A 1 129 ? -0.418  -13.035 -5.127  1.00 62.53 ? 130 PRO A CG  1 
ATOM   1029 C CD  . PRO A 1 129 ? -1.750  -12.576 -5.702  1.00 58.66 ? 130 PRO A CD  1 
ATOM   1030 N N   . ASN A 1 130 ? 0.512   -10.490 -9.017  1.00 69.37 ? 131 ASN A N   1 
ATOM   1031 C CA  . ASN A 1 130 ? 0.687   -10.293 -10.441 1.00 70.29 ? 131 ASN A CA  1 
ATOM   1032 C C   . ASN A 1 130 ? 2.153   -9.951  -10.645 1.00 79.28 ? 131 ASN A C   1 
ATOM   1033 O O   . ASN A 1 130 ? 2.581   -8.837  -10.364 1.00 86.58 ? 131 ASN A O   1 
ATOM   1034 C CB  . ASN A 1 130 ? -0.266  -9.172  -10.886 1.00 70.88 ? 131 ASN A CB  1 
ATOM   1035 C CG  . ASN A 1 130 ? 0.221   -8.400  -12.097 1.00 77.48 ? 131 ASN A CG  1 
ATOM   1036 O OD1 . ASN A 1 130 ? -0.358  -8.498  -13.182 1.00 86.62 ? 131 ASN A OD1 1 
ATOM   1037 N ND2 . ASN A 1 130 ? 1.259   -7.594  -11.912 1.00 70.77 ? 131 ASN A ND2 1 
ATOM   1038 N N   . ASP A 1 131 ? 2.932   -10.940 -11.081 1.00 75.06 ? 132 ASP A N   1 
ATOM   1039 C CA  A ASP A 1 131 ? 4.363   -10.738 -11.310 0.68 70.64 ? 132 ASP A CA  1 
ATOM   1040 C CA  B ASP A 1 131 ? 4.360   -10.761 -11.311 0.32 69.48 ? 132 ASP A CA  1 
ATOM   1041 C C   . ASP A 1 131 ? 4.602   -9.819  -12.493 1.00 71.95 ? 132 ASP A C   1 
ATOM   1042 O O   . ASP A 1 131 ? 4.709   -10.265 -13.638 1.00 71.87 ? 132 ASP A O   1 
ATOM   1043 C CB  A ASP A 1 131 ? 5.091   -12.059 -11.551 0.68 66.91 ? 132 ASP A CB  1 
ATOM   1044 C CB  B ASP A 1 131 ? 5.030   -12.117 -11.561 0.32 63.69 ? 132 ASP A CB  1 
ATOM   1045 C CG  A ASP A 1 131 ? 6.584   -11.866 -11.740 0.68 62.62 ? 132 ASP A CG  1 
ATOM   1046 C CG  B ASP A 1 131 ? 4.677   -13.144 -10.496 0.32 54.52 ? 132 ASP A CG  1 
ATOM   1047 O OD1 A ASP A 1 131 ? 7.197   -11.155 -10.917 0.68 56.63 ? 132 ASP A OD1 1 
ATOM   1048 O OD1 B ASP A 1 131 ? 3.946   -12.786 -9.550  0.32 41.61 ? 132 ASP A OD1 1 
ATOM   1049 O OD2 A ASP A 1 131 ? 7.146   -12.418 -12.713 0.68 66.56 ? 132 ASP A OD2 1 
ATOM   1050 O OD2 B ASP A 1 131 ? 5.125   -14.307 -10.600 0.32 58.73 ? 132 ASP A OD2 1 
ATOM   1051 N N   . GLU A 1 132 ? 4.685   -8.525  -12.207 1.00 72.35 ? 133 GLU A N   1 
ATOM   1052 C CA  . GLU A 1 132 ? 4.913   -7.530  -13.246 1.00 67.42 ? 133 GLU A CA  1 
ATOM   1053 C C   . GLU A 1 132 ? 6.308   -6.927  -13.125 1.00 66.38 ? 133 GLU A C   1 
ATOM   1054 O O   . GLU A 1 132 ? 6.812   -6.321  -14.070 1.00 69.20 ? 133 GLU A O   1 
ATOM   1055 C CB  . GLU A 1 132 ? 3.842   -6.432  -13.187 1.00 60.12 ? 133 GLU A CB  1 
ATOM   1056 C CG  . GLU A 1 132 ? 4.011   -5.422  -12.050 1.00 63.95 ? 133 GLU A CG  1 
ATOM   1057 C CD  . GLU A 1 132 ? 2.853   -4.429  -11.964 1.00 65.99 ? 133 GLU A CD  1 
ATOM   1058 O OE1 . GLU A 1 132 ? 1.707   -4.860  -11.712 1.00 79.78 ? 133 GLU A OE1 1 
ATOM   1059 O OE2 . GLU A 1 132 ? 3.087   -3.217  -12.143 1.00 50.24 ? 133 GLU A OE2 1 
ATOM   1060 N N   . SER A 1 133 ? 6.939   -7.115  -11.969 1.00 59.36 ? 134 SER A N   1 
ATOM   1061 C CA  . SER A 1 133 ? 8.193   -6.425  -11.678 1.00 55.17 ? 134 SER A CA  1 
ATOM   1062 C C   . SER A 1 133 ? 9.346   -7.320  -11.210 1.00 46.58 ? 134 SER A C   1 
ATOM   1063 O O   . SER A 1 133 ? 10.503  -6.891  -11.221 1.00 36.64 ? 134 SER A O   1 
ATOM   1064 C CB  . SER A 1 133 ? 7.956   -5.302  -10.659 1.00 54.68 ? 134 SER A CB  1 
ATOM   1065 O OG  . SER A 1 133 ? 7.402   -5.796  -9.451  1.00 41.36 ? 134 SER A OG  1 
ATOM   1066 N N   . GLY A 1 134 ? 9.037   -8.546  -10.797 1.00 43.82 ? 135 GLY A N   1 
ATOM   1067 C CA  . GLY A 1 134 ? 10.050  -9.453  -10.282 1.00 31.78 ? 135 GLY A CA  1 
ATOM   1068 C C   . GLY A 1 134 ? 10.894  -8.846  -9.172  1.00 38.11 ? 135 GLY A C   1 
ATOM   1069 O O   . GLY A 1 134 ? 12.077  -9.166  -9.038  1.00 41.39 ? 135 GLY A O   1 
ATOM   1070 N N   . ALA A 1 135 ? 10.284  -7.970  -8.375  1.00 30.96 ? 136 ALA A N   1 
ATOM   1071 C CA  . ALA A 1 135 ? 10.980  -7.251  -7.306  1.00 24.42 ? 136 ALA A CA  1 
ATOM   1072 C C   . ALA A 1 135 ? 11.601  -8.185  -6.273  1.00 27.69 ? 136 ALA A C   1 
ATOM   1073 O O   . ALA A 1 135 ? 12.725  -7.976  -5.821  1.00 30.57 ? 136 ALA A O   1 
ATOM   1074 C CB  . ALA A 1 135 ? 10.017  -6.276  -6.613  1.00 23.14 ? 136 ALA A CB  1 
ATOM   1075 N N   . ASN A 1 136 ? 10.845  -9.193  -5.866  1.00 20.29 ? 137 ASN A N   1 
ATOM   1076 C CA  . ASN A 1 136 ? 11.373  -10.217 -4.983  1.00 29.05 ? 137 ASN A CA  1 
ATOM   1077 C C   . ASN A 1 136 ? 11.497  -11.479 -5.820  1.00 32.87 ? 137 ASN A C   1 
ATOM   1078 O O   . ASN A 1 136 ? 10.516  -12.182 -6.035  1.00 25.64 ? 137 ASN A O   1 
ATOM   1079 C CB  . ASN A 1 136 ? 10.428  -10.442 -3.794  1.00 25.81 ? 137 ASN A CB  1 
ATOM   1080 C CG  . ASN A 1 136 ? 10.919  -11.523 -2.841  1.00 33.61 ? 137 ASN A CG  1 
ATOM   1081 O OD1 . ASN A 1 136 ? 11.672  -12.419 -3.227  1.00 30.11 ? 137 ASN A OD1 1 
ATOM   1082 N ND2 . ASN A 1 136 ? 10.479  -11.446 -1.584  1.00 29.57 ? 137 ASN A ND2 1 
ATOM   1083 N N   . VAL A 1 137 ? 12.702  -11.741 -6.317  1.00 31.26 ? 138 VAL A N   1 
ATOM   1084 C CA  . VAL A 1 137 ? 12.915  -12.878 -7.204  1.00 35.70 ? 138 VAL A CA  1 
ATOM   1085 C C   . VAL A 1 137 ? 12.474  -14.189 -6.566  1.00 28.81 ? 138 VAL A C   1 
ATOM   1086 O O   . VAL A 1 137 ? 11.838  -15.006 -7.219  1.00 32.74 ? 138 VAL A O   1 
ATOM   1087 C CB  . VAL A 1 137 ? 14.377  -12.961 -7.706  1.00 41.30 ? 138 VAL A CB  1 
ATOM   1088 C CG1 . VAL A 1 137 ? 14.761  -11.671 -8.417  1.00 48.37 ? 138 VAL A CG1 1 
ATOM   1089 C CG2 . VAL A 1 137 ? 15.326  -13.245 -6.560  1.00 50.34 ? 138 VAL A CG2 1 
ATOM   1090 N N   . ASP A 1 138 ? 12.786  -14.376 -5.285  1.00 31.47 ? 139 ASP A N   1 
ATOM   1091 C CA  . ASP A 1 138 ? 12.394  -15.584 -4.566  1.00 33.23 ? 139 ASP A CA  1 
ATOM   1092 C C   . ASP A 1 138 ? 10.878  -15.761 -4.508  1.00 33.81 ? 139 ASP A C   1 
ATOM   1093 O O   . ASP A 1 138 ? 10.368  -16.856 -4.725  1.00 26.15 ? 139 ASP A O   1 
ATOM   1094 C CB  . ASP A 1 138 ? 12.967  -15.586 -3.149  1.00 45.14 ? 139 ASP A CB  1 
ATOM   1095 C CG  . ASP A 1 138 ? 14.406  -16.066 -3.098  1.00 52.25 ? 139 ASP A CG  1 
ATOM   1096 O OD1 . ASP A 1 138 ? 15.106  -16.002 -4.133  1.00 50.16 ? 139 ASP A OD1 1 
ATOM   1097 O OD2 . ASP A 1 138 ? 14.836  -16.505 -2.013  1.00 51.67 ? 139 ASP A OD2 1 
ATOM   1098 N N   . ALA A 1 139 ? 10.162  -14.686 -4.198  1.00 29.54 ? 140 ALA A N   1 
ATOM   1099 C CA  . ALA A 1 139 ? 8.704   -14.721 -4.171  1.00 22.48 ? 140 ALA A CA  1 
ATOM   1100 C C   . ALA A 1 139 ? 8.139   -14.931 -5.574  1.00 20.71 ? 140 ALA A C   1 
ATOM   1101 O O   . ALA A 1 139 ? 7.116   -15.596 -5.750  1.00 24.83 ? 140 ALA A O   1 
ATOM   1102 C CB  . ALA A 1 139 ? 8.160   -13.426 -3.565  1.00 23.57 ? 140 ALA A CB  1 
ATOM   1103 N N   . SER A 1 140 ? 8.802   -14.351 -6.572  1.00 21.60 ? 141 SER A N   1 
ATOM   1104 C CA  . SER A 1 140 ? 8.381   -14.520 -7.958  1.00 25.85 ? 141 SER A CA  1 
ATOM   1105 C C   . SER A 1 140 ? 8.468   -15.996 -8.334  1.00 33.66 ? 141 SER A C   1 
ATOM   1106 O O   . SER A 1 140 ? 7.512   -16.576 -8.848  1.00 25.13 ? 141 SER A O   1 
ATOM   1107 C CB  . SER A 1 140 ? 9.262   -13.702 -8.896  1.00 28.94 ? 141 SER A CB  1 
ATOM   1108 O OG  . SER A 1 140 ? 9.083   -12.312 -8.677  1.00 39.56 ? 141 SER A OG  1 
ATOM   1109 N N   . LYS A 1 141 ? 9.620   -16.594 -8.055  1.00 29.00 ? 142 LYS A N   1 
ATOM   1110 C CA  . LYS A 1 141 ? 9.850   -17.996 -8.373  1.00 34.75 ? 142 LYS A CA  1 
ATOM   1111 C C   . LYS A 1 141 ? 8.888   -18.925 -7.638  1.00 30.47 ? 142 LYS A C   1 
ATOM   1112 O O   . LYS A 1 141 ? 8.378   -19.878 -8.222  1.00 28.33 ? 142 LYS A O   1 
ATOM   1113 C CB  . LYS A 1 141 ? 11.299  -18.391 -8.079  1.00 33.48 ? 142 LYS A CB  1 
ATOM   1114 C CG  . LYS A 1 141 ? 12.336  -17.671 -8.926  1.00 43.21 ? 142 LYS A CG  1 
ATOM   1115 C CD  . LYS A 1 141 ? 13.651  -18.441 -8.944  1.00 52.51 ? 142 LYS A CD  1 
ATOM   1116 C CE  . LYS A 1 141 ? 14.757  -17.664 -9.643  1.00 61.98 ? 142 LYS A CE  1 
ATOM   1117 N NZ  . LYS A 1 141 ? 15.381  -16.637 -8.760  1.00 65.90 ? 142 LYS A NZ  1 
ATOM   1118 N N   . MET A 1 142 ? 8.632   -18.657 -6.359  1.00 30.52 ? 143 MET A N   1 
ATOM   1119 C CA  . MET A 1 142 ? 7.755   -19.538 -5.592  1.00 27.87 ? 143 MET A CA  1 
ATOM   1120 C C   . MET A 1 142 ? 6.299   -19.443 -6.054  1.00 28.73 ? 143 MET A C   1 
ATOM   1121 O O   . MET A 1 142 ? 5.576   -20.446 -6.088  1.00 27.13 ? 143 MET A O   1 
ATOM   1122 C CB  . MET A 1 142 ? 7.870   -19.277 -4.084  1.00 25.35 ? 143 MET A CB  1 
ATOM   1123 C CG  . MET A 1 142 ? 7.170   -20.325 -3.236  1.00 29.76 ? 143 MET A CG  1 
ATOM   1124 S SD  . MET A 1 142 ? 7.287   -20.053 -1.458  1.00 37.48 ? 143 MET A SD  1 
ATOM   1125 C CE  . MET A 1 142 ? 9.055   -20.178 -1.197  1.00 33.40 ? 143 MET A CE  1 
ATOM   1126 N N   . TRP A 1 143 ? 5.875   -18.234 -6.408  1.00 29.57 ? 144 TRP A N   1 
ATOM   1127 C CA  . TRP A 1 143 ? 4.528   -18.012 -6.905  1.00 24.89 ? 144 TRP A CA  1 
ATOM   1128 C C   . TRP A 1 143 ? 4.323   -18.822 -8.179  1.00 26.15 ? 144 TRP A C   1 
ATOM   1129 O O   . TRP A 1 143 ? 3.221   -19.290 -8.468  1.00 31.48 ? 144 TRP A O   1 
ATOM   1130 C CB  . TRP A 1 143 ? 4.305   -16.526 -7.189  1.00 28.29 ? 144 TRP A CB  1 
ATOM   1131 C CG  . TRP A 1 143 ? 2.984   -16.248 -7.815  1.00 25.15 ? 144 TRP A CG  1 
ATOM   1132 C CD1 . TRP A 1 143 ? 2.741   -15.958 -9.129  1.00 29.61 ? 144 TRP A CD1 1 
ATOM   1133 C CD2 . TRP A 1 143 ? 1.713   -16.247 -7.163  1.00 28.44 ? 144 TRP A CD2 1 
ATOM   1134 N NE1 . TRP A 1 143 ? 1.396   -15.772 -9.330  1.00 33.04 ? 144 TRP A NE1 1 
ATOM   1135 C CE2 . TRP A 1 143 ? 0.741   -15.943 -8.134  1.00 32.50 ? 144 TRP A CE2 1 
ATOM   1136 C CE3 . TRP A 1 143 ? 1.301   -16.466 -5.843  1.00 33.96 ? 144 TRP A CE3 1 
ATOM   1137 C CZ2 . TRP A 1 143 ? -0.617  -15.856 -7.837  1.00 38.45 ? 144 TRP A CZ2 1 
ATOM   1138 C CZ3 . TRP A 1 143 ? -0.052  -16.375 -5.546  1.00 39.69 ? 144 TRP A CZ3 1 
ATOM   1139 C CH2 . TRP A 1 143 ? -0.993  -16.075 -6.540  1.00 32.96 ? 144 TRP A CH2 1 
ATOM   1140 N N   . ARG A 1 144 ? 5.405   -18.995 -8.925  1.00 28.78 ? 145 ARG A N   1 
ATOM   1141 C CA  . ARG A 1 144 ? 5.355   -19.686 -10.206 1.00 32.63 ? 145 ARG A CA  1 
ATOM   1142 C C   . ARG A 1 144 ? 5.501   -21.201 -10.054 1.00 33.54 ? 145 ARG A C   1 
ATOM   1143 O O   . ARG A 1 144 ? 4.787   -21.964 -10.698 1.00 31.90 ? 145 ARG A O   1 
ATOM   1144 C CB  . ARG A 1 144 ? 6.440   -19.130 -11.136 1.00 34.85 ? 145 ARG A CB  1 
ATOM   1145 C CG  . ARG A 1 144 ? 6.491   -19.764 -12.517 1.00 42.39 ? 145 ARG A CG  1 
ATOM   1146 C CD  . ARG A 1 144 ? 7.681   -19.227 -13.310 1.00 37.82 ? 145 ARG A CD  1 
ATOM   1147 N NE  . ARG A 1 144 ? 8.912   -19.258 -12.521 1.00 55.18 ? 145 ARG A NE  1 
ATOM   1148 C CZ  . ARG A 1 144 ? 9.789   -20.259 -12.538 1.00 56.56 ? 145 ARG A CZ  1 
ATOM   1149 N NH1 . ARG A 1 144 ? 9.575   -21.314 -13.313 1.00 69.96 ? 145 ARG A NH1 1 
ATOM   1150 N NH2 . ARG A 1 144 ? 10.882  -20.202 -11.785 1.00 40.41 ? 145 ARG A NH2 1 
ATOM   1151 N N   . ASP A 1 145 ? 6.415   -21.633 -9.191  1.00 31.78 ? 146 ASP A N   1 
ATOM   1152 C CA  . ASP A 1 145 ? 6.774   -23.050 -9.102  1.00 28.11 ? 146 ASP A CA  1 
ATOM   1153 C C   . ASP A 1 145 ? 6.146   -23.811 -7.933  1.00 36.33 ? 146 ASP A C   1 
ATOM   1154 O O   . ASP A 1 145 ? 6.026   -25.036 -7.980  1.00 30.25 ? 146 ASP A O   1 
ATOM   1155 C CB  . ASP A 1 145 ? 8.294   -23.202 -9.033  1.00 37.55 ? 146 ASP A CB  1 
ATOM   1156 C CG  . ASP A 1 145 ? 8.977   -22.754 -10.301 1.00 36.22 ? 146 ASP A CG  1 
ATOM   1157 O OD1 . ASP A 1 145 ? 8.275   -22.614 -11.326 1.00 34.21 ? 146 ASP A OD1 1 
ATOM   1158 O OD2 . ASP A 1 145 ? 10.211  -22.540 -10.274 1.00 37.93 ? 146 ASP A OD2 1 
ATOM   1159 N N   . ASP A 1 146 ? 5.762   -23.093 -6.882  1.00 33.78 ? 147 ASP A N   1 
ATOM   1160 C CA  . ASP A 1 146 ? 5.266   -23.736 -5.669  1.00 26.75 ? 147 ASP A CA  1 
ATOM   1161 C C   . ASP A 1 146 ? 4.204   -22.864 -5.010  1.00 29.50 ? 147 ASP A C   1 
ATOM   1162 O O   . ASP A 1 146 ? 4.357   -22.432 -3.869  1.00 33.84 ? 147 ASP A O   1 
ATOM   1163 C CB  . ASP A 1 146 ? 6.430   -23.985 -4.703  1.00 32.44 ? 147 ASP A CB  1 
ATOM   1164 C CG  . ASP A 1 146 ? 6.110   -25.024 -3.646  1.00 32.51 ? 147 ASP A CG  1 
ATOM   1165 O OD1 . ASP A 1 146 ? 4.958   -25.508 -3.591  1.00 32.34 ? 147 ASP A OD1 1 
ATOM   1166 O OD2 . ASP A 1 146 ? 7.022   -25.361 -2.860  1.00 33.16 ? 147 ASP A OD2 1 
ATOM   1167 N N   . ARG A 1 147 ? 3.133   -22.615 -5.753  1.00 29.41 ? 148 ARG A N   1 
ATOM   1168 C CA  . ARG A 1 147 ? 2.027   -21.779 -5.305  1.00 33.94 ? 148 ARG A CA  1 
ATOM   1169 C C   . ARG A 1 147 ? 1.542   -22.148 -3.903  1.00 37.09 ? 148 ARG A C   1 
ATOM   1170 O O   . ARG A 1 147 ? 1.361   -21.278 -3.049  1.00 32.48 ? 148 ARG A O   1 
ATOM   1171 C CB  . ARG A 1 147 ? 0.874   -21.882 -6.304  1.00 29.67 ? 148 ARG A CB  1 
ATOM   1172 C CG  . ARG A 1 147 ? -0.279  -20.933 -6.048  1.00 34.61 ? 148 ARG A CG  1 
ATOM   1173 C CD  . ARG A 1 147 ? 0.092   -19.498 -6.383  1.00 37.58 ? 148 ARG A CD  1 
ATOM   1174 N NE  . ARG A 1 147 ? 0.480   -19.315 -7.781  1.00 33.43 ? 148 ARG A NE  1 
ATOM   1175 C CZ  . ARG A 1 147 ? -0.370  -19.027 -8.763  1.00 40.79 ? 148 ARG A CZ  1 
ATOM   1176 N NH1 . ARG A 1 147 ? -1.664  -18.896 -8.503  1.00 48.14 ? 148 ARG A NH1 1 
ATOM   1177 N NH2 . ARG A 1 147 ? 0.071   -18.877 -10.005 1.00 37.06 ? 148 ARG A NH2 1 
ATOM   1178 N N   . GLU A 1 148 ? 1.341   -23.438 -3.661  1.00 36.84 ? 149 GLU A N   1 
ATOM   1179 C CA  . GLU A 1 148 ? 0.823   -23.887 -2.373  1.00 33.68 ? 149 GLU A CA  1 
ATOM   1180 C C   . GLU A 1 148 ? 1.740   -23.531 -1.198  1.00 36.42 ? 149 GLU A C   1 
ATOM   1181 O O   . GLU A 1 148 ? 1.262   -23.268 -0.091  1.00 36.91 ? 149 GLU A O   1 
ATOM   1182 C CB  . GLU A 1 148 ? 0.512   -25.387 -2.394  1.00 34.55 ? 149 GLU A CB  1 
ATOM   1183 C CG  . GLU A 1 148 ? -0.610  -25.770 -3.358  1.00 39.34 ? 149 GLU A CG  1 
ATOM   1184 C CD  . GLU A 1 148 ? -1.920  -25.049 -3.068  1.00 46.31 ? 149 GLU A CD  1 
ATOM   1185 O OE1 . GLU A 1 148 ? -2.143  -24.658 -1.905  1.00 59.07 ? 149 GLU A OE1 1 
ATOM   1186 O OE2 . GLU A 1 148 ? -2.733  -24.880 -4.003  1.00 40.06 ? 149 GLU A OE2 1 
ATOM   1187 N N   . GLN A 1 149 ? 3.051   -23.521 -1.426  1.00 24.76 ? 150 GLN A N   1 
ATOM   1188 C CA  . GLN A 1 149 ? 3.957   -23.085 -0.374  1.00 30.12 ? 150 GLN A CA  1 
ATOM   1189 C C   . GLN A 1 149 ? 3.843   -21.578 -0.204  1.00 28.14 ? 150 GLN A C   1 
ATOM   1190 O O   . GLN A 1 149 ? 3.899   -21.068 0.920   1.00 30.29 ? 150 GLN A O   1 
ATOM   1191 C CB  . GLN A 1 149 ? 5.409   -23.475 -0.647  1.00 25.23 ? 150 GLN A CB  1 
ATOM   1192 C CG  . GLN A 1 149 ? 6.358   -22.932 0.415   1.00 35.00 ? 150 GLN A CG  1 
ATOM   1193 C CD  . GLN A 1 149 ? 7.631   -23.737 0.568   1.00 55.88 ? 150 GLN A CD  1 
ATOM   1194 O OE1 . GLN A 1 149 ? 8.406   -23.516 1.500   1.00 54.82 ? 150 GLN A OE1 1 
ATOM   1195 N NE2 . GLN A 1 149 ? 7.856   -24.677 -0.346  1.00 69.18 ? 150 GLN A NE2 1 
ATOM   1196 N N   . PHE A 1 150 ? 3.668   -20.872 -1.317  1.00 25.66 ? 151 PHE A N   1 
ATOM   1197 C CA  . PHE A 1 150 ? 3.533   -19.415 -1.261  1.00 21.89 ? 151 PHE A CA  1 
ATOM   1198 C C   . PHE A 1 150 ? 2.374   -19.051 -0.346  1.00 28.37 ? 151 PHE A C   1 
ATOM   1199 O O   . PHE A 1 150 ? 2.467   -18.106 0.441   1.00 26.81 ? 151 PHE A O   1 
ATOM   1200 C CB  . PHE A 1 150 ? 3.309   -18.811 -2.645  1.00 25.31 ? 151 PHE A CB  1 
ATOM   1201 C CG  . PHE A 1 150 ? 3.200   -17.306 -2.635  1.00 26.77 ? 151 PHE A CG  1 
ATOM   1202 C CD1 . PHE A 1 150 ? 1.999   -16.684 -2.334  1.00 24.95 ? 151 PHE A CD1 1 
ATOM   1203 C CD2 . PHE A 1 150 ? 4.306   -16.517 -2.906  1.00 26.01 ? 151 PHE A CD2 1 
ATOM   1204 C CE1 . PHE A 1 150 ? 1.900   -15.297 -2.320  1.00 23.16 ? 151 PHE A CE1 1 
ATOM   1205 C CE2 . PHE A 1 150 ? 4.213   -15.136 -2.891  1.00 31.67 ? 151 PHE A CE2 1 
ATOM   1206 C CZ  . PHE A 1 150 ? 3.010   -14.524 -2.595  1.00 22.85 ? 151 PHE A CZ  1 
ATOM   1207 N N   . TYR A 1 151 ? 1.285   -19.811 -0.450  1.00 27.07 ? 152 TYR A N   1 
ATOM   1208 C CA  . TYR A 1 151 ? 0.107   -19.562 0.367   1.00 26.98 ? 152 TYR A CA  1 
ATOM   1209 C C   . TYR A 1 151 ? 0.428   -19.775 1.843   1.00 30.62 ? 152 TYR A C   1 
ATOM   1210 O O   . TYR A 1 151 ? -0.055  -19.033 2.701   1.00 29.39 ? 152 TYR A O   1 
ATOM   1211 C CB  . TYR A 1 151 ? -1.065  -20.451 -0.060  1.00 26.85 ? 152 TYR A CB  1 
ATOM   1212 C CG  . TYR A 1 151 ? -1.608  -20.167 -1.450  1.00 26.93 ? 152 TYR A CG  1 
ATOM   1213 C CD1 . TYR A 1 151 ? -1.623  -18.883 -1.965  1.00 28.09 ? 152 TYR A CD1 1 
ATOM   1214 C CD2 . TYR A 1 151 ? -2.131  -21.189 -2.233  1.00 42.10 ? 152 TYR A CD2 1 
ATOM   1215 C CE1 . TYR A 1 151 ? -2.127  -18.618 -3.223  1.00 33.78 ? 152 TYR A CE1 1 
ATOM   1216 C CE2 . TYR A 1 151 ? -2.641  -20.939 -3.495  1.00 44.78 ? 152 TYR A CE2 1 
ATOM   1217 C CZ  . TYR A 1 151 ? -2.637  -19.651 -3.985  1.00 41.68 ? 152 TYR A CZ  1 
ATOM   1218 O OH  . TYR A 1 151 ? -3.141  -19.392 -5.240  1.00 41.71 ? 152 TYR A OH  1 
ATOM   1219 N N   . LYS A 1 152 ? 1.248   -20.783 2.131   1.00 30.71 ? 153 LYS A N   1 
ATOM   1220 C CA  . LYS A 1 152 ? 1.687   -21.062 3.496   1.00 34.02 ? 153 LYS A CA  1 
ATOM   1221 C C   . LYS A 1 152 ? 2.464   -19.885 4.072   1.00 30.29 ? 153 LYS A C   1 
ATOM   1222 O O   . LYS A 1 152 ? 2.184   -19.428 5.182   1.00 28.80 ? 153 LYS A O   1 
ATOM   1223 C CB  . LYS A 1 152 ? 2.573   -22.309 3.539   1.00 35.42 ? 153 LYS A CB  1 
ATOM   1224 C CG  . LYS A 1 152 ? 2.002   -23.524 2.830   1.00 33.07 ? 153 LYS A CG  1 
ATOM   1225 C CD  . LYS A 1 152 ? 0.886   -24.168 3.623   1.00 46.04 ? 153 LYS A CD  1 
ATOM   1226 C CE  . LYS A 1 152 ? 0.137   -25.193 2.779   1.00 59.87 ? 153 LYS A CE  1 
ATOM   1227 N NZ  . LYS A 1 152 ? 1.048   -26.174 2.116   1.00 65.47 ? 153 LYS A NZ  1 
ATOM   1228 N N   . ILE A 1 153 ? 3.461   -19.419 3.321   1.00 27.30 ? 154 ILE A N   1 
ATOM   1229 C CA  . ILE A 1 153 ? 4.268   -18.275 3.724   1.00 31.53 ? 154 ILE A CA  1 
ATOM   1230 C C   . ILE A 1 153 ? 3.397   -17.036 3.939   1.00 29.69 ? 154 ILE A C   1 
ATOM   1231 O O   . ILE A 1 153 ? 3.636   -16.242 4.861   1.00 24.02 ? 154 ILE A O   1 
ATOM   1232 C CB  . ILE A 1 153 ? 5.345   -17.951 2.668   1.00 27.65 ? 154 ILE A CB  1 
ATOM   1233 C CG1 . ILE A 1 153 ? 6.249   -19.163 2.429   1.00 27.76 ? 154 ILE A CG1 1 
ATOM   1234 C CG2 . ILE A 1 153 ? 6.157   -16.743 3.087   1.00 27.80 ? 154 ILE A CG2 1 
ATOM   1235 C CD1 . ILE A 1 153 ? 6.902   -19.689 3.681   1.00 36.71 ? 154 ILE A CD1 1 
ATOM   1236 N N   . ALA A 1 154 ? 2.387   -16.879 3.088   1.00 23.62 ? 155 ALA A N   1 
ATOM   1237 C CA  . ALA A 1 154 ? 1.533   -15.699 3.126   1.00 27.24 ? 155 ALA A CA  1 
ATOM   1238 C C   . ALA A 1 154 ? 0.750   -15.643 4.439   1.00 24.97 ? 155 ALA A C   1 
ATOM   1239 O O   . ALA A 1 154 ? 0.639   -14.587 5.050   1.00 18.97 ? 155 ALA A O   1 
ATOM   1240 C CB  . ALA A 1 154 ? 0.590   -15.672 1.920   1.00 25.83 ? 155 ALA A CB  1 
ATOM   1241 N N   . LYS A 1 155 ? 0.232   -16.783 4.886   1.00 21.77 ? 156 LYS A N   1 
ATOM   1242 C CA  . LYS A 1 155 ? -0.467  -16.819 6.175   1.00 21.99 ? 156 LYS A CA  1 
ATOM   1243 C C   . LYS A 1 155 ? 0.454   -16.484 7.336   1.00 19.15 ? 156 LYS A C   1 
ATOM   1244 O O   . LYS A 1 155 ? 0.040   -15.837 8.297   1.00 22.23 ? 156 LYS A O   1 
ATOM   1245 C CB  . LYS A 1 155 ? -1.140  -18.174 6.415   1.00 25.49 ? 156 LYS A CB  1 
ATOM   1246 C CG  . LYS A 1 155 ? -2.112  -18.154 7.589   1.00 33.62 ? 156 LYS A CG  1 
ATOM   1247 C CD  . LYS A 1 155 ? -2.740  -19.518 7.831   1.00 36.30 ? 156 LYS A CD  1 
ATOM   1248 C CE  . LYS A 1 155 ? -3.846  -19.434 8.871   1.00 39.54 ? 156 LYS A CE  1 
ATOM   1249 N NZ  . LYS A 1 155 ? -4.723  -20.645 8.855   1.00 45.20 ? 156 LYS A NZ  1 
ATOM   1250 N N   . GLN A 1 156 ? 1.703   -16.932 7.254   1.00 22.46 ? 157 GLN A N   1 
ATOM   1251 C CA  . GLN A 1 156 ? 2.709   -16.538 8.236   1.00 18.69 ? 157 GLN A CA  1 
ATOM   1252 C C   . GLN A 1 156 ? 2.912   -15.020 8.226   1.00 24.28 ? 157 GLN A C   1 
ATOM   1253 O O   . GLN A 1 156 ? 3.047   -14.386 9.279   1.00 20.13 ? 157 GLN A O   1 
ATOM   1254 C CB  . GLN A 1 156 ? 4.044   -17.231 7.955   1.00 20.11 ? 157 GLN A CB  1 
ATOM   1255 C CG  . GLN A 1 156 ? 4.009   -18.748 8.102   1.00 28.68 ? 157 GLN A CG  1 
ATOM   1256 C CD  . GLN A 1 156 ? 5.335   -19.403 7.745   1.00 44.68 ? 157 GLN A CD  1 
ATOM   1257 O OE1 . GLN A 1 156 ? 6.147   -18.840 7.008   1.00 44.90 ? 157 GLN A OE1 1 
ATOM   1258 N NE2 . GLN A 1 156 ? 5.558   -20.602 8.267   1.00 46.51 ? 157 GLN A NE2 1 
ATOM   1259 N N   . ILE A 1 157 ? 2.955   -14.441 7.032   1.00 20.26 ? 158 ILE A N   1 
ATOM   1260 C CA  . ILE A 1 157 ? 3.130   -12.996 6.899   1.00 18.57 ? 158 ILE A CA  1 
ATOM   1261 C C   . ILE A 1 157 ? 1.950   -12.279 7.553   1.00 18.86 ? 158 ILE A C   1 
ATOM   1262 O O   . ILE A 1 157 ? 2.124   -11.276 8.251   1.00 21.24 ? 158 ILE A O   1 
ATOM   1263 C CB  . ILE A 1 157 ? 3.267   -12.579 5.411   1.00 19.49 ? 158 ILE A CB  1 
ATOM   1264 C CG1 . ILE A 1 157 ? 4.594   -13.096 4.846   1.00 20.35 ? 158 ILE A CG1 1 
ATOM   1265 C CG2 . ILE A 1 157 ? 3.186   -11.058 5.252   1.00 16.56 ? 158 ILE A CG2 1 
ATOM   1266 C CD1 . ILE A 1 157 ? 5.811   -12.409 5.429   1.00 22.99 ? 158 ILE A CD1 1 
ATOM   1267 N N   . VAL A 1 158 ? 0.748   -12.801 7.321   1.00 18.45 ? 159 VAL A N   1 
ATOM   1268 C CA  . VAL A 1 158 ? -0.449  -12.303 7.996   1.00 19.31 ? 159 VAL A CA  1 
ATOM   1269 C C   . VAL A 1 158 ? -0.319  -12.388 9.515   1.00 17.74 ? 159 VAL A C   1 
ATOM   1270 O O   . VAL A 1 158 ? -0.508  -11.389 10.217  1.00 17.45 ? 159 VAL A O   1 
ATOM   1271 C CB  . VAL A 1 158 ? -1.700  -13.083 7.555   1.00 18.38 ? 159 VAL A CB  1 
ATOM   1272 C CG1 . VAL A 1 158 ? -2.882  -12.779 8.454   1.00 16.77 ? 159 VAL A CG1 1 
ATOM   1273 C CG2 . VAL A 1 158 ? -2.036  -12.757 6.106   1.00 21.53 ? 159 VAL A CG2 1 
ATOM   1274 N N   . GLN A 1 159 ? -0.009  -13.577 10.028  1.00 20.76 ? 160 GLN A N   1 
ATOM   1275 C CA  . GLN A 1 159 ? 0.088   -13.764 11.478  1.00 22.80 ? 160 GLN A CA  1 
ATOM   1276 C C   . GLN A 1 159 ? 1.076   -12.792 12.092  1.00 23.99 ? 160 GLN A C   1 
ATOM   1277 O O   . GLN A 1 159 ? 0.814   -12.200 13.144  1.00 18.38 ? 160 GLN A O   1 
ATOM   1278 C CB  . GLN A 1 159 ? 0.503   -15.193 11.839  1.00 21.57 ? 160 GLN A CB  1 
ATOM   1279 C CG  . GLN A 1 159 ? -0.506  -16.264 11.485  1.00 30.89 ? 160 GLN A CG  1 
ATOM   1280 C CD  . GLN A 1 159 ? 0.002   -17.660 11.801  1.00 48.22 ? 160 GLN A CD  1 
ATOM   1281 O OE1 . GLN A 1 159 ? 1.203   -17.868 11.991  1.00 55.69 ? 160 GLN A OE1 1 
ATOM   1282 N NE2 . GLN A 1 159 ? -0.908  -18.625 11.854  1.00 40.40 ? 160 GLN A NE2 1 
ATOM   1283 N N   . LYS A 1 160 ? 2.222   -12.634 11.441  1.00 22.86 ? 161 LYS A N   1 
ATOM   1284 C CA  . LYS A 1 160 ? 3.239   -11.709 11.930  1.00 22.64 ? 161 LYS A CA  1 
ATOM   1285 C C   . LYS A 1 160 ? 2.721   -10.273 12.017  1.00 18.38 ? 161 LYS A C   1 
ATOM   1286 O O   . LYS A 1 160 ? 2.970   -9.582  13.002  1.00 22.57 ? 161 LYS A O   1 
ATOM   1287 C CB  . LYS A 1 160 ? 4.491   -11.771 11.056  1.00 21.36 ? 161 LYS A CB  1 
ATOM   1288 C CG  . LYS A 1 160 ? 5.332   -13.018 11.277  1.00 34.17 ? 161 LYS A CG  1 
ATOM   1289 C CD  . LYS A 1 160 ? 6.483   -13.080 10.282  1.00 47.95 ? 161 LYS A CD  1 
ATOM   1290 C CE  . LYS A 1 160 ? 7.297   -14.350 10.447  1.00 50.39 ? 161 LYS A CE  1 
ATOM   1291 N NZ  . LYS A 1 160 ? 8.294   -14.505 9.350   1.00 50.51 ? 161 LYS A NZ  1 
ATOM   1292 N N   . SER A 1 161 ? 1.995   -9.834  10.990  1.00 17.14 ? 162 SER A N   1 
ATOM   1293 C CA  . SER A 1 161 ? 1.473   -8.466  10.939  1.00 15.95 ? 162 SER A CA  1 
ATOM   1294 C C   . SER A 1 161 ? 0.436   -8.215  12.033  1.00 18.72 ? 162 SER A C   1 
ATOM   1295 O O   . SER A 1 161 ? 0.201   -7.068  12.424  1.00 17.98 ? 162 SER A O   1 
ATOM   1296 C CB  . SER A 1 161 ? 0.867   -8.154  9.568   1.00 14.72 ? 162 SER A CB  1 
ATOM   1297 O OG  . SER A 1 161 ? -0.429  -8.730  9.423   1.00 17.67 ? 162 SER A OG  1 
ATOM   1298 N N   . LEU A 1 162 ? -0.184  -9.291  12.512  1.00 17.84 ? 163 LEU A N   1 
ATOM   1299 C CA  . LEU A 1 162 ? -1.184  -9.195  13.577  1.00 21.54 ? 163 LEU A CA  1 
ATOM   1300 C C   . LEU A 1 162 ? -0.536  -9.369  14.951  1.00 20.56 ? 163 LEU A C   1 
ATOM   1301 O O   . LEU A 1 162 ? -1.188  -9.195  15.991  1.00 20.93 ? 163 LEU A O   1 
ATOM   1302 C CB  . LEU A 1 162 ? -2.304  -10.225 13.371  1.00 18.61 ? 163 LEU A CB  1 
ATOM   1303 C CG  . LEU A 1 162 ? -3.135  -10.140 12.089  1.00 19.71 ? 163 LEU A CG  1 
ATOM   1304 C CD1 . LEU A 1 162 ? -4.124  -11.315 12.012  1.00 20.16 ? 163 LEU A CD1 1 
ATOM   1305 C CD2 . LEU A 1 162 ? -3.863  -8.808  11.998  1.00 22.30 ? 163 LEU A CD2 1 
ATOM   1306 N N   . GLY A 1 163 ? 0.752   -9.704  14.947  1.00 18.84 ? 164 GLY A N   1 
ATOM   1307 C CA  . GLY A 1 163 ? 1.519   -9.886  16.169  1.00 22.18 ? 164 GLY A CA  1 
ATOM   1308 C C   . GLY A 1 163 ? 1.189   -11.196 16.856  1.00 22.94 ? 164 GLY A C   1 
ATOM   1309 O O   . GLY A 1 163 ? 1.572   -11.419 18.008  1.00 29.04 ? 164 GLY A O   1 
ATOM   1310 N N   . LEU A 1 164 ? 0.457   -12.057 16.154  1.00 21.01 ? 165 LEU A N   1 
ATOM   1311 C CA  . LEU A 1 164 ? 0.078   -13.364 16.683  1.00 28.95 ? 165 LEU A CA  1 
ATOM   1312 C C   . LEU A 1 164 ? 1.146   -14.410 16.384  1.00 43.40 ? 165 LEU A C   1 
ATOM   1313 O O   . LEU A 1 164 ? 1.247   -15.431 17.065  1.00 52.39 ? 165 LEU A O   1 
ATOM   1314 C CB  . LEU A 1 164 ? -1.267  -13.806 16.097  1.00 29.82 ? 165 LEU A CB  1 
ATOM   1315 C CG  . LEU A 1 164 ? -2.431  -12.848 16.342  1.00 26.29 ? 165 LEU A CG  1 
ATOM   1316 C CD1 . LEU A 1 164 ? -3.659  -13.272 15.547  1.00 29.69 ? 165 LEU A CD1 1 
ATOM   1317 C CD2 . LEU A 1 164 ? -2.744  -12.758 17.830  1.00 32.42 ? 165 LEU A CD2 1 
ATOM   1318 O OXT . LEU A 1 164 ? 1.934   -14.262 15.448  1.00 48.17 ? 165 LEU A OXT 1 
ATOM   1319 N N   . TRP B 2 1   ? -13.164 19.980  10.477  1.00 31.85 ? 573 TRP B N   1 
ATOM   1320 C CA  . TRP B 2 1   ? -12.344 19.423  11.545  1.00 34.55 ? 573 TRP B CA  1 
ATOM   1321 C C   . TRP B 2 1   ? -11.017 20.163  11.650  1.00 37.21 ? 573 TRP B C   1 
ATOM   1322 O O   . TRP B 2 1   ? -10.571 20.806  10.698  1.00 39.85 ? 573 TRP B O   1 
ATOM   1323 C CB  . TRP B 2 1   ? -12.074 17.934  11.306  1.00 38.30 ? 573 TRP B CB  1 
ATOM   1324 C CG  . TRP B 2 1   ? -13.275 17.052  11.451  1.00 49.92 ? 573 TRP B CG  1 
ATOM   1325 C CD1 . TRP B 2 1   ? -14.061 16.911  12.560  1.00 53.47 ? 573 TRP B CD1 1 
ATOM   1326 C CD2 . TRP B 2 1   ? -13.814 16.167  10.463  1.00 59.90 ? 573 TRP B CD2 1 
ATOM   1327 N NE1 . TRP B 2 1   ? -15.065 16.003  12.317  1.00 60.10 ? 573 TRP B NE1 1 
ATOM   1328 C CE2 . TRP B 2 1   ? -14.933 15.531  11.036  1.00 64.35 ? 573 TRP B CE2 1 
ATOM   1329 C CE3 . TRP B 2 1   ? -13.462 15.855  9.145   1.00 69.20 ? 573 TRP B CE3 1 
ATOM   1330 C CZ2 . TRP B 2 1   ? -15.703 14.601  10.340  1.00 73.41 ? 573 TRP B CZ2 1 
ATOM   1331 C CZ3 . TRP B 2 1   ? -14.227 14.931  8.454   1.00 75.75 ? 573 TRP B CZ3 1 
ATOM   1332 C CH2 . TRP B 2 1   ? -15.335 14.315  9.053   1.00 78.36 ? 573 TRP B CH2 1 
ATOM   1333 N N   . SER B 2 2   ? -10.387 20.058  12.812  1.00 30.53 ? 574 SER B N   1 
ATOM   1334 C CA  . SER B 2 2   ? -9.053  20.605  13.010  1.00 28.17 ? 574 SER B CA  1 
ATOM   1335 C C   . SER B 2 2   ? -8.020  19.527  12.708  1.00 24.03 ? 574 SER B C   1 
ATOM   1336 O O   . SER B 2 2   ? -8.362  18.347  12.568  1.00 20.56 ? 574 SER B O   1 
ATOM   1337 C CB  . SER B 2 2   ? -8.892  21.065  14.453  1.00 34.14 ? 574 SER B CB  1 
ATOM   1338 O OG  . SER B 2 2   ? -9.127  19.984  15.338  1.00 30.66 ? 574 SER B OG  1 
ATOM   1339 N N   . ALA B 2 3   ? -6.754  19.921  12.637  1.00 21.82 ? 575 ALA B N   1 
ATOM   1340 C CA  . ALA B 2 3   ? -5.684  18.959  12.413  1.00 26.47 ? 575 ALA B CA  1 
ATOM   1341 C C   . ALA B 2 3   ? -5.606  17.982  13.578  1.00 26.50 ? 575 ALA B C   1 
ATOM   1342 O O   . ALA B 2 3   ? -5.437  16.779  13.387  1.00 24.47 ? 575 ALA B O   1 
ATOM   1343 C CB  . ALA B 2 3   ? -4.364  19.663  12.227  1.00 21.58 ? 575 ALA B CB  1 
ATOM   1344 N N   . ASP B 2 4   ? -5.737  18.503  14.790  1.00 22.41 ? 576 ASP B N   1 
ATOM   1345 C CA  . ASP B 2 4   ? -5.716  17.647  15.973  1.00 23.66 ? 576 ASP B CA  1 
ATOM   1346 C C   . ASP B 2 4   ? -6.826  16.601  15.916  1.00 23.75 ? 576 ASP B C   1 
ATOM   1347 O O   . ASP B 2 4   ? -6.618  15.443  16.272  1.00 27.54 ? 576 ASP B O   1 
ATOM   1348 C CB  . ASP B 2 4   ? -5.855  18.490  17.237  1.00 28.75 ? 576 ASP B CB  1 
ATOM   1349 C CG  . ASP B 2 4   ? -5.650  17.677  18.495  1.00 30.30 ? 576 ASP B CG  1 
ATOM   1350 O OD1 . ASP B 2 4   ? -4.571  17.061  18.635  1.00 36.19 ? 576 ASP B OD1 1 
ATOM   1351 O OD2 . ASP B 2 4   ? -6.567  17.662  19.339  1.00 33.18 ? 576 ASP B OD2 1 
ATOM   1352 N N   . GLU B 2 5   ? -8.007  17.009  15.461  1.00 21.77 ? 577 GLU B N   1 
ATOM   1353 C CA  . GLU B 2 5   ? -9.126  16.089  15.336  1.00 23.67 ? 577 GLU B CA  1 
ATOM   1354 C C   . GLU B 2 5   ? -8.812  15.025  14.302  1.00 27.24 ? 577 GLU B C   1 
ATOM   1355 O O   . GLU B 2 5   ? -9.002  13.835  14.541  1.00 26.93 ? 577 GLU B O   1 
ATOM   1356 C CB  . GLU B 2 5   ? -10.398 16.832  14.945  1.00 28.46 ? 577 GLU B CB  1 
ATOM   1357 C CG  . GLU B 2 5   ? -11.164 17.395  16.129  1.00 38.18 ? 577 GLU B CG  1 
ATOM   1358 C CD  . GLU B 2 5   ? -12.398 18.169  15.708  1.00 51.10 ? 577 GLU B CD  1 
ATOM   1359 O OE1 . GLU B 2 5   ? -12.267 19.070  14.853  1.00 38.28 ? 577 GLU B OE1 1 
ATOM   1360 O OE2 . GLU B 2 5   ? -13.495 17.883  16.239  1.00 60.19 ? 577 GLU B OE2 1 
ATOM   1361 N N   . ARG B 2 6   ? -8.325  15.468  13.149  1.00 27.34 ? 578 ARG B N   1 
ATOM   1362 C CA  . ARG B 2 6   ? -7.981  14.559  12.063  1.00 27.12 ? 578 ARG B CA  1 
ATOM   1363 C C   . ARG B 2 6   ? -6.904  13.554  12.466  1.00 18.49 ? 578 ARG B C   1 
ATOM   1364 O O   . ARG B 2 6   ? -7.004  12.360  12.157  1.00 25.09 ? 578 ARG B O   1 
ATOM   1365 C CB  . ARG B 2 6   ? -7.554  15.358  10.826  1.00 22.99 ? 578 ARG B CB  1 
ATOM   1366 C CG  . ARG B 2 6   ? -8.730  15.968  10.068  1.00 27.79 ? 578 ARG B CG  1 
ATOM   1367 C CD  . ARG B 2 6   ? -8.331  16.475  8.695   1.00 28.10 ? 578 ARG B CD  1 
ATOM   1368 N NE  . ARG B 2 6   ? -7.432  17.615  8.802   1.00 29.67 ? 578 ARG B NE  1 
ATOM   1369 C CZ  . ARG B 2 6   ? -7.838  18.869  8.974   1.00 30.03 ? 578 ARG B CZ  1 
ATOM   1370 N NH1 . ARG B 2 6   ? -9.137  19.142  9.042   1.00 36.78 ? 578 ARG B NH1 1 
ATOM   1371 N NH2 . ARG B 2 6   ? -6.953  19.849  9.073   1.00 24.00 ? 578 ARG B NH2 1 
ATOM   1372 N N   . GLN B 2 7   ? -5.879  14.036  13.158  1.00 21.98 ? 579 GLN B N   1 
ATOM   1373 C CA  . GLN B 2 7   ? -4.763  13.190  13.544  1.00 28.09 ? 579 GLN B CA  1 
ATOM   1374 C C   . GLN B 2 7   ? -5.227  12.128  14.540  1.00 33.73 ? 579 GLN B C   1 
ATOM   1375 O O   . GLN B 2 7   ? -4.847  10.955  14.435  1.00 27.18 ? 579 GLN B O   1 
ATOM   1376 C CB  . GLN B 2 7   ? -3.606  14.035  14.084  1.00 27.07 ? 579 GLN B CB  1 
ATOM   1377 C CG  . GLN B 2 7   ? -2.936  14.879  12.988  1.00 35.95 ? 579 GLN B CG  1 
ATOM   1378 C CD  . GLN B 2 7   ? -2.039  15.987  13.517  1.00 45.16 ? 579 GLN B CD  1 
ATOM   1379 O OE1 . GLN B 2 7   ? -1.485  16.775  12.745  1.00 39.33 ? 579 GLN B OE1 1 
ATOM   1380 N NE2 . GLN B 2 7   ? -1.890  16.054  14.834  1.00 36.64 ? 579 GLN B NE2 1 
ATOM   1381 N N   . ARG B 2 8   ? -6.081  12.532  15.477  1.00 23.78 ? 580 ARG B N   1 
ATOM   1382 C CA  . ARG B 2 8   ? -6.646  11.592  16.438  1.00 28.64 ? 580 ARG B CA  1 
ATOM   1383 C C   . ARG B 2 8   ? -7.566  10.545  15.799  1.00 24.56 ? 580 ARG B C   1 
ATOM   1384 O O   . ARG B 2 8   ? -7.520  9.366   16.162  1.00 23.40 ? 580 ARG B O   1 
ATOM   1385 C CB  . ARG B 2 8   ? -7.373  12.341  17.557  1.00 35.48 ? 580 ARG B CB  1 
ATOM   1386 C CG  . ARG B 2 8   ? -6.439  12.988  18.556  1.00 45.76 ? 580 ARG B CG  1 
ATOM   1387 C CD  . ARG B 2 8   ? -7.181  13.469  19.797  1.00 59.80 ? 580 ARG B CD  1 
ATOM   1388 N NE  . ARG B 2 8   ? -7.704  14.825  19.648  1.00 67.17 ? 580 ARG B NE  1 
ATOM   1389 C CZ  . ARG B 2 8   ? -8.996  15.134  19.618  1.00 66.39 ? 580 ARG B CZ  1 
ATOM   1390 N NH1 . ARG B 2 8   ? -9.912  14.181  19.733  1.00 64.48 ? 580 ARG B NH1 1 
ATOM   1391 N NH2 . ARG B 2 8   ? -9.373  16.398  19.478  1.00 65.18 ? 580 ARG B NH2 1 
ATOM   1392 N N   . MET B 2 9   ? -8.398  10.976  14.856  1.00 27.76 ? 581 MET B N   1 
ATOM   1393 C CA  . MET B 2 9   ? -9.270  10.066  14.125  1.00 28.65 ? 581 MET B CA  1 
ATOM   1394 C C   . MET B 2 9   ? -8.439  9.060   13.327  1.00 29.80 ? 581 MET B C   1 
ATOM   1395 O O   . MET B 2 9   ? -8.795  7.886   13.223  1.00 24.15 ? 581 MET B O   1 
ATOM   1396 C CB  . MET B 2 9   ? -10.183 10.842  13.168  1.00 37.09 ? 581 MET B CB  1 
ATOM   1397 C CG  . MET B 2 9   ? -11.361 11.542  13.830  1.00 45.27 ? 581 MET B CG  1 
ATOM   1398 S SD  . MET B 2 9   ? -12.439 12.371  12.634  1.00 56.18 ? 581 MET B SD  1 
ATOM   1399 C CE  . MET B 2 9   ? -11.467 13.814  12.224  1.00 41.46 ? 581 MET B CE  1 
ATOM   1400 N N   . LEU B 2 10  ? -7.334  9.532   12.760  1.00 30.11 ? 582 LEU B N   1 
ATOM   1401 C CA  . LEU B 2 10  ? -6.465  8.679   11.961  1.00 22.03 ? 582 LEU B CA  1 
ATOM   1402 C C   . LEU B 2 10  ? -5.882  7.570   12.834  1.00 21.98 ? 582 LEU B C   1 
ATOM   1403 O O   . LEU B 2 10  ? -5.985  6.386   12.491  1.00 26.98 ? 582 LEU B O   1 
ATOM   1404 C CB  . LEU B 2 10  ? -5.352  9.499   11.305  1.00 21.30 ? 582 LEU B CB  1 
ATOM   1405 C CG  . LEU B 2 10  ? -4.625  8.863   10.119  1.00 23.54 ? 582 LEU B CG  1 
ATOM   1406 C CD1 . LEU B 2 10  ? -5.582  8.703   8.950   1.00 23.37 ? 582 LEU B CD1 1 
ATOM   1407 C CD2 . LEU B 2 10  ? -3.433  9.713   9.710   1.00 25.40 ? 582 LEU B CD2 1 
ATOM   1408 N N   . VAL B 2 11  ? -5.279  7.954   13.958  1.00 20.93 ? 583 VAL B N   1 
ATOM   1409 C CA  . VAL B 2 11  ? -4.712  6.998   14.901  1.00 27.45 ? 583 VAL B CA  1 
ATOM   1410 C C   . VAL B 2 11  ? -5.773  5.997   15.351  1.00 32.77 ? 583 VAL B C   1 
ATOM   1411 O O   . VAL B 2 11  ? -5.492  4.805   15.521  1.00 31.56 ? 583 VAL B O   1 
ATOM   1412 C CB  . VAL B 2 11  ? -4.112  7.708   16.145  1.00 24.63 ? 583 VAL B CB  1 
ATOM   1413 C CG1 . VAL B 2 11  ? -3.766  6.693   17.229  1.00 28.83 ? 583 VAL B CG1 1 
ATOM   1414 C CG2 . VAL B 2 11  ? -2.882  8.516   15.759  1.00 30.06 ? 583 VAL B CG2 1 
ATOM   1415 N N   . GLN B 2 12  ? -6.998  6.479   15.523  1.00 29.08 ? 584 GLN B N   1 
ATOM   1416 C CA  . GLN B 2 12  ? -8.112  5.617   15.909  1.00 31.42 ? 584 GLN B CA  1 
ATOM   1417 C C   . GLN B 2 12  ? -8.513  4.612   14.821  1.00 33.56 ? 584 GLN B C   1 
ATOM   1418 O O   . GLN B 2 12  ? -8.770  3.437   15.109  1.00 31.20 ? 584 GLN B O   1 
ATOM   1419 C CB  . GLN B 2 12  ? -9.323  6.457   16.321  1.00 36.33 ? 584 GLN B CB  1 
ATOM   1420 C CG  . GLN B 2 12  ? -10.593 5.649   16.524  1.00 37.17 ? 584 GLN B CG  1 
ATOM   1421 C CD  . GLN B 2 12  ? -11.683 6.436   17.229  1.00 54.16 ? 584 GLN B CD  1 
ATOM   1422 O OE1 . GLN B 2 12  ? -11.402 7.324   18.037  1.00 58.72 ? 584 GLN B OE1 1 
ATOM   1423 N NE2 . GLN B 2 12  ? -12.937 6.110   16.929  1.00 59.35 ? 584 GLN B NE2 1 
ATOM   1424 N N   . ARG B 2 13  ? -8.589  5.074   13.579  1.00 27.95 ? 585 ARG B N   1 
ATOM   1425 C CA  . ARG B 2 13  ? -8.905  4.190   12.465  1.00 27.39 ? 585 ARG B CA  1 
ATOM   1426 C C   . ARG B 2 13  ? -7.850  3.089   12.329  1.00 25.82 ? 585 ARG B C   1 
ATOM   1427 O O   . ARG B 2 13  ? -8.162  1.954   11.958  1.00 22.53 ? 585 ARG B O   1 
ATOM   1428 C CB  . ARG B 2 13  ? -9.006  4.974   11.151  1.00 31.70 ? 585 ARG B CB  1 
ATOM   1429 C CG  . ARG B 2 13  ? -10.296 5.762   10.950  1.00 27.65 ? 585 ARG B CG  1 
ATOM   1430 C CD  . ARG B 2 13  ? -10.534 6.009   9.459   1.00 31.99 ? 585 ARG B CD  1 
ATOM   1431 N NE  . ARG B 2 13  ? -10.845 4.766   8.753   1.00 45.57 ? 585 ARG B NE  1 
ATOM   1432 C CZ  . ARG B 2 13  ? -10.568 4.527   7.473   1.00 48.70 ? 585 ARG B CZ  1 
ATOM   1433 N NH1 . ARG B 2 13  ? -9.956  5.445   6.732   1.00 42.44 ? 585 ARG B NH1 1 
ATOM   1434 N NH2 . ARG B 2 13  ? -10.897 3.360   6.932   1.00 44.85 ? 585 ARG B NH2 1 
ATOM   1435 N N   . LYS B 2 14  ? -6.599  3.433   12.614  1.00 26.50 ? 586 LYS B N   1 
ATOM   1436 C CA  . LYS B 2 14  ? -5.503  2.479   12.487  1.00 20.64 ? 586 LYS B CA  1 
ATOM   1437 C C   . LYS B 2 14  ? -5.581  1.396   13.566  1.00 29.07 ? 586 LYS B C   1 
ATOM   1438 O O   . LYS B 2 14  ? -5.384  0.209   13.299  1.00 21.16 ? 586 LYS B O   1 
ATOM   1439 C CB  . LYS B 2 14  ? -4.162  3.213   12.530  1.00 19.42 ? 586 LYS B CB  1 
ATOM   1440 C CG  . LYS B 2 14  ? -3.929  4.094   11.292  1.00 15.40 ? 586 LYS B CG  1 
ATOM   1441 C CD  . LYS B 2 14  ? -2.643  4.891   11.376  1.00 31.22 ? 586 LYS B CD  1 
ATOM   1442 C CE  . LYS B 2 14  ? -1.429  3.992   11.466  1.00 43.80 ? 586 LYS B CE  1 
ATOM   1443 N NZ  . LYS B 2 14  ? -0.169  4.760   11.253  1.00 54.81 ? 586 LYS B NZ  1 
ATOM   1444 N N   . ASP B 2 15  ? -5.888  1.809   14.786  1.00 27.05 ? 587 ASP B N   1 
ATOM   1445 C CA  . ASP B 2 15  ? -6.010  0.858   15.882  1.00 23.62 ? 587 ASP B CA  1 
ATOM   1446 C C   . ASP B 2 15  ? -7.179  -0.073  15.626  1.00 28.87 ? 587 ASP B C   1 
ATOM   1447 O O   . ASP B 2 15  ? -7.105  -1.265  15.907  1.00 30.82 ? 587 ASP B O   1 
ATOM   1448 C CB  . ASP B 2 15  ? -6.217  1.593   17.205  1.00 26.96 ? 587 ASP B CB  1 
ATOM   1449 C CG  . ASP B 2 15  ? -5.003  2.384   17.630  1.00 38.49 ? 587 ASP B CG  1 
ATOM   1450 O OD1 . ASP B 2 15  ? -3.884  2.058   17.183  1.00 43.47 ? 587 ASP B OD1 1 
ATOM   1451 O OD2 . ASP B 2 15  ? -5.168  3.333   18.422  1.00 46.42 ? 587 ASP B OD2 1 
ATOM   1452 N N   . GLU B 2 16  ? -8.252  0.479   15.074  1.00 24.94 ? 588 GLU B N   1 
ATOM   1453 C CA  . GLU B 2 16  ? -9.485  -0.267  14.874  1.00 28.33 ? 588 GLU B CA  1 
ATOM   1454 C C   . GLU B 2 16  ? -9.394  -1.240  13.705  1.00 26.35 ? 588 GLU B C   1 
ATOM   1455 O O   . GLU B 2 16  ? -9.974  -2.327  13.740  1.00 24.55 ? 588 GLU B O   1 
ATOM   1456 C CB  . GLU B 2 16  ? -10.657 0.695   14.697  1.00 30.83 ? 588 GLU B CB  1 
ATOM   1457 C CG  . GLU B 2 16  ? -10.967 1.464   15.974  1.00 35.38 ? 588 GLU B CG  1 
ATOM   1458 C CD  . GLU B 2 16  ? -12.067 2.493   15.802  1.00 49.22 ? 588 GLU B CD  1 
ATOM   1459 O OE1 . GLU B 2 16  ? -12.616 2.610   14.684  1.00 49.47 ? 588 GLU B OE1 1 
ATOM   1460 O OE2 . GLU B 2 16  ? -12.380 3.185   16.795  1.00 46.36 ? 588 GLU B OE2 1 
ATOM   1461 N N   . LEU B 2 17  ? -8.662  -0.836  12.675  1.00 26.37 ? 589 LEU B N   1 
ATOM   1462 C CA  . LEU B 2 17  ? -8.368  -1.710  11.550  1.00 23.96 ? 589 LEU B CA  1 
ATOM   1463 C C   . LEU B 2 17  ? -7.667  -2.972  12.033  1.00 21.30 ? 589 LEU B C   1 
ATOM   1464 O O   . LEU B 2 17  ? -8.052  -4.081  11.669  1.00 27.32 ? 589 LEU B O   1 
ATOM   1465 C CB  . LEU B 2 17  ? -7.493  -0.983  10.520  1.00 21.83 ? 589 LEU B CB  1 
ATOM   1466 C CG  . LEU B 2 17  ? -7.190  -1.795  9.252   1.00 26.36 ? 589 LEU B CG  1 
ATOM   1467 C CD1 . LEU B 2 17  ? -8.476  -2.157  8.528   1.00 25.90 ? 589 LEU B CD1 1 
ATOM   1468 C CD2 . LEU B 2 17  ? -6.259  -1.040  8.324   1.00 24.68 ? 589 LEU B CD2 1 
ATOM   1469 N N   . LEU B 2 18  ? -6.633  -2.799  12.848  1.00 19.28 ? 590 LEU B N   1 
ATOM   1470 C CA  . LEU B 2 18  ? -5.884  -3.934  13.374  1.00 22.54 ? 590 LEU B CA  1 
ATOM   1471 C C   . LEU B 2 18  ? -6.751  -4.806  14.286  1.00 25.84 ? 590 LEU B C   1 
ATOM   1472 O O   . LEU B 2 18  ? -6.708  -6.035  14.220  1.00 19.73 ? 590 LEU B O   1 
ATOM   1473 C CB  . LEU B 2 18  ? -4.626  -3.464  14.104  1.00 22.77 ? 590 LEU B CB  1 
ATOM   1474 C CG  . LEU B 2 18  ? -3.799  -4.526  14.830  1.00 24.26 ? 590 LEU B CG  1 
ATOM   1475 C CD1 . LEU B 2 18  ? -3.372  -5.652  13.870  1.00 28.18 ? 590 LEU B CD1 1 
ATOM   1476 C CD2 . LEU B 2 18  ? -2.591  -3.882  15.500  1.00 24.42 ? 590 LEU B CD2 1 
ATOM   1477 N N   . GLN B 2 19  ? -7.550  -4.173  15.137  1.00 22.58 ? 591 GLN B N   1 
ATOM   1478 C CA  . GLN B 2 19  ? -8.403  -4.940  16.041  1.00 21.87 ? 591 GLN B CA  1 
ATOM   1479 C C   . GLN B 2 19  ? -9.449  -5.769  15.305  1.00 28.49 ? 591 GLN B C   1 
ATOM   1480 O O   . GLN B 2 19  ? -9.701  -6.912  15.660  1.00 30.50 ? 591 GLN B O   1 
ATOM   1481 C CB  . GLN B 2 19  ? -9.074  -4.025  17.057  1.00 31.22 ? 591 GLN B CB  1 
ATOM   1482 C CG  . GLN B 2 19  ? -8.194  -3.670  18.242  1.00 32.27 ? 591 GLN B CG  1 
ATOM   1483 C CD  . GLN B 2 19  ? -8.887  -2.712  19.190  1.00 36.11 ? 591 GLN B CD  1 
ATOM   1484 O OE1 . GLN B 2 19  ? -9.575  -1.788  18.754  1.00 36.46 ? 591 GLN B OE1 1 
ATOM   1485 N NE2 . GLN B 2 19  ? -8.715  -2.929  20.494  1.00 34.78 ? 591 GLN B NE2 1 
ATOM   1486 N N   . GLN B 2 20  ? -10.058 -5.214  14.266  1.00 27.80 ? 592 GLN B N   1 
ATOM   1487 C CA  A GLN B 2 20  ? -11.070 -5.959  13.533  0.55 30.82 ? 592 GLN B CA  1 
ATOM   1488 C CA  B GLN B 2 20  ? -11.069 -5.948  13.517  0.45 30.92 ? 592 GLN B CA  1 
ATOM   1489 C C   . GLN B 2 20  ? -10.455 -7.045  12.648  1.00 34.49 ? 592 GLN B C   1 
ATOM   1490 O O   . GLN B 2 20  ? -11.038 -8.114  12.473  1.00 27.18 ? 592 GLN B O   1 
ATOM   1491 C CB  A GLN B 2 20  ? -11.966 -5.030  12.717  0.55 33.68 ? 592 GLN B CB  1 
ATOM   1492 C CB  B GLN B 2 20  ? -11.913 -4.992  12.676  0.45 33.15 ? 592 GLN B CB  1 
ATOM   1493 C CG  A GLN B 2 20  ? -13.255 -5.696  12.259  0.55 35.89 ? 592 GLN B CG  1 
ATOM   1494 C CG  B GLN B 2 20  ? -12.793 -4.084  13.514  0.45 36.64 ? 592 GLN B CG  1 
ATOM   1495 C CD  A GLN B 2 20  ? -13.955 -6.439  13.384  0.55 40.77 ? 592 GLN B CD  1 
ATOM   1496 C CD  B GLN B 2 20  ? -13.679 -4.862  14.469  0.45 42.48 ? 592 GLN B CD  1 
ATOM   1497 O OE1 A GLN B 2 20  ? -14.299 -7.613  13.248  0.55 35.89 ? 592 GLN B OE1 1 
ATOM   1498 O OE1 B GLN B 2 20  ? -14.429 -5.749  14.056  0.45 45.61 ? 592 GLN B OE1 1 
ATOM   1499 N NE2 A GLN B 2 20  ? -14.158 -5.759  14.510  0.55 46.24 ? 592 GLN B NE2 1 
ATOM   1500 N NE2 B GLN B 2 20  ? -13.596 -4.534  15.751  0.45 39.91 ? 592 GLN B NE2 1 
ATOM   1501 N N   . ALA B 2 21  ? -9.274  -6.779  12.096  1.00 26.57 ? 593 ALA B N   1 
ATOM   1502 C CA  . ALA B 2 21  ? -8.597  -7.793  11.292  1.00 25.80 ? 593 ALA B CA  1 
ATOM   1503 C C   . ALA B 2 21  ? -8.256  -9.002  12.161  1.00 17.79 ? 593 ALA B C   1 
ATOM   1504 O O   . ALA B 2 21  ? -8.475  -10.149 11.756  1.00 21.98 ? 593 ALA B O   1 
ATOM   1505 C CB  . ALA B 2 21  ? -7.344  -7.225  10.647  1.00 19.73 ? 593 ALA B CB  1 
ATOM   1506 N N   . ARG B 2 22  ? -7.713  -8.744  13.348  1.00 18.86 ? 594 ARG B N   1 
ATOM   1507 C CA  . ARG B 2 22  ? -7.410  -9.813  14.301  1.00 24.67 ? 594 ARG B CA  1 
ATOM   1508 C C   . ARG B 2 22  ? -8.631  -10.658 14.606  1.00 26.20 ? 594 ARG B C   1 
ATOM   1509 O O   . ARG B 2 22  ? -8.551  -11.880 14.631  1.00 20.72 ? 594 ARG B O   1 
ATOM   1510 C CB  . ARG B 2 22  ? -6.895  -9.250  15.619  1.00 25.59 ? 594 ARG B CB  1 
ATOM   1511 C CG  . ARG B 2 22  ? -5.414  -9.264  15.746  1.00 24.09 ? 594 ARG B CG  1 
ATOM   1512 C CD  . ARG B 2 22  ? -4.985  -9.180  17.201  1.00 25.68 ? 594 ARG B CD  1 
ATOM   1513 N NE  . ARG B 2 22  ? -3.672  -8.560  17.252  1.00 25.69 ? 594 ARG B NE  1 
ATOM   1514 C CZ  . ARG B 2 22  ? -3.427  -7.337  17.705  1.00 19.16 ? 594 ARG B CZ  1 
ATOM   1515 N NH1 . ARG B 2 22  ? -4.405  -6.587  18.221  1.00 22.40 ? 594 ARG B NH1 1 
ATOM   1516 N NH2 . ARG B 2 22  ? -2.189  -6.878  17.669  1.00 16.28 ? 594 ARG B NH2 1 
ATOM   1517 N N   . LYS B 2 23  ? -9.752  -9.995  14.865  1.00 27.57 ? 595 LYS B N   1 
ATOM   1518 C CA  . LYS B 2 23  ? -11.006 -10.689 15.142  1.00 32.07 ? 595 LYS B CA  1 
ATOM   1519 C C   . LYS B 2 23  ? -11.426 -11.579 13.981  1.00 36.02 ? 595 LYS B C   1 
ATOM   1520 O O   . LYS B 2 23  ? -11.806 -12.736 14.173  1.00 31.82 ? 595 LYS B O   1 
ATOM   1521 C CB  . LYS B 2 23  ? -12.114 -9.687  15.459  1.00 33.73 ? 595 LYS B CB  1 
ATOM   1522 C CG  . LYS B 2 23  ? -13.471 -10.313 15.683  1.00 41.55 ? 595 LYS B CG  1 
ATOM   1523 C CD  . LYS B 2 23  ? -14.429 -9.318  16.310  1.00 51.02 ? 595 LYS B CD  1 
ATOM   1524 C CE  . LYS B 2 23  ? -15.751 -9.984  16.651  1.00 55.78 ? 595 LYS B CE  1 
ATOM   1525 N NZ  . LYS B 2 23  ? -16.539 -9.178  17.617  1.00 60.11 ? 595 LYS B NZ  1 
ATOM   1526 N N   . ARG B 2 24  ? -11.361 -11.041 12.771  1.00 32.76 ? 596 ARG B N   1 
ATOM   1527 C CA  . ARG B 2 24  ? -11.772 -11.808 11.606  1.00 33.65 ? 596 ARG B CA  1 
ATOM   1528 C C   . ARG B 2 24  ? -10.827 -12.983 11.346  1.00 28.69 ? 596 ARG B C   1 
ATOM   1529 O O   . ARG B 2 24  ? -11.261 -14.061 10.938  1.00 29.21 ? 596 ARG B O   1 
ATOM   1530 C CB  . ARG B 2 24  ? -11.915 -10.898 10.381  1.00 38.16 ? 596 ARG B CB  1 
ATOM   1531 C CG  . ARG B 2 24  ? -13.125 -9.974  10.484  1.00 38.50 ? 596 ARG B CG  1 
ATOM   1532 C CD  . ARG B 2 24  ? -13.150 -8.925  9.394   1.00 43.08 ? 596 ARG B CD  1 
ATOM   1533 N NE  . ARG B 2 24  ? -13.478 -9.488  8.089   1.00 51.57 ? 596 ARG B NE  1 
ATOM   1534 C CZ  . ARG B 2 24  ? -13.585 -8.765  6.979   1.00 61.24 ? 596 ARG B CZ  1 
ATOM   1535 N NH1 . ARG B 2 24  ? -13.389 -7.453  7.024   1.00 62.08 ? 596 ARG B NH1 1 
ATOM   1536 N NH2 . ARG B 2 24  ? -13.887 -9.351  5.827   1.00 63.01 ? 596 ARG B NH2 1 
ATOM   1537 N N   . PHE B 2 25  ? -9.542  -12.784 11.611  1.00 20.55 ? 597 PHE B N   1 
ATOM   1538 C CA  . PHE B 2 25  ? -8.559  -13.843 11.426  1.00 20.63 ? 597 PHE B CA  1 
ATOM   1539 C C   . PHE B 2 25  ? -8.788  -14.975 12.426  1.00 28.20 ? 597 PHE B C   1 
ATOM   1540 O O   . PHE B 2 25  ? -8.731  -16.159 12.066  1.00 23.61 ? 597 PHE B O   1 
ATOM   1541 C CB  . PHE B 2 25  ? -7.142  -13.283 11.561  1.00 20.06 ? 597 PHE B CB  1 
ATOM   1542 C CG  . PHE B 2 25  ? -6.063  -14.327 11.484  1.00 26.49 ? 597 PHE B CG  1 
ATOM   1543 C CD1 . PHE B 2 25  ? -5.593  -14.767 10.256  1.00 30.11 ? 597 PHE B CD1 1 
ATOM   1544 C CD2 . PHE B 2 25  ? -5.518  -14.862 12.636  1.00 24.90 ? 597 PHE B CD2 1 
ATOM   1545 C CE1 . PHE B 2 25  ? -4.597  -15.716 10.177  1.00 24.55 ? 597 PHE B CE1 1 
ATOM   1546 C CE2 . PHE B 2 25  ? -4.522  -15.814 12.569  1.00 30.48 ? 597 PHE B CE2 1 
ATOM   1547 C CZ  . PHE B 2 25  ? -4.058  -16.241 11.332  1.00 28.31 ? 597 PHE B CZ  1 
ATOM   1548 N N   . LEU B 2 26  ? -9.057  -14.603 13.678  1.00 27.25 ? 598 LEU B N   1 
ATOM   1549 C CA  . LEU B 2 26  ? -9.300  -15.574 14.748  1.00 26.41 ? 598 LEU B CA  1 
ATOM   1550 C C   . LEU B 2 26  ? -10.681 -16.232 14.647  1.00 34.25 ? 598 LEU B C   1 
ATOM   1551 O O   . LEU B 2 26  ? -10.857 -17.389 15.037  1.00 34.53 ? 598 LEU B O   1 
ATOM   1552 C CB  . LEU B 2 26  ? -9.137  -14.918 16.123  1.00 22.09 ? 598 LEU B CB  1 
ATOM   1553 C CG  . LEU B 2 26  ? -7.732  -14.431 16.500  1.00 24.67 ? 598 LEU B CG  1 
ATOM   1554 C CD1 . LEU B 2 26  ? -7.726  -13.752 17.867  1.00 25.47 ? 598 LEU B CD1 1 
ATOM   1555 C CD2 . LEU B 2 26  ? -6.743  -15.586 16.464  1.00 33.29 ? 598 LEU B CD2 1 
ATOM   1556 N N   . ASN B 2 27  ? -11.657 -15.488 14.139  1.00 28.99 ? 599 ASN B N   1 
ATOM   1557 C CA  A ASN B 2 27  ? -13.012 -15.995 13.948  0.51 35.72 ? 599 ASN B CA  1 
ATOM   1558 C CA  B ASN B 2 27  ? -13.002 -16.023 13.971  0.49 35.70 ? 599 ASN B CA  1 
ATOM   1559 C C   . ASN B 2 27  ? -13.062 -17.061 12.859  1.00 40.07 ? 599 ASN B C   1 
ATOM   1560 O O   . ASN B 2 27  ? -13.876 -17.980 12.905  1.00 49.87 ? 599 ASN B O   1 
ATOM   1561 C CB  A ASN B 2 27  ? -13.955 -14.843 13.597  0.51 36.90 ? 599 ASN B CB  1 
ATOM   1562 C CB  B ASN B 2 27  ? -14.011 -14.902 13.714  0.49 38.11 ? 599 ASN B CB  1 
ATOM   1563 C CG  A ASN B 2 27  ? -15.334 -15.317 13.190  0.51 37.21 ? 599 ASN B CG  1 
ATOM   1564 C CG  B ASN B 2 27  ? -14.240 -14.035 14.936  0.49 45.58 ? 599 ASN B CG  1 
ATOM   1565 O OD1 A ASN B 2 27  ? -15.956 -16.121 13.882  0.51 37.15 ? 599 ASN B OD1 1 
ATOM   1566 O OD1 B ASN B 2 27  ? -13.702 -14.303 16.011  0.49 50.42 ? 599 ASN B OD1 1 
ATOM   1567 N ND2 A ASN B 2 27  ? -15.824 -14.814 12.061  0.51 44.64 ? 599 ASN B ND2 1 
ATOM   1568 N ND2 B ASN B 2 27  ? -15.040 -12.985 14.777  0.49 46.81 ? 599 ASN B ND2 1 
ATOM   1569 N N   . LYS B 2 28  ? -12.185 -16.918 11.870  1.00 42.72 ? 600 LYS B N   1 
ATOM   1570 C CA  . LYS B 2 28  ? -12.119 -17.845 10.750  1.00 47.45 ? 600 LYS B CA  1 
ATOM   1571 C C   . LYS B 2 28  ? -11.417 -19.142 11.149  1.00 56.86 ? 600 LYS B C   1 
ATOM   1572 O O   . LYS B 2 28  ? -10.445 -19.136 11.909  1.00 60.01 ? 600 LYS B O   1 
ATOM   1573 C CB  . LYS B 2 28  ? -11.389 -17.194 9.576   1.00 51.98 ? 600 LYS B CB  1 
ATOM   1574 C CG  . LYS B 2 28  ? -11.317 -18.052 8.327   1.00 63.53 ? 600 LYS B CG  1 
ATOM   1575 C CD  . LYS B 2 28  ? -12.647 -18.071 7.594   1.00 71.89 ? 600 LYS B CD  1 
ATOM   1576 C CE  . LYS B 2 28  ? -12.543 -18.861 6.303   1.00 71.57 ? 600 LYS B CE  1 
ATOM   1577 N NZ  . LYS B 2 28  ? -11.378 -18.410 5.493   1.00 68.30 ? 600 LYS B NZ  1 
ATOM   1578 O OXT . LYS B 2 28  ? -11.804 -20.230 10.720  1.00 53.20 ? 600 LYS B OXT 1 
HETATM 1579 O O   . HOH C 3 .   ? 8.522   -9.335  -0.766  1.00 20.76 ? 801 HOH A O   1 
HETATM 1580 O O   . HOH C 3 .   ? 3.312   -9.800  1.576   1.00 26.04 ? 802 HOH A O   1 
HETATM 1581 O O   . HOH C 3 .   ? 7.376   2.895   -4.493  1.00 20.66 ? 803 HOH A O   1 
HETATM 1582 O O   . HOH C 3 .   ? 3.890   13.896  8.220   1.00 22.99 ? 804 HOH A O   1 
HETATM 1583 O O   . HOH C 3 .   ? 4.259   -9.196  8.229   1.00 22.91 ? 805 HOH A O   1 
HETATM 1584 O O   . HOH C 3 .   ? 9.313   16.155  -1.220  1.00 20.56 ? 806 HOH A O   1 
HETATM 1585 O O   . HOH C 3 .   ? 9.606   -7.661  1.146   1.00 24.46 ? 808 HOH A O   1 
HETATM 1586 O O   . HOH C 3 .   ? -4.311  13.825  10.429  1.00 27.23 ? 809 HOH A O   1 
HETATM 1587 O O   . HOH C 3 .   ? -6.428  1.869   -8.349  1.00 25.99 ? 810 HOH A O   1 
HETATM 1588 O O   . HOH C 3 .   ? 0.724   -4.629  11.416  1.00 22.06 ? 811 HOH A O   1 
HETATM 1589 O O   . HOH C 3 .   ? 9.832   15.341  4.187   1.00 23.17 ? 812 HOH A O   1 
HETATM 1590 O O   . HOH C 3 .   ? -6.500  9.922   -2.587  1.00 24.97 ? 813 HOH A O   1 
HETATM 1591 O O   . HOH C 3 .   ? 5.737   -8.186  10.324  1.00 26.75 ? 814 HOH A O   1 
HETATM 1592 O O   . HOH C 3 .   ? -1.329  6.350   -14.504 1.00 28.06 ? 816 HOH A O   1 
HETATM 1593 O O   . HOH C 3 .   ? 11.750  -1.106  7.510   1.00 44.81 ? 817 HOH A O   1 
HETATM 1594 O O   . HOH C 3 .   ? -5.460  3.100   -10.727 1.00 32.42 ? 818 HOH A O   1 
HETATM 1595 O O   . HOH C 3 .   ? 5.603   21.867  -4.040  1.00 34.83 ? 819 HOH A O   1 
HETATM 1596 O O   . HOH C 3 .   ? 3.763   -9.951  18.822  1.00 25.89 ? 820 HOH A O   1 
HETATM 1597 O O   . HOH C 3 .   ? 2.619   20.350  5.204   1.00 30.18 ? 821 HOH A O   1 
HETATM 1598 O O   . HOH C 3 .   ? 9.146   13.506  0.707   1.00 25.78 ? 822 HOH A O   1 
HETATM 1599 O O   . HOH C 3 .   ? 7.604   5.156   -6.595  1.00 33.69 ? 824 HOH A O   1 
HETATM 1600 O O   . HOH C 3 .   ? -4.858  -15.119 6.660   1.00 24.95 ? 825 HOH A O   1 
HETATM 1601 O O   . HOH C 3 .   ? -2.579  -3.924  -8.982  1.00 24.27 ? 827 HOH A O   1 
HETATM 1602 O O   . HOH C 3 .   ? 1.253   -20.999 7.107   1.00 29.27 ? 828 HOH A O   1 
HETATM 1603 O O   . HOH C 3 .   ? 9.248   11.066  -3.178  1.00 34.69 ? 829 HOH A O   1 
HETATM 1604 O O   . HOH C 3 .   ? 2.701   -26.078 -4.938  1.00 36.38 ? 830 HOH A O   1 
HETATM 1605 O O   . HOH C 3 .   ? 9.730   -12.570 3.508   1.00 40.52 ? 831 HOH A O   1 
HETATM 1606 O O   . HOH C 3 .   ? 3.627   1.511   12.232  1.00 46.53 ? 832 HOH A O   1 
HETATM 1607 O O   . HOH C 3 .   ? 4.248   23.226  7.854   1.00 25.02 ? 833 HOH A O   1 
HETATM 1608 O O   . HOH C 3 .   ? -12.292 -0.556  7.136   1.00 41.67 ? 835 HOH A O   1 
HETATM 1609 O O   . HOH C 3 .   ? -6.365  -19.729 11.688  1.00 49.47 ? 837 HOH A O   1 
HETATM 1610 O O   . HOH C 3 .   ? 6.005   13.741  9.835   1.00 30.75 ? 838 HOH A O   1 
HETATM 1611 O O   . HOH C 3 .   ? 8.825   2.325   -7.143  1.00 45.73 ? 840 HOH A O   1 
HETATM 1612 O O   . HOH C 3 .   ? 8.485   10.549  -7.822  1.00 32.10 ? 841 HOH A O   1 
HETATM 1613 O O   . HOH C 3 .   ? -4.859  -15.222 -3.270  1.00 40.76 ? 842 HOH A O   1 
HETATM 1614 O O   . HOH C 3 .   ? -8.404  11.584  9.545   1.00 29.42 ? 844 HOH A O   1 
HETATM 1615 O O   . HOH C 3 .   ? 8.388   5.825   1.441   1.00 36.28 ? 846 HOH A O   1 
HETATM 1616 O O   . HOH C 3 .   ? 12.046  -4.841  -11.131 1.00 45.64 ? 847 HOH A O   1 
HETATM 1617 O O   . HOH C 3 .   ? 9.875   -7.908  -14.547 1.00 62.16 ? 848 HOH A O   1 
HETATM 1618 O O   . HOH C 3 .   ? -12.279 -16.214 4.215   1.00 40.33 ? 849 HOH A O   1 
HETATM 1619 O O   . HOH C 3 .   ? -1.356  -24.026 0.500   1.00 39.39 ? 850 HOH A O   1 
HETATM 1620 O O   . HOH C 3 .   ? 6.317   23.743  13.126  1.00 46.70 ? 851 HOH A O   1 
HETATM 1621 O O   . HOH C 3 .   ? 11.115  15.982  -4.583  1.00 29.69 ? 852 HOH A O   1 
HETATM 1622 O O   . HOH C 3 .   ? -6.777  18.450  4.460   1.00 33.43 ? 853 HOH A O   1 
HETATM 1623 O O   . HOH C 3 .   ? -15.962 10.626  8.570   1.00 43.00 ? 854 HOH A O   1 
HETATM 1624 O O   . HOH C 3 .   ? -14.424 -12.513 -1.757  1.00 35.95 ? 855 HOH A O   1 
HETATM 1625 O O   . HOH C 3 .   ? 16.544  -0.830  -17.925 1.00 51.02 ? 856 HOH A O   1 
HETATM 1626 O O   . HOH C 3 .   ? -0.995  -15.936 19.295  1.00 34.73 ? 857 HOH A O   1 
HETATM 1627 O O   . HOH C 3 .   ? -6.564  22.011  -1.201  1.00 30.83 ? 858 HOH A O   1 
HETATM 1628 O O   . HOH C 3 .   ? -3.447  -6.511  -9.569  1.00 32.62 ? 860 HOH A O   1 
HETATM 1629 O O   . HOH C 3 .   ? -9.350  -2.312  0.700   1.00 36.33 ? 861 HOH A O   1 
HETATM 1630 O O   . HOH C 3 .   ? -1.651  12.755  11.533  1.00 44.37 ? 862 HOH A O   1 
HETATM 1631 O O   . HOH C 3 .   ? -14.275 2.668   6.346   1.00 39.60 ? 863 HOH A O   1 
HETATM 1632 O O   . HOH C 3 .   ? -0.384  -2.043  12.324  1.00 32.98 ? 865 HOH A O   1 
HETATM 1633 O O   . HOH C 3 .   ? -4.151  -10.781 -0.624  1.00 44.75 ? 868 HOH A O   1 
HETATM 1634 O O   . HOH C 3 .   ? 0.403   -1.070  -11.864 1.00 41.91 ? 869 HOH A O   1 
HETATM 1635 O O   . HOH C 3 .   ? -8.703  11.212  -1.808  1.00 33.73 ? 870 HOH A O   1 
HETATM 1636 O O   . HOH C 3 .   ? 8.541   9.705   6.334   1.00 32.04 ? 872 HOH A O   1 
HETATM 1637 O O   . HOH C 3 .   ? -6.932  -16.774 7.560   1.00 34.10 ? 873 HOH A O   1 
HETATM 1638 O O   . HOH C 3 .   ? 6.379   4.073   10.360  1.00 45.59 ? 874 HOH A O   1 
HETATM 1639 O O   . HOH C 3 .   ? 4.806   2.611   8.695   1.00 37.80 ? 875 HOH A O   1 
HETATM 1640 O O   . HOH C 3 .   ? 3.630   -16.774 14.644  1.00 48.19 ? 877 HOH A O   1 
HETATM 1641 O O   . HOH C 3 .   ? 10.069  -4.665  4.534   1.00 47.38 ? 878 HOH A O   1 
HETATM 1642 O O   . HOH C 3 .   ? 4.002   22.456  -6.217  1.00 34.32 ? 880 HOH A O   1 
HETATM 1643 O O   . HOH C 3 .   ? 15.491  -4.742  -1.646  1.00 43.09 ? 882 HOH A O   1 
HETATM 1644 O O   . HOH C 3 .   ? -7.483  7.670   5.380   1.00 30.45 ? 883 HOH A O   1 
HETATM 1645 O O   . HOH C 3 .   ? 15.025  -13.318 -2.860  1.00 59.75 ? 884 HOH A O   1 
HETATM 1646 O O   . HOH C 3 .   ? -9.000  -6.444  -7.339  1.00 34.69 ? 885 HOH A O   1 
HETATM 1647 O O   . HOH C 3 .   ? -8.759  -4.558  1.864   1.00 44.24 ? 887 HOH A O   1 
HETATM 1648 O O   . HOH C 3 .   ? -13.365 7.443   -4.513  1.00 51.70 ? 889 HOH A O   1 
HETATM 1649 O O   . HOH C 3 .   ? 4.027   -12.950 15.286  1.00 40.73 ? 890 HOH A O   1 
HETATM 1650 O O   . HOH C 3 .   ? 7.729   24.064  -5.048  1.00 41.17 ? 891 HOH A O   1 
HETATM 1651 O O   . HOH C 3 .   ? 9.979   2.899   -2.985  1.00 35.82 ? 893 HOH A O   1 
HETATM 1652 O O   . HOH C 3 .   ? -6.797  -18.920 14.406  1.00 36.84 ? 894 HOH A O   1 
HETATM 1653 O O   . HOH C 3 .   ? 7.453   -9.326  12.126  1.00 38.03 ? 896 HOH A O   1 
HETATM 1654 O O   . HOH C 3 .   ? 11.184  -0.525  -9.969  1.00 42.43 ? 897 HOH A O   1 
HETATM 1655 O O   . HOH C 3 .   ? 3.960   20.235  -7.212  1.00 34.86 ? 898 HOH A O   1 
HETATM 1656 O O   . HOH C 3 .   ? 3.548   29.246  -0.369  1.00 52.54 ? 899 HOH A O   1 
HETATM 1657 O O   . HOH C 3 .   ? 9.047   -14.857 5.043   1.00 37.98 ? 900 HOH A O   1 
HETATM 1658 O O   . HOH C 3 .   ? 9.906   -23.499 -15.513 1.00 40.98 ? 901 HOH A O   1 
HETATM 1659 O O   . HOH C 3 .   ? -3.407  21.666  8.969   1.00 32.89 ? 902 HOH A O   1 
HETATM 1660 O O   . HOH C 3 .   ? 16.461  -11.266 -0.869  1.00 60.46 ? 903 HOH A O   1 
HETATM 1661 O O   . HOH C 3 .   ? 11.648  -19.150 -4.568  1.00 43.98 ? 904 HOH A O   1 
HETATM 1662 O O   . HOH C 3 .   ? 12.488  10.268  -0.354  1.00 53.89 ? 905 HOH A O   1 
HETATM 1663 O O   . HOH C 3 .   ? -4.283  8.470   -17.566 1.00 48.03 ? 906 HOH A O   1 
HETATM 1664 O O   . HOH C 3 .   ? 13.886  5.828   -2.067  1.00 46.37 ? 908 HOH A O   1 
HETATM 1665 O O   . HOH C 3 .   ? -14.505 5.565   -0.966  1.00 51.47 ? 909 HOH A O   1 
HETATM 1666 O O   . HOH C 3 .   ? -0.560  9.662   12.385  1.00 45.45 ? 910 HOH A O   1 
HETATM 1667 O O   . HOH C 3 .   ? 9.595   1.563   -9.328  1.00 38.35 ? 912 HOH A O   1 
HETATM 1668 O O   . HOH C 3 .   ? -10.750 9.333   -1.707  1.00 49.22 ? 914 HOH A O   1 
HETATM 1669 O O   . HOH C 3 .   ? 7.597   12.129  -13.165 1.00 44.87 ? 915 HOH A O   1 
HETATM 1670 O O   . HOH C 3 .   ? 10.291  5.251   3.814   1.00 42.41 ? 916 HOH A O   1 
HETATM 1671 O O   . HOH C 3 .   ? 3.237   -4.534  11.209  1.00 31.85 ? 917 HOH A O   1 
HETATM 1672 O O   . HOH C 3 .   ? -14.950 8.108   -2.291  1.00 52.64 ? 918 HOH A O   1 
HETATM 1673 O O   . HOH C 3 .   ? 10.173  -7.691  3.959   1.00 37.13 ? 919 HOH A O   1 
HETATM 1674 O O   . HOH C 3 .   ? 2.530   -24.036 -8.376  1.00 33.42 ? 920 HOH A O   1 
HETATM 1675 O O   . HOH C 3 .   ? -3.094  -23.030 2.155   1.00 36.60 ? 921 HOH A O   1 
HETATM 1676 O O   . HOH C 3 .   ? -9.279  8.761   -5.839  1.00 48.67 ? 922 HOH A O   1 
HETATM 1677 O O   . HOH C 3 .   ? -4.144  -14.134 -8.065  1.00 38.00 ? 923 HOH A O   1 
HETATM 1678 O O   . HOH C 3 .   ? 3.686   -1.200  15.415  1.00 36.33 ? 924 HOH A O   1 
HETATM 1679 O O   . HOH C 3 .   ? 5.879   -0.868  11.121  1.00 40.05 ? 925 HOH A O   1 
HETATM 1680 O O   . HOH C 3 .   ? 12.459  -12.835 0.331   1.00 43.13 ? 926 HOH A O   1 
HETATM 1681 O O   . HOH C 3 .   ? 9.997   6.622   -10.795 1.00 55.50 ? 927 HOH A O   1 
HETATM 1682 O O   . HOH C 3 .   ? -10.403 -2.967  -1.640  1.00 48.08 ? 928 HOH A O   1 
HETATM 1683 O O   . HOH C 3 .   ? 4.541   -6.600  11.830  1.00 39.19 ? 929 HOH A O   1 
HETATM 1684 O O   . HOH C 3 .   ? 10.157  10.392  -5.557  1.00 47.14 ? 930 HOH A O   1 
HETATM 1685 O O   . HOH C 3 .   ? 18.150  -9.206  -0.404  1.00 57.75 ? 931 HOH A O   1 
HETATM 1686 O O   . HOH C 3 .   ? 4.701   -10.387 15.073  1.00 37.08 ? 932 HOH A O   1 
HETATM 1687 O O   . HOH C 3 .   ? -13.271 -14.050 -3.501  1.00 53.17 ? 933 HOH A O   1 
HETATM 1688 O O   . HOH C 3 .   ? 9.550   -10.337 10.784  1.00 55.32 ? 934 HOH A O   1 
HETATM 1689 O O   . HOH C 3 .   ? 12.425  -9.177  3.503   1.00 54.80 ? 935 HOH A O   1 
HETATM 1690 O O   . HOH C 3 .   ? 14.874  -10.852 -3.885  1.00 43.42 ? 936 HOH A O   1 
HETATM 1691 O O   . HOH C 3 .   ? 11.192  -15.461 8.852   1.00 52.71 ? 937 HOH A O   1 
HETATM 1692 O O   . HOH C 3 .   ? 0.231   22.471  6.908   1.00 59.54 ? 938 HOH A O   1 
HETATM 1693 O O   . HOH C 3 .   ? 12.898  4.034   0.234   1.00 42.82 ? 940 HOH A O   1 
HETATM 1694 O O   . HOH C 3 .   ? 9.539   -16.990 -14.981 1.00 41.85 ? 943 HOH A O   1 
HETATM 1695 O O   . HOH C 3 .   ? -3.895  -17.076 4.507   1.00 36.06 ? 944 HOH A O   1 
HETATM 1696 O O   . HOH C 3 .   ? -1.792  24.697  -7.688  1.00 62.44 ? 945 HOH A O   1 
HETATM 1697 O O   . HOH C 3 .   ? 5.895   -7.214  -20.954 1.00 43.80 ? 946 HOH A O   1 
HETATM 1698 O O   . HOH C 3 .   ? -7.262  -12.982 -6.377  1.00 50.74 ? 947 HOH A O   1 
HETATM 1699 O O   . HOH C 3 .   ? 12.070  5.268   -17.093 1.00 43.97 ? 949 HOH A O   1 
HETATM 1700 O O   . HOH C 3 .   ? 1.631   -10.791 -14.190 1.00 57.25 ? 950 HOH A O   1 
HETATM 1701 O O   . HOH C 3 .   ? 17.016  2.998   -20.639 1.00 53.97 ? 951 HOH A O   1 
HETATM 1702 O O   . HOH C 3 .   ? 1.510   19.553  14.204  1.00 48.36 ? 952 HOH A O   1 
HETATM 1703 O O   . HOH C 3 .   ? 6.593   5.702   -20.087 1.00 48.17 ? 953 HOH A O   1 
HETATM 1704 O O   . HOH C 3 .   ? -0.185  -1.442  -17.286 1.00 47.55 ? 954 HOH A O   1 
HETATM 1705 O O   . HOH C 3 .   ? 0.901   -14.616 -11.821 1.00 70.06 ? 955 HOH A O   1 
HETATM 1706 O O   . HOH C 3 .   ? 0.839   -1.486  -20.957 1.00 54.68 ? 956 HOH A O   1 
HETATM 1707 O O   . HOH C 3 .   ? -11.854 0.163   -0.247  1.00 46.85 ? 957 HOH A O   1 
HETATM 1708 O O   . HOH C 3 .   ? 3.747   -1.514  12.868  1.00 42.21 ? 958 HOH A O   1 
HETATM 1709 O O   . HOH C 3 .   ? 0.860   -25.794 -6.873  1.00 60.20 ? 959 HOH A O   1 
HETATM 1710 O O   . HOH C 3 .   ? 10.099  -16.782 3.649   1.00 54.91 ? 961 HOH A O   1 
HETATM 1711 O O   . HOH C 3 .   ? 10.465  -3.002  -12.080 1.00 51.88 ? 962 HOH A O   1 
HETATM 1712 O O   . HOH C 3 .   ? 7.199   2.044   -10.133 1.00 79.63 ? 963 HOH A O   1 
HETATM 1713 O O   . HOH D 3 .   ? -5.279  21.365  15.422  1.00 21.93 ? 807 HOH B O   1 
HETATM 1714 O O   . HOH D 3 .   ? -4.389  -1.952  17.898  1.00 29.20 ? 815 HOH B O   1 
HETATM 1715 O O   . HOH D 3 .   ? -5.724  22.787  12.969  1.00 23.52 ? 823 HOH B O   1 
HETATM 1716 O O   . HOH D 3 .   ? -2.646  20.567  15.664  1.00 24.61 ? 826 HOH B O   1 
HETATM 1717 O O   . HOH D 3 .   ? -8.445  -17.314 9.642   1.00 29.12 ? 834 HOH B O   1 
HETATM 1718 O O   . HOH D 3 .   ? -9.414  -7.741  18.135  1.00 29.34 ? 836 HOH B O   1 
HETATM 1719 O O   . HOH D 3 .   ? 1.220   2.741   9.721   1.00 44.46 ? 839 HOH B O   1 
HETATM 1720 O O   . HOH D 3 .   ? -10.618 1.627   10.801  1.00 29.35 ? 843 HOH B O   1 
HETATM 1721 O O   . HOH D 3 .   ? -11.977 8.184   13.465  1.00 35.03 ? 845 HOH B O   1 
HETATM 1722 O O   . HOH D 3 .   ? -10.195 20.380  17.826  1.00 38.22 ? 859 HOH B O   1 
HETATM 1723 O O   . HOH D 3 .   ? -12.265 -1.955  17.446  1.00 31.23 ? 864 HOH B O   1 
HETATM 1724 O O   . HOH D 3 .   ? -16.194 18.957  10.096  1.00 52.59 ? 866 HOH B O   1 
HETATM 1725 O O   . HOH D 3 .   ? -16.017 19.472  15.869  1.00 53.61 ? 867 HOH B O   1 
HETATM 1726 O O   . HOH D 3 .   ? -1.522  22.003  12.627  1.00 47.86 ? 871 HOH B O   1 
HETATM 1727 O O   . HOH D 3 .   ? -1.317  3.427   15.556  1.00 52.37 ? 876 HOH B O   1 
HETATM 1728 O O   . HOH D 3 .   ? -3.532  23.165  11.310  1.00 33.39 ? 879 HOH B O   1 
HETATM 1729 O O   . HOH D 3 .   ? -13.413 -14.235 9.533   1.00 37.91 ? 881 HOH B O   1 
HETATM 1730 O O   . HOH D 3 .   ? -5.058  14.679  21.358  1.00 61.95 ? 886 HOH B O   1 
HETATM 1731 O O   . HOH D 3 .   ? -13.004 2.332   11.762  1.00 44.28 ? 888 HOH B O   1 
HETATM 1732 O O   . HOH D 3 .   ? -11.075 17.640  6.881   1.00 49.67 ? 892 HOH B O   1 
HETATM 1733 O O   . HOH D 3 .   ? -14.344 -11.857 7.208   1.00 68.71 ? 895 HOH B O   1 
HETATM 1734 O O   . HOH D 3 .   ? -9.618  8.188   6.738   1.00 39.79 ? 907 HOH B O   1 
HETATM 1735 O O   . HOH D 3 .   ? -9.609  9.172   9.158   1.00 32.37 ? 911 HOH B O   1 
HETATM 1736 O O   . HOH D 3 .   ? -5.430  -1.481  20.384  1.00 32.52 ? 913 HOH B O   1 
HETATM 1737 O O   . HOH D 3 .   ? -11.722 -1.133  10.659  1.00 35.13 ? 939 HOH B O   1 
HETATM 1738 O O   . HOH D 3 .   ? -9.320  -22.137 9.937   1.00 54.69 ? 941 HOH B O   1 
HETATM 1739 O O   . HOH D 3 .   ? -13.173 7.727   10.942  1.00 52.23 ? 942 HOH B O   1 
HETATM 1740 O O   . HOH D 3 .   ? -1.079  19.438  13.396  1.00 42.32 ? 948 HOH B O   1 
HETATM 1741 O O   . HOH D 3 .   ? -0.527  1.550   13.901  1.00 56.63 ? 960 HOH B O   1 
# 
loop_
_pdbx_poly_seq_scheme.asym_id 
_pdbx_poly_seq_scheme.entity_id 
_pdbx_poly_seq_scheme.seq_id 
_pdbx_poly_seq_scheme.mon_id 
_pdbx_poly_seq_scheme.ndb_seq_num 
_pdbx_poly_seq_scheme.pdb_seq_num 
_pdbx_poly_seq_scheme.auth_seq_num 
_pdbx_poly_seq_scheme.pdb_mon_id 
_pdbx_poly_seq_scheme.auth_mon_id 
_pdbx_poly_seq_scheme.pdb_strand_id 
_pdbx_poly_seq_scheme.pdb_ins_code 
_pdbx_poly_seq_scheme.hetero 
A 1 1   ALA 1   2   2   ALA ALA A . n 
A 1 2   GLY 2   3   3   GLY GLY A . n 
A 1 3   THR 3   4   4   THR THR A . n 
A 1 4   ALA 4   5   5   ALA ALA A . n 
A 1 5   LEU 5   6   6   LEU LEU A . n 
A 1 6   LYS 6   7   7   LYS LYS A . n 
A 1 7   ARG 7   8   8   ARG ARG A . n 
A 1 8   LEU 8   9   9   LEU LEU A . n 
A 1 9   MET 9   10  10  MET MET A . n 
A 1 10  ALA 10  11  11  ALA ALA A . n 
A 1 11  GLU 11  12  12  GLU GLU A . n 
A 1 12  TYR 12  13  13  TYR TYR A . n 
A 1 13  LYS 13  14  14  LYS LYS A . n 
A 1 14  GLN 14  15  15  GLN GLN A . n 
A 1 15  LEU 15  16  16  LEU LEU A . n 
A 1 16  THR 16  17  17  THR THR A . n 
A 1 17  LEU 17  18  18  LEU LEU A . n 
A 1 18  ASN 18  19  19  ASN ASN A . n 
A 1 19  PRO 19  20  20  PRO PRO A . n 
A 1 20  PRO 20  21  21  PRO PRO A . n 
A 1 21  GLU 21  22  22  GLU GLU A . n 
A 1 22  GLY 22  23  23  GLY GLY A . n 
A 1 23  ILE 23  24  24  ILE ILE A . n 
A 1 24  VAL 24  25  25  VAL VAL A . n 
A 1 25  ALA 25  26  26  ALA ALA A . n 
A 1 26  GLY 26  27  27  GLY GLY A . n 
A 1 27  PRO 27  28  28  PRO PRO A . n 
A 1 28  MET 28  29  29  MET MET A . n 
A 1 29  ASN 29  30  30  ASN ASN A . n 
A 1 30  GLU 30  31  31  GLU GLU A . n 
A 1 31  GLU 31  32  32  GLU GLU A . n 
A 1 32  ASN 32  33  33  ASN ASN A . n 
A 1 33  PHE 33  34  34  PHE PHE A . n 
A 1 34  PHE 34  35  35  PHE PHE A . n 
A 1 35  GLU 35  36  36  GLU GLU A . n 
A 1 36  TRP 36  37  37  TRP TRP A . n 
A 1 37  GLU 37  38  38  GLU GLU A . n 
A 1 38  ALA 38  39  39  ALA ALA A . n 
A 1 39  LEU 39  40  40  LEU LEU A . n 
A 1 40  ILE 40  41  41  ILE ILE A . n 
A 1 41  MET 41  42  42  MET MET A . n 
A 1 42  GLY 42  43  43  GLY GLY A . n 
A 1 43  PRO 43  44  44  PRO PRO A . n 
A 1 44  GLU 44  45  45  GLU GLU A . n 
A 1 45  ASP 45  46  46  ASP ASP A . n 
A 1 46  THR 46  47  47  THR THR A . n 
A 1 47  CYS 47  48  48  CYS CYS A . n 
A 1 48  PHE 48  49  49  PHE PHE A . n 
A 1 49  GLU 49  50  50  GLU GLU A . n 
A 1 50  PHE 50  51  51  PHE PHE A . n 
A 1 51  GLY 51  52  52  GLY GLY A . n 
A 1 52  VAL 52  53  53  VAL VAL A . n 
A 1 53  PHE 53  54  54  PHE PHE A . n 
A 1 54  PRO 54  55  55  PRO PRO A . n 
A 1 55  ALA 55  56  56  ALA ALA A . n 
A 1 56  ILE 56  57  57  ILE ILE A . n 
A 1 57  LEU 57  58  58  LEU LEU A . n 
A 1 58  SER 58  59  59  SER SER A . n 
A 1 59  PHE 59  60  60  PHE PHE A . n 
A 1 60  PRO 60  61  61  PRO PRO A . n 
A 1 61  LEU 61  62  62  LEU LEU A . n 
A 1 62  ASP 62  63  63  ASP ASP A . n 
A 1 63  TYR 63  64  64  TYR TYR A . n 
A 1 64  PRO 64  65  65  PRO PRO A . n 
A 1 65  LEU 65  66  66  LEU LEU A . n 
A 1 66  SER 66  67  67  SER SER A . n 
A 1 67  PRO 67  68  68  PRO PRO A . n 
A 1 68  PRO 68  69  69  PRO PRO A . n 
A 1 69  LYS 69  70  70  LYS LYS A . n 
A 1 70  MET 70  71  71  MET MET A . n 
A 1 71  ARG 71  72  72  ARG ARG A . n 
A 1 72  PHE 72  73  73  PHE PHE A . n 
A 1 73  THR 73  74  74  THR THR A . n 
A 1 74  CYS 74  75  75  CYS CYS A . n 
A 1 75  GLU 75  76  76  GLU GLU A . n 
A 1 76  MET 76  77  77  MET MET A . n 
A 1 77  PHE 77  78  78  PHE PHE A . n 
A 1 78  HIS 78  79  79  HIS HIS A . n 
A 1 79  PRO 79  80  80  PRO PRO A . n 
A 1 80  ASN 80  81  81  ASN ASN A . n 
A 1 81  ILE 81  82  82  ILE ILE A . n 
A 1 82  TYR 82  83  83  TYR TYR A . n 
A 1 83  PRO 83  84  84  PRO PRO A . n 
A 1 84  ASP 84  85  85  ASP ASP A . n 
A 1 85  GLY 85  86  86  GLY GLY A . n 
A 1 86  ARG 86  87  87  ARG ARG A . n 
A 1 87  VAL 87  88  88  VAL VAL A . n 
A 1 88  CYS 88  89  89  CYS CYS A . n 
A 1 89  ILE 89  90  90  ILE ILE A . n 
A 1 90  SER 90  91  91  SER SER A . n 
A 1 91  ILE 91  92  92  ILE ILE A . n 
A 1 92  LEU 92  93  93  LEU LEU A . n 
A 1 93  HIS 93  94  94  HIS HIS A . n 
A 1 94  ALA 94  95  95  ALA ALA A . n 
A 1 95  PRO 95  96  96  PRO PRO A . n 
A 1 96  GLY 96  97  97  GLY GLY A . n 
A 1 97  ASP 97  98  98  ASP ASP A . n 
A 1 98  ASP 98  99  99  ASP ASP A . n 
A 1 99  PRO 99  100 100 PRO PRO A . n 
A 1 100 MET 100 101 101 MET MET A . n 
A 1 101 GLY 101 102 102 GLY GLY A . n 
A 1 102 TYR 102 103 103 TYR TYR A . n 
A 1 103 GLU 103 104 104 GLU GLU A . n 
A 1 104 SER 104 105 105 SER SER A . n 
A 1 105 SER 105 106 106 SER SER A . n 
A 1 106 ALA 106 107 107 ALA ALA A . n 
A 1 107 GLU 107 108 108 GLU GLU A . n 
A 1 108 ARG 108 109 109 ARG ARG A . n 
A 1 109 TRP 109 110 110 TRP TRP A . n 
A 1 110 SER 110 111 111 SER SER A . n 
A 1 111 PRO 111 112 112 PRO PRO A . n 
A 1 112 VAL 112 113 113 VAL VAL A . n 
A 1 113 GLN 113 114 114 GLN GLN A . n 
A 1 114 SER 114 115 115 SER SER A . n 
A 1 115 VAL 115 116 116 VAL VAL A . n 
A 1 116 GLU 116 117 117 GLU GLU A . n 
A 1 117 LYS 117 118 118 LYS LYS A . n 
A 1 118 ILE 118 119 119 ILE ILE A . n 
A 1 119 LEU 119 120 120 LEU LEU A . n 
A 1 120 LEU 120 121 121 LEU LEU A . n 
A 1 121 SER 121 122 122 SER SER A . n 
A 1 122 VAL 122 123 123 VAL VAL A . n 
A 1 123 VAL 123 124 124 VAL VAL A . n 
A 1 124 SER 124 125 125 SER SER A . n 
A 1 125 MET 125 126 126 MET MET A . n 
A 1 126 LEU 126 127 127 LEU LEU A . n 
A 1 127 ALA 127 128 128 ALA ALA A . n 
A 1 128 GLU 128 129 129 GLU GLU A . n 
A 1 129 PRO 129 130 130 PRO PRO A . n 
A 1 130 ASN 130 131 131 ASN ASN A . n 
A 1 131 ASP 131 132 132 ASP ASP A . n 
A 1 132 GLU 132 133 133 GLU GLU A . n 
A 1 133 SER 133 134 134 SER SER A . n 
A 1 134 GLY 134 135 135 GLY GLY A . n 
A 1 135 ALA 135 136 136 ALA ALA A . n 
A 1 136 ASN 136 137 137 ASN ASN A . n 
A 1 137 VAL 137 138 138 VAL VAL A . n 
A 1 138 ASP 138 139 139 ASP ASP A . n 
A 1 139 ALA 139 140 140 ALA ALA A . n 
A 1 140 SER 140 141 141 SER SER A . n 
A 1 141 LYS 141 142 142 LYS LYS A . n 
A 1 142 MET 142 143 143 MET MET A . n 
A 1 143 TRP 143 144 144 TRP TRP A . n 
A 1 144 ARG 144 145 145 ARG ARG A . n 
A 1 145 ASP 145 146 146 ASP ASP A . n 
A 1 146 ASP 146 147 147 ASP ASP A . n 
A 1 147 ARG 147 148 148 ARG ARG A . n 
A 1 148 GLU 148 149 149 GLU GLU A . n 
A 1 149 GLN 149 150 150 GLN GLN A . n 
A 1 150 PHE 150 151 151 PHE PHE A . n 
A 1 151 TYR 151 152 152 TYR TYR A . n 
A 1 152 LYS 152 153 153 LYS LYS A . n 
A 1 153 ILE 153 154 154 ILE ILE A . n 
A 1 154 ALA 154 155 155 ALA ALA A . n 
A 1 155 LYS 155 156 156 LYS LYS A . n 
A 1 156 GLN 156 157 157 GLN GLN A . n 
A 1 157 ILE 157 158 158 ILE ILE A . n 
A 1 158 VAL 158 159 159 VAL VAL A . n 
A 1 159 GLN 159 160 160 GLN GLN A . n 
A 1 160 LYS 160 161 161 LYS LYS A . n 
A 1 161 SER 161 162 162 SER SER A . n 
A 1 162 LEU 162 163 163 LEU LEU A . n 
A 1 163 GLY 163 164 164 GLY GLY A . n 
A 1 164 LEU 164 165 165 LEU LEU A . n 
B 2 1   TRP 1   573 573 TRP TRP B . n 
B 2 2   SER 2   574 574 SER SER B . n 
B 2 3   ALA 3   575 575 ALA ALA B . n 
B 2 4   ASP 4   576 576 ASP ASP B . n 
B 2 5   GLU 5   577 577 GLU GLU B . n 
B 2 6   ARG 6   578 578 ARG ARG B . n 
B 2 7   GLN 7   579 579 GLN GLN B . n 
B 2 8   ARG 8   580 580 ARG ARG B . n 
B 2 9   MET 9   581 581 MET MET B . n 
B 2 10  LEU 10  582 582 LEU LEU B . n 
B 2 11  VAL 11  583 583 VAL VAL B . n 
B 2 12  GLN 12  584 584 GLN GLN B . n 
B 2 13  ARG 13  585 585 ARG ARG B . n 
B 2 14  LYS 14  586 586 LYS LYS B . n 
B 2 15  ASP 15  587 587 ASP ASP B . n 
B 2 16  GLU 16  588 588 GLU GLU B . n 
B 2 17  LEU 17  589 589 LEU LEU B . n 
B 2 18  LEU 18  590 590 LEU LEU B . n 
B 2 19  GLN 19  591 591 GLN GLN B . n 
B 2 20  GLN 20  592 592 GLN GLN B . n 
B 2 21  ALA 21  593 593 ALA ALA B . n 
B 2 22  ARG 22  594 594 ARG ARG B . n 
B 2 23  LYS 23  595 595 LYS LYS B . n 
B 2 24  ARG 24  596 596 ARG ARG B . n 
B 2 25  PHE 25  597 597 PHE PHE B . n 
B 2 26  LEU 26  598 598 LEU LEU B . n 
B 2 27  ASN 27  599 599 ASN ASN B . n 
B 2 28  LYS 28  600 600 LYS LYS B . n 
# 
loop_
_pdbx_nonpoly_scheme.asym_id 
_pdbx_nonpoly_scheme.entity_id 
_pdbx_nonpoly_scheme.mon_id 
_pdbx_nonpoly_scheme.ndb_seq_num 
_pdbx_nonpoly_scheme.pdb_seq_num 
_pdbx_nonpoly_scheme.auth_seq_num 
_pdbx_nonpoly_scheme.pdb_mon_id 
_pdbx_nonpoly_scheme.auth_mon_id 
_pdbx_nonpoly_scheme.pdb_strand_id 
_pdbx_nonpoly_scheme.pdb_ins_code 
C 3 HOH 1   801 801 HOH HOH A . 
C 3 HOH 2   802 802 HOH HOH A . 
C 3 HOH 3   803 803 HOH HOH A . 
C 3 HOH 4   804 804 HOH HOH A . 
C 3 HOH 5   805 805 HOH HOH A . 
C 3 HOH 6   806 806 HOH HOH A . 
C 3 HOH 7   808 808 HOH HOH A . 
C 3 HOH 8   809 809 HOH HOH A . 
C 3 HOH 9   810 810 HOH HOH A . 
C 3 HOH 10  811 811 HOH HOH A . 
C 3 HOH 11  812 812 HOH HOH A . 
C 3 HOH 12  813 813 HOH HOH A . 
C 3 HOH 13  814 814 HOH HOH A . 
C 3 HOH 14  816 816 HOH HOH A . 
C 3 HOH 15  817 817 HOH HOH A . 
C 3 HOH 16  818 818 HOH HOH A . 
C 3 HOH 17  819 819 HOH HOH A . 
C 3 HOH 18  820 820 HOH HOH A . 
C 3 HOH 19  821 821 HOH HOH A . 
C 3 HOH 20  822 822 HOH HOH A . 
C 3 HOH 21  824 824 HOH HOH A . 
C 3 HOH 22  825 825 HOH HOH A . 
C 3 HOH 23  827 827 HOH HOH A . 
C 3 HOH 24  828 828 HOH HOH A . 
C 3 HOH 25  829 829 HOH HOH A . 
C 3 HOH 26  830 830 HOH HOH A . 
C 3 HOH 27  831 831 HOH HOH A . 
C 3 HOH 28  832 832 HOH HOH A . 
C 3 HOH 29  833 833 HOH HOH A . 
C 3 HOH 30  835 835 HOH HOH A . 
C 3 HOH 31  837 837 HOH HOH A . 
C 3 HOH 32  838 838 HOH HOH A . 
C 3 HOH 33  840 840 HOH HOH A . 
C 3 HOH 34  841 841 HOH HOH A . 
C 3 HOH 35  842 842 HOH HOH A . 
C 3 HOH 36  844 844 HOH HOH A . 
C 3 HOH 37  846 846 HOH HOH A . 
C 3 HOH 38  847 847 HOH HOH A . 
C 3 HOH 39  848 848 HOH HOH A . 
C 3 HOH 40  849 849 HOH HOH A . 
C 3 HOH 41  850 850 HOH HOH A . 
C 3 HOH 42  851 851 HOH HOH A . 
C 3 HOH 43  852 852 HOH HOH A . 
C 3 HOH 44  853 853 HOH HOH A . 
C 3 HOH 45  854 854 HOH HOH A . 
C 3 HOH 46  855 855 HOH HOH A . 
C 3 HOH 47  856 856 HOH HOH A . 
C 3 HOH 48  857 857 HOH HOH A . 
C 3 HOH 49  858 858 HOH HOH A . 
C 3 HOH 50  860 860 HOH HOH A . 
C 3 HOH 51  861 861 HOH HOH A . 
C 3 HOH 52  862 862 HOH HOH A . 
C 3 HOH 53  863 863 HOH HOH A . 
C 3 HOH 54  865 865 HOH HOH A . 
C 3 HOH 55  868 868 HOH HOH A . 
C 3 HOH 56  869 869 HOH HOH A . 
C 3 HOH 57  870 870 HOH HOH A . 
C 3 HOH 58  872 872 HOH HOH A . 
C 3 HOH 59  873 873 HOH HOH A . 
C 3 HOH 60  874 874 HOH HOH A . 
C 3 HOH 61  875 875 HOH HOH A . 
C 3 HOH 62  877 877 HOH HOH A . 
C 3 HOH 63  878 878 HOH HOH A . 
C 3 HOH 64  880 880 HOH HOH A . 
C 3 HOH 65  882 882 HOH HOH A . 
C 3 HOH 66  883 883 HOH HOH A . 
C 3 HOH 67  884 884 HOH HOH A . 
C 3 HOH 68  885 885 HOH HOH A . 
C 3 HOH 69  887 887 HOH HOH A . 
C 3 HOH 70  889 889 HOH HOH A . 
C 3 HOH 71  890 890 HOH HOH A . 
C 3 HOH 72  891 891 HOH HOH A . 
C 3 HOH 73  893 893 HOH HOH A . 
C 3 HOH 74  894 894 HOH HOH A . 
C 3 HOH 75  896 896 HOH HOH A . 
C 3 HOH 76  897 897 HOH HOH A . 
C 3 HOH 77  898 898 HOH HOH A . 
C 3 HOH 78  899 899 HOH HOH A . 
C 3 HOH 79  900 900 HOH HOH A . 
C 3 HOH 80  901 901 HOH HOH A . 
C 3 HOH 81  902 902 HOH HOH A . 
C 3 HOH 82  903 903 HOH HOH A . 
C 3 HOH 83  904 904 HOH HOH A . 
C 3 HOH 84  905 905 HOH HOH A . 
C 3 HOH 85  906 906 HOH HOH A . 
C 3 HOH 86  908 908 HOH HOH A . 
C 3 HOH 87  909 909 HOH HOH A . 
C 3 HOH 88  910 910 HOH HOH A . 
C 3 HOH 89  912 912 HOH HOH A . 
C 3 HOH 90  914 914 HOH HOH A . 
C 3 HOH 91  915 915 HOH HOH A . 
C 3 HOH 92  916 916 HOH HOH A . 
C 3 HOH 93  917 917 HOH HOH A . 
C 3 HOH 94  918 918 HOH HOH A . 
C 3 HOH 95  919 919 HOH HOH A . 
C 3 HOH 96  920 920 HOH HOH A . 
C 3 HOH 97  921 921 HOH HOH A . 
C 3 HOH 98  922 922 HOH HOH A . 
C 3 HOH 99  923 923 HOH HOH A . 
C 3 HOH 100 924 924 HOH HOH A . 
C 3 HOH 101 925 925 HOH HOH A . 
C 3 HOH 102 926 926 HOH HOH A . 
C 3 HOH 103 927 927 HOH HOH A . 
C 3 HOH 104 928 928 HOH HOH A . 
C 3 HOH 105 929 929 HOH HOH A . 
C 3 HOH 106 930 930 HOH HOH A . 
C 3 HOH 107 931 931 HOH HOH A . 
C 3 HOH 108 932 932 HOH HOH A . 
C 3 HOH 109 933 933 HOH HOH A . 
C 3 HOH 110 934 934 HOH HOH A . 
C 3 HOH 111 935 935 HOH HOH A . 
C 3 HOH 112 936 936 HOH HOH A . 
C 3 HOH 113 937 937 HOH HOH A . 
C 3 HOH 114 938 938 HOH HOH A . 
C 3 HOH 115 940 940 HOH HOH A . 
C 3 HOH 116 943 943 HOH HOH A . 
C 3 HOH 117 944 944 HOH HOH A . 
C 3 HOH 118 945 945 HOH HOH A . 
C 3 HOH 119 946 946 HOH HOH A . 
C 3 HOH 120 947 947 HOH HOH A . 
C 3 HOH 121 949 949 HOH HOH A . 
C 3 HOH 122 950 950 HOH HOH A . 
C 3 HOH 123 951 951 HOH HOH A . 
C 3 HOH 124 952 952 HOH HOH A . 
C 3 HOH 125 953 953 HOH HOH A . 
C 3 HOH 126 954 954 HOH HOH A . 
C 3 HOH 127 955 955 HOH HOH A . 
C 3 HOH 128 956 956 HOH HOH A . 
C 3 HOH 129 957 957 HOH HOH A . 
C 3 HOH 130 958 958 HOH HOH A . 
C 3 HOH 131 959 959 HOH HOH A . 
C 3 HOH 132 961 961 HOH HOH A . 
C 3 HOH 133 962 962 HOH HOH A . 
C 3 HOH 134 963 963 HOH HOH A . 
D 3 HOH 1   807 807 HOH HOH B . 
D 3 HOH 2   815 815 HOH HOH B . 
D 3 HOH 3   823 823 HOH HOH B . 
D 3 HOH 4   826 826 HOH HOH B . 
D 3 HOH 5   834 834 HOH HOH B . 
D 3 HOH 6   836 836 HOH HOH B . 
D 3 HOH 7   839 839 HOH HOH B . 
D 3 HOH 8   843 843 HOH HOH B . 
D 3 HOH 9   845 845 HOH HOH B . 
D 3 HOH 10  859 859 HOH HOH B . 
D 3 HOH 11  864 864 HOH HOH B . 
D 3 HOH 12  866 866 HOH HOH B . 
D 3 HOH 13  867 867 HOH HOH B . 
D 3 HOH 14  871 871 HOH HOH B . 
D 3 HOH 15  876 876 HOH HOH B . 
D 3 HOH 16  879 879 HOH HOH B . 
D 3 HOH 17  881 881 HOH HOH B . 
D 3 HOH 18  886 886 HOH HOH B . 
D 3 HOH 19  888 888 HOH HOH B . 
D 3 HOH 20  892 892 HOH HOH B . 
D 3 HOH 21  895 895 HOH HOH B . 
D 3 HOH 22  907 907 HOH HOH B . 
D 3 HOH 23  911 911 HOH HOH B . 
D 3 HOH 24  913 913 HOH HOH B . 
D 3 HOH 25  939 939 HOH HOH B . 
D 3 HOH 26  941 941 HOH HOH B . 
D 3 HOH 27  942 942 HOH HOH B . 
D 3 HOH 28  948 948 HOH HOH B . 
D 3 HOH 29  960 960 HOH HOH B . 
# 
_pdbx_struct_assembly.id                   1 
_pdbx_struct_assembly.details              author_and_software_defined_assembly 
_pdbx_struct_assembly.method_details       PISA 
_pdbx_struct_assembly.oligomeric_details   dimeric 
_pdbx_struct_assembly.oligomeric_count     2 
# 
_pdbx_struct_assembly_gen.assembly_id       1 
_pdbx_struct_assembly_gen.oper_expression   1 
_pdbx_struct_assembly_gen.asym_id_list      A,B,C,D 
# 
loop_
_pdbx_struct_assembly_prop.biol_id 
_pdbx_struct_assembly_prop.type 
_pdbx_struct_assembly_prop.value 
_pdbx_struct_assembly_prop.details 
1 'ABSA (A^2)' 1970  ? 
1 MORE         -12   ? 
1 'SSA (A^2)'  10300 ? 
# 
_pdbx_struct_oper_list.id                   1 
_pdbx_struct_oper_list.type                 'identity operation' 
_pdbx_struct_oper_list.name                 1_555 
_pdbx_struct_oper_list.symmetry_operation   x,y,z 
_pdbx_struct_oper_list.matrix[1][1]         1.0000000000 
_pdbx_struct_oper_list.matrix[1][2]         0.0000000000 
_pdbx_struct_oper_list.matrix[1][3]         0.0000000000 
_pdbx_struct_oper_list.vector[1]            0.0000000000 
_pdbx_struct_oper_list.matrix[2][1]         0.0000000000 
_pdbx_struct_oper_list.matrix[2][2]         1.0000000000 
_pdbx_struct_oper_list.matrix[2][3]         0.0000000000 
_pdbx_struct_oper_list.vector[2]            0.0000000000 
_pdbx_struct_oper_list.matrix[3][1]         0.0000000000 
_pdbx_struct_oper_list.matrix[3][2]         0.0000000000 
_pdbx_struct_oper_list.matrix[3][3]         1.0000000000 
_pdbx_struct_oper_list.vector[3]            0.0000000000 
# 
loop_
_pdbx_audit_revision_history.ordinal 
_pdbx_audit_revision_history.data_content_type 
_pdbx_audit_revision_history.major_revision 
_pdbx_audit_revision_history.minor_revision 
_pdbx_audit_revision_history.revision_date 
1 'Structure model' 1 0 2009-07-14 
2 'Structure model' 1 1 2011-07-13 
3 'Structure model' 1 2 2012-04-25 
4 'Structure model' 1 3 2017-11-01 
5 'Structure model' 1 4 2021-10-13 
6 'Structure model' 1 5 2023-08-30 
7 'Structure model' 1 6 2023-09-06 
# 
_pdbx_audit_revision_details.ordinal             1 
_pdbx_audit_revision_details.revision_ordinal    1 
_pdbx_audit_revision_details.data_content_type   'Structure model' 
_pdbx_audit_revision_details.provider            repository 
_pdbx_audit_revision_details.type                'Initial release' 
_pdbx_audit_revision_details.description         ? 
_pdbx_audit_revision_details.details             ? 
# 
loop_
_pdbx_audit_revision_group.ordinal 
_pdbx_audit_revision_group.revision_ordinal 
_pdbx_audit_revision_group.data_content_type 
_pdbx_audit_revision_group.group 
1 2 'Structure model' 'Version format compliance' 
2 3 'Structure model' 'Structure summary'         
3 4 'Structure model' 'Refinement description'    
4 5 'Structure model' 'Database references'       
5 6 'Structure model' 'Data collection'           
6 6 'Structure model' 'Database references'       
7 6 'Structure model' 'Structure summary'         
8 7 'Structure model' 'Refinement description'    
# 
loop_
_pdbx_audit_revision_category.ordinal 
_pdbx_audit_revision_category.revision_ordinal 
_pdbx_audit_revision_category.data_content_type 
_pdbx_audit_revision_category.category 
1 4 'Structure model' software                      
2 5 'Structure model' database_2                    
3 5 'Structure model' struct_ref_seq_dif            
4 6 'Structure model' audit_author                  
5 6 'Structure model' chem_comp_atom                
6 6 'Structure model' chem_comp_bond                
7 6 'Structure model' citation_author               
8 7 'Structure model' pdbx_initial_refinement_model 
# 
loop_
_pdbx_audit_revision_item.ordinal 
_pdbx_audit_revision_item.revision_ordinal 
_pdbx_audit_revision_item.data_content_type 
_pdbx_audit_revision_item.item 
1 5 'Structure model' '_database_2.pdbx_DOI'                
2 5 'Structure model' '_database_2.pdbx_database_accession' 
3 5 'Structure model' '_struct_ref_seq_dif.details'         
4 6 'Structure model' '_audit_author.identifier_ORCID'      
5 6 'Structure model' '_citation_author.identifier_ORCID'   
# 
_pdbx_phasing_MR.entry_id                     3H8K 
_pdbx_phasing_MR.method_rotation              ? 
_pdbx_phasing_MR.method_translation           ? 
_pdbx_phasing_MR.model_details                'Phaser MODE: MR_AUTO' 
_pdbx_phasing_MR.R_factor                     48.910 
_pdbx_phasing_MR.R_rigid_body                 ? 
_pdbx_phasing_MR.correlation_coeff_Fo_to_Fc   ? 
_pdbx_phasing_MR.correlation_coeff_Io_to_Ic   ? 
_pdbx_phasing_MR.d_res_high_rotation          2.500 
_pdbx_phasing_MR.d_res_low_rotation           43.050 
_pdbx_phasing_MR.d_res_high_translation       2.500 
_pdbx_phasing_MR.d_res_low_translation        43.050 
_pdbx_phasing_MR.packing                      ? 
_pdbx_phasing_MR.reflns_percent_rotation      ? 
_pdbx_phasing_MR.reflns_percent_translation   ? 
_pdbx_phasing_MR.sigma_F_rotation             ? 
_pdbx_phasing_MR.sigma_F_translation          ? 
_pdbx_phasing_MR.sigma_I_rotation             ? 
_pdbx_phasing_MR.sigma_I_translation          ? 
# 
_phasing.method   MR 
# 
loop_
_software.pdbx_ordinal 
_software.name 
_software.version 
_software.date 
_software.type 
_software.contact_author 
_software.contact_author_email 
_software.classification 
_software.location 
_software.language 
_software.citation_id 
1 DENZO       .     ?                          package 'Zbyszek Otwinowski' hkl@hkl-xray.com            'data reduction'  
http://www.hkl-xray.com/                    ?   ? 
2 SCALEPACK   .     ?                          package 'Zbyszek Otwinowski' hkl@hkl-xray.com            'data scaling'    
http://www.hkl-xray.com/                    ?   ? 
3 PHASER      2.1.1 'Thu Nov 22 16:35:27 2007' program 'Randy J. Read'      cimr-phaser@lists.cam.ac.uk phasing           
http://www-structmed.cimr.cam.ac.uk/phaser/ ?   ? 
4 PHENIX      .     ?                          package 'Paul D. Adams'      PDAdams@lbl.gov             refinement        
http://www.phenix-online.org/               C++ ? 
5 PDB_EXTRACT 3.005 'June 11, 2008'            package PDB                  help@deposit.rcsb.org       'data extraction' 
http://sw-tools.pdb.org/apps/PDB_EXTRACT/   C++ ? 
6 HKL-2000    .     ?                          ?       ?                    ?                           'data collection' ? ?   ? 
7 HKL-2000    .     ?                          ?       ?                    ?                           'data reduction'  ? ?   ? 
8 HKL-2000    .     ?                          ?       ?                    ?                           'data scaling'    ? ?   ? 
# 
loop_
_pdbx_validate_torsion.id 
_pdbx_validate_torsion.PDB_model_num 
_pdbx_validate_torsion.auth_comp_id 
_pdbx_validate_torsion.auth_asym_id 
_pdbx_validate_torsion.auth_seq_id 
_pdbx_validate_torsion.PDB_ins_code 
_pdbx_validate_torsion.label_alt_id 
_pdbx_validate_torsion.phi 
_pdbx_validate_torsion.psi 
1 1 ASP A 99  ? ? -175.45 92.91   
2 1 MET A 101 ? ? 47.71   28.98   
3 1 TYR A 103 ? ? -108.82 -61.07  
4 1 GLU A 104 ? ? -178.38 -179.50 
5 1 SER A 105 ? ? -66.23  96.84   
6 1 ALA A 107 ? ? -47.90  150.78  
7 1 PRO A 130 ? ? -43.72  90.90   
8 1 ASP A 132 ? ? -68.65  90.43   
9 1 ASP A 132 ? ? -67.74  89.38   
# 
loop_
_chem_comp_atom.comp_id 
_chem_comp_atom.atom_id 
_chem_comp_atom.type_symbol 
_chem_comp_atom.pdbx_aromatic_flag 
_chem_comp_atom.pdbx_stereo_config 
_chem_comp_atom.pdbx_ordinal 
ALA N    N N N 1   
ALA CA   C N S 2   
ALA C    C N N 3   
ALA O    O N N 4   
ALA CB   C N N 5   
ALA OXT  O N N 6   
ALA H    H N N 7   
ALA H2   H N N 8   
ALA HA   H N N 9   
ALA HB1  H N N 10  
ALA HB2  H N N 11  
ALA HB3  H N N 12  
ALA HXT  H N N 13  
ARG N    N N N 14  
ARG CA   C N S 15  
ARG C    C N N 16  
ARG O    O N N 17  
ARG CB   C N N 18  
ARG CG   C N N 19  
ARG CD   C N N 20  
ARG NE   N N N 21  
ARG CZ   C N N 22  
ARG NH1  N N N 23  
ARG NH2  N N N 24  
ARG OXT  O N N 25  
ARG H    H N N 26  
ARG H2   H N N 27  
ARG HA   H N N 28  
ARG HB2  H N N 29  
ARG HB3  H N N 30  
ARG HG2  H N N 31  
ARG HG3  H N N 32  
ARG HD2  H N N 33  
ARG HD3  H N N 34  
ARG HE   H N N 35  
ARG HH11 H N N 36  
ARG HH12 H N N 37  
ARG HH21 H N N 38  
ARG HH22 H N N 39  
ARG HXT  H N N 40  
ASN N    N N N 41  
ASN CA   C N S 42  
ASN C    C N N 43  
ASN O    O N N 44  
ASN CB   C N N 45  
ASN CG   C N N 46  
ASN OD1  O N N 47  
ASN ND2  N N N 48  
ASN OXT  O N N 49  
ASN H    H N N 50  
ASN H2   H N N 51  
ASN HA   H N N 52  
ASN HB2  H N N 53  
ASN HB3  H N N 54  
ASN HD21 H N N 55  
ASN HD22 H N N 56  
ASN HXT  H N N 57  
ASP N    N N N 58  
ASP CA   C N S 59  
ASP C    C N N 60  
ASP O    O N N 61  
ASP CB   C N N 62  
ASP CG   C N N 63  
ASP OD1  O N N 64  
ASP OD2  O N N 65  
ASP OXT  O N N 66  
ASP H    H N N 67  
ASP H2   H N N 68  
ASP HA   H N N 69  
ASP HB2  H N N 70  
ASP HB3  H N N 71  
ASP HD2  H N N 72  
ASP HXT  H N N 73  
CYS N    N N N 74  
CYS CA   C N R 75  
CYS C    C N N 76  
CYS O    O N N 77  
CYS CB   C N N 78  
CYS SG   S N N 79  
CYS OXT  O N N 80  
CYS H    H N N 81  
CYS H2   H N N 82  
CYS HA   H N N 83  
CYS HB2  H N N 84  
CYS HB3  H N N 85  
CYS HG   H N N 86  
CYS HXT  H N N 87  
GLN N    N N N 88  
GLN CA   C N S 89  
GLN C    C N N 90  
GLN O    O N N 91  
GLN CB   C N N 92  
GLN CG   C N N 93  
GLN CD   C N N 94  
GLN OE1  O N N 95  
GLN NE2  N N N 96  
GLN OXT  O N N 97  
GLN H    H N N 98  
GLN H2   H N N 99  
GLN HA   H N N 100 
GLN HB2  H N N 101 
GLN HB3  H N N 102 
GLN HG2  H N N 103 
GLN HG3  H N N 104 
GLN HE21 H N N 105 
GLN HE22 H N N 106 
GLN HXT  H N N 107 
GLU N    N N N 108 
GLU CA   C N S 109 
GLU C    C N N 110 
GLU O    O N N 111 
GLU CB   C N N 112 
GLU CG   C N N 113 
GLU CD   C N N 114 
GLU OE1  O N N 115 
GLU OE2  O N N 116 
GLU OXT  O N N 117 
GLU H    H N N 118 
GLU H2   H N N 119 
GLU HA   H N N 120 
GLU HB2  H N N 121 
GLU HB3  H N N 122 
GLU HG2  H N N 123 
GLU HG3  H N N 124 
GLU HE2  H N N 125 
GLU HXT  H N N 126 
GLY N    N N N 127 
GLY CA   C N N 128 
GLY C    C N N 129 
GLY O    O N N 130 
GLY OXT  O N N 131 
GLY H    H N N 132 
GLY H2   H N N 133 
GLY HA2  H N N 134 
GLY HA3  H N N 135 
GLY HXT  H N N 136 
HIS N    N N N 137 
HIS CA   C N S 138 
HIS C    C N N 139 
HIS O    O N N 140 
HIS CB   C N N 141 
HIS CG   C Y N 142 
HIS ND1  N Y N 143 
HIS CD2  C Y N 144 
HIS CE1  C Y N 145 
HIS NE2  N Y N 146 
HIS OXT  O N N 147 
HIS H    H N N 148 
HIS H2   H N N 149 
HIS HA   H N N 150 
HIS HB2  H N N 151 
HIS HB3  H N N 152 
HIS HD1  H N N 153 
HIS HD2  H N N 154 
HIS HE1  H N N 155 
HIS HE2  H N N 156 
HIS HXT  H N N 157 
HOH O    O N N 158 
HOH H1   H N N 159 
HOH H2   H N N 160 
ILE N    N N N 161 
ILE CA   C N S 162 
ILE C    C N N 163 
ILE O    O N N 164 
ILE CB   C N S 165 
ILE CG1  C N N 166 
ILE CG2  C N N 167 
ILE CD1  C N N 168 
ILE OXT  O N N 169 
ILE H    H N N 170 
ILE H2   H N N 171 
ILE HA   H N N 172 
ILE HB   H N N 173 
ILE HG12 H N N 174 
ILE HG13 H N N 175 
ILE HG21 H N N 176 
ILE HG22 H N N 177 
ILE HG23 H N N 178 
ILE HD11 H N N 179 
ILE HD12 H N N 180 
ILE HD13 H N N 181 
ILE HXT  H N N 182 
LEU N    N N N 183 
LEU CA   C N S 184 
LEU C    C N N 185 
LEU O    O N N 186 
LEU CB   C N N 187 
LEU CG   C N N 188 
LEU CD1  C N N 189 
LEU CD2  C N N 190 
LEU OXT  O N N 191 
LEU H    H N N 192 
LEU H2   H N N 193 
LEU HA   H N N 194 
LEU HB2  H N N 195 
LEU HB3  H N N 196 
LEU HG   H N N 197 
LEU HD11 H N N 198 
LEU HD12 H N N 199 
LEU HD13 H N N 200 
LEU HD21 H N N 201 
LEU HD22 H N N 202 
LEU HD23 H N N 203 
LEU HXT  H N N 204 
LYS N    N N N 205 
LYS CA   C N S 206 
LYS C    C N N 207 
LYS O    O N N 208 
LYS CB   C N N 209 
LYS CG   C N N 210 
LYS CD   C N N 211 
LYS CE   C N N 212 
LYS NZ   N N N 213 
LYS OXT  O N N 214 
LYS H    H N N 215 
LYS H2   H N N 216 
LYS HA   H N N 217 
LYS HB2  H N N 218 
LYS HB3  H N N 219 
LYS HG2  H N N 220 
LYS HG3  H N N 221 
LYS HD2  H N N 222 
LYS HD3  H N N 223 
LYS HE2  H N N 224 
LYS HE3  H N N 225 
LYS HZ1  H N N 226 
LYS HZ2  H N N 227 
LYS HZ3  H N N 228 
LYS HXT  H N N 229 
MET N    N N N 230 
MET CA   C N S 231 
MET C    C N N 232 
MET O    O N N 233 
MET CB   C N N 234 
MET CG   C N N 235 
MET SD   S N N 236 
MET CE   C N N 237 
MET OXT  O N N 238 
MET H    H N N 239 
MET H2   H N N 240 
MET HA   H N N 241 
MET HB2  H N N 242 
MET HB3  H N N 243 
MET HG2  H N N 244 
MET HG3  H N N 245 
MET HE1  H N N 246 
MET HE2  H N N 247 
MET HE3  H N N 248 
MET HXT  H N N 249 
PHE N    N N N 250 
PHE CA   C N S 251 
PHE C    C N N 252 
PHE O    O N N 253 
PHE CB   C N N 254 
PHE CG   C Y N 255 
PHE CD1  C Y N 256 
PHE CD2  C Y N 257 
PHE CE1  C Y N 258 
PHE CE2  C Y N 259 
PHE CZ   C Y N 260 
PHE OXT  O N N 261 
PHE H    H N N 262 
PHE H2   H N N 263 
PHE HA   H N N 264 
PHE HB2  H N N 265 
PHE HB3  H N N 266 
PHE HD1  H N N 267 
PHE HD2  H N N 268 
PHE HE1  H N N 269 
PHE HE2  H N N 270 
PHE HZ   H N N 271 
PHE HXT  H N N 272 
PRO N    N N N 273 
PRO CA   C N S 274 
PRO C    C N N 275 
PRO O    O N N 276 
PRO CB   C N N 277 
PRO CG   C N N 278 
PRO CD   C N N 279 
PRO OXT  O N N 280 
PRO H    H N N 281 
PRO HA   H N N 282 
PRO HB2  H N N 283 
PRO HB3  H N N 284 
PRO HG2  H N N 285 
PRO HG3  H N N 286 
PRO HD2  H N N 287 
PRO HD3  H N N 288 
PRO HXT  H N N 289 
SER N    N N N 290 
SER CA   C N S 291 
SER C    C N N 292 
SER O    O N N 293 
SER CB   C N N 294 
SER OG   O N N 295 
SER OXT  O N N 296 
SER H    H N N 297 
SER H2   H N N 298 
SER HA   H N N 299 
SER HB2  H N N 300 
SER HB3  H N N 301 
SER HG   H N N 302 
SER HXT  H N N 303 
THR N    N N N 304 
THR CA   C N S 305 
THR C    C N N 306 
THR O    O N N 307 
THR CB   C N R 308 
THR OG1  O N N 309 
THR CG2  C N N 310 
THR OXT  O N N 311 
THR H    H N N 312 
THR H2   H N N 313 
THR HA   H N N 314 
THR HB   H N N 315 
THR HG1  H N N 316 
THR HG21 H N N 317 
THR HG22 H N N 318 
THR HG23 H N N 319 
THR HXT  H N N 320 
TRP N    N N N 321 
TRP CA   C N S 322 
TRP C    C N N 323 
TRP O    O N N 324 
TRP CB   C N N 325 
TRP CG   C Y N 326 
TRP CD1  C Y N 327 
TRP CD2  C Y N 328 
TRP NE1  N Y N 329 
TRP CE2  C Y N 330 
TRP CE3  C Y N 331 
TRP CZ2  C Y N 332 
TRP CZ3  C Y N 333 
TRP CH2  C Y N 334 
TRP OXT  O N N 335 
TRP H    H N N 336 
TRP H2   H N N 337 
TRP HA   H N N 338 
TRP HB2  H N N 339 
TRP HB3  H N N 340 
TRP HD1  H N N 341 
TRP HE1  H N N 342 
TRP HE3  H N N 343 
TRP HZ2  H N N 344 
TRP HZ3  H N N 345 
TRP HH2  H N N 346 
TRP HXT  H N N 347 
TYR N    N N N 348 
TYR CA   C N S 349 
TYR C    C N N 350 
TYR O    O N N 351 
TYR CB   C N N 352 
TYR CG   C Y N 353 
TYR CD1  C Y N 354 
TYR CD2  C Y N 355 
TYR CE1  C Y N 356 
TYR CE2  C Y N 357 
TYR CZ   C Y N 358 
TYR OH   O N N 359 
TYR OXT  O N N 360 
TYR H    H N N 361 
TYR H2   H N N 362 
TYR HA   H N N 363 
TYR HB2  H N N 364 
TYR HB3  H N N 365 
TYR HD1  H N N 366 
TYR HD2  H N N 367 
TYR HE1  H N N 368 
TYR HE2  H N N 369 
TYR HH   H N N 370 
TYR HXT  H N N 371 
VAL N    N N N 372 
VAL CA   C N S 373 
VAL C    C N N 374 
VAL O    O N N 375 
VAL CB   C N N 376 
VAL CG1  C N N 377 
VAL CG2  C N N 378 
VAL OXT  O N N 379 
VAL H    H N N 380 
VAL H2   H N N 381 
VAL HA   H N N 382 
VAL HB   H N N 383 
VAL HG11 H N N 384 
VAL HG12 H N N 385 
VAL HG13 H N N 386 
VAL HG21 H N N 387 
VAL HG22 H N N 388 
VAL HG23 H N N 389 
VAL HXT  H N N 390 
# 
loop_
_chem_comp_bond.comp_id 
_chem_comp_bond.atom_id_1 
_chem_comp_bond.atom_id_2 
_chem_comp_bond.value_order 
_chem_comp_bond.pdbx_aromatic_flag 
_chem_comp_bond.pdbx_stereo_config 
_chem_comp_bond.pdbx_ordinal 
ALA N   CA   sing N N 1   
ALA N   H    sing N N 2   
ALA N   H2   sing N N 3   
ALA CA  C    sing N N 4   
ALA CA  CB   sing N N 5   
ALA CA  HA   sing N N 6   
ALA C   O    doub N N 7   
ALA C   OXT  sing N N 8   
ALA CB  HB1  sing N N 9   
ALA CB  HB2  sing N N 10  
ALA CB  HB3  sing N N 11  
ALA OXT HXT  sing N N 12  
ARG N   CA   sing N N 13  
ARG N   H    sing N N 14  
ARG N   H2   sing N N 15  
ARG CA  C    sing N N 16  
ARG CA  CB   sing N N 17  
ARG CA  HA   sing N N 18  
ARG C   O    doub N N 19  
ARG C   OXT  sing N N 20  
ARG CB  CG   sing N N 21  
ARG CB  HB2  sing N N 22  
ARG CB  HB3  sing N N 23  
ARG CG  CD   sing N N 24  
ARG CG  HG2  sing N N 25  
ARG CG  HG3  sing N N 26  
ARG CD  NE   sing N N 27  
ARG CD  HD2  sing N N 28  
ARG CD  HD3  sing N N 29  
ARG NE  CZ   sing N N 30  
ARG NE  HE   sing N N 31  
ARG CZ  NH1  sing N N 32  
ARG CZ  NH2  doub N N 33  
ARG NH1 HH11 sing N N 34  
ARG NH1 HH12 sing N N 35  
ARG NH2 HH21 sing N N 36  
ARG NH2 HH22 sing N N 37  
ARG OXT HXT  sing N N 38  
ASN N   CA   sing N N 39  
ASN N   H    sing N N 40  
ASN N   H2   sing N N 41  
ASN CA  C    sing N N 42  
ASN CA  CB   sing N N 43  
ASN CA  HA   sing N N 44  
ASN C   O    doub N N 45  
ASN C   OXT  sing N N 46  
ASN CB  CG   sing N N 47  
ASN CB  HB2  sing N N 48  
ASN CB  HB3  sing N N 49  
ASN CG  OD1  doub N N 50  
ASN CG  ND2  sing N N 51  
ASN ND2 HD21 sing N N 52  
ASN ND2 HD22 sing N N 53  
ASN OXT HXT  sing N N 54  
ASP N   CA   sing N N 55  
ASP N   H    sing N N 56  
ASP N   H2   sing N N 57  
ASP CA  C    sing N N 58  
ASP CA  CB   sing N N 59  
ASP CA  HA   sing N N 60  
ASP C   O    doub N N 61  
ASP C   OXT  sing N N 62  
ASP CB  CG   sing N N 63  
ASP CB  HB2  sing N N 64  
ASP CB  HB3  sing N N 65  
ASP CG  OD1  doub N N 66  
ASP CG  OD2  sing N N 67  
ASP OD2 HD2  sing N N 68  
ASP OXT HXT  sing N N 69  
CYS N   CA   sing N N 70  
CYS N   H    sing N N 71  
CYS N   H2   sing N N 72  
CYS CA  C    sing N N 73  
CYS CA  CB   sing N N 74  
CYS CA  HA   sing N N 75  
CYS C   O    doub N N 76  
CYS C   OXT  sing N N 77  
CYS CB  SG   sing N N 78  
CYS CB  HB2  sing N N 79  
CYS CB  HB3  sing N N 80  
CYS SG  HG   sing N N 81  
CYS OXT HXT  sing N N 82  
GLN N   CA   sing N N 83  
GLN N   H    sing N N 84  
GLN N   H2   sing N N 85  
GLN CA  C    sing N N 86  
GLN CA  CB   sing N N 87  
GLN CA  HA   sing N N 88  
GLN C   O    doub N N 89  
GLN C   OXT  sing N N 90  
GLN CB  CG   sing N N 91  
GLN CB  HB2  sing N N 92  
GLN CB  HB3  sing N N 93  
GLN CG  CD   sing N N 94  
GLN CG  HG2  sing N N 95  
GLN CG  HG3  sing N N 96  
GLN CD  OE1  doub N N 97  
GLN CD  NE2  sing N N 98  
GLN NE2 HE21 sing N N 99  
GLN NE2 HE22 sing N N 100 
GLN OXT HXT  sing N N 101 
GLU N   CA   sing N N 102 
GLU N   H    sing N N 103 
GLU N   H2   sing N N 104 
GLU CA  C    sing N N 105 
GLU CA  CB   sing N N 106 
GLU CA  HA   sing N N 107 
GLU C   O    doub N N 108 
GLU C   OXT  sing N N 109 
GLU CB  CG   sing N N 110 
GLU CB  HB2  sing N N 111 
GLU CB  HB3  sing N N 112 
GLU CG  CD   sing N N 113 
GLU CG  HG2  sing N N 114 
GLU CG  HG3  sing N N 115 
GLU CD  OE1  doub N N 116 
GLU CD  OE2  sing N N 117 
GLU OE2 HE2  sing N N 118 
GLU OXT HXT  sing N N 119 
GLY N   CA   sing N N 120 
GLY N   H    sing N N 121 
GLY N   H2   sing N N 122 
GLY CA  C    sing N N 123 
GLY CA  HA2  sing N N 124 
GLY CA  HA3  sing N N 125 
GLY C   O    doub N N 126 
GLY C   OXT  sing N N 127 
GLY OXT HXT  sing N N 128 
HIS N   CA   sing N N 129 
HIS N   H    sing N N 130 
HIS N   H2   sing N N 131 
HIS CA  C    sing N N 132 
HIS CA  CB   sing N N 133 
HIS CA  HA   sing N N 134 
HIS C   O    doub N N 135 
HIS C   OXT  sing N N 136 
HIS CB  CG   sing N N 137 
HIS CB  HB2  sing N N 138 
HIS CB  HB3  sing N N 139 
HIS CG  ND1  sing Y N 140 
HIS CG  CD2  doub Y N 141 
HIS ND1 CE1  doub Y N 142 
HIS ND1 HD1  sing N N 143 
HIS CD2 NE2  sing Y N 144 
HIS CD2 HD2  sing N N 145 
HIS CE1 NE2  sing Y N 146 
HIS CE1 HE1  sing N N 147 
HIS NE2 HE2  sing N N 148 
HIS OXT HXT  sing N N 149 
HOH O   H1   sing N N 150 
HOH O   H2   sing N N 151 
ILE N   CA   sing N N 152 
ILE N   H    sing N N 153 
ILE N   H2   sing N N 154 
ILE CA  C    sing N N 155 
ILE CA  CB   sing N N 156 
ILE CA  HA   sing N N 157 
ILE C   O    doub N N 158 
ILE C   OXT  sing N N 159 
ILE CB  CG1  sing N N 160 
ILE CB  CG2  sing N N 161 
ILE CB  HB   sing N N 162 
ILE CG1 CD1  sing N N 163 
ILE CG1 HG12 sing N N 164 
ILE CG1 HG13 sing N N 165 
ILE CG2 HG21 sing N N 166 
ILE CG2 HG22 sing N N 167 
ILE CG2 HG23 sing N N 168 
ILE CD1 HD11 sing N N 169 
ILE CD1 HD12 sing N N 170 
ILE CD1 HD13 sing N N 171 
ILE OXT HXT  sing N N 172 
LEU N   CA   sing N N 173 
LEU N   H    sing N N 174 
LEU N   H2   sing N N 175 
LEU CA  C    sing N N 176 
LEU CA  CB   sing N N 177 
LEU CA  HA   sing N N 178 
LEU C   O    doub N N 179 
LEU C   OXT  sing N N 180 
LEU CB  CG   sing N N 181 
LEU CB  HB2  sing N N 182 
LEU CB  HB3  sing N N 183 
LEU CG  CD1  sing N N 184 
LEU CG  CD2  sing N N 185 
LEU CG  HG   sing N N 186 
LEU CD1 HD11 sing N N 187 
LEU CD1 HD12 sing N N 188 
LEU CD1 HD13 sing N N 189 
LEU CD2 HD21 sing N N 190 
LEU CD2 HD22 sing N N 191 
LEU CD2 HD23 sing N N 192 
LEU OXT HXT  sing N N 193 
LYS N   CA   sing N N 194 
LYS N   H    sing N N 195 
LYS N   H2   sing N N 196 
LYS CA  C    sing N N 197 
LYS CA  CB   sing N N 198 
LYS CA  HA   sing N N 199 
LYS C   O    doub N N 200 
LYS C   OXT  sing N N 201 
LYS CB  CG   sing N N 202 
LYS CB  HB2  sing N N 203 
LYS CB  HB3  sing N N 204 
LYS CG  CD   sing N N 205 
LYS CG  HG2  sing N N 206 
LYS CG  HG3  sing N N 207 
LYS CD  CE   sing N N 208 
LYS CD  HD2  sing N N 209 
LYS CD  HD3  sing N N 210 
LYS CE  NZ   sing N N 211 
LYS CE  HE2  sing N N 212 
LYS CE  HE3  sing N N 213 
LYS NZ  HZ1  sing N N 214 
LYS NZ  HZ2  sing N N 215 
LYS NZ  HZ3  sing N N 216 
LYS OXT HXT  sing N N 217 
MET N   CA   sing N N 218 
MET N   H    sing N N 219 
MET N   H2   sing N N 220 
MET CA  C    sing N N 221 
MET CA  CB   sing N N 222 
MET CA  HA   sing N N 223 
MET C   O    doub N N 224 
MET C   OXT  sing N N 225 
MET CB  CG   sing N N 226 
MET CB  HB2  sing N N 227 
MET CB  HB3  sing N N 228 
MET CG  SD   sing N N 229 
MET CG  HG2  sing N N 230 
MET CG  HG3  sing N N 231 
MET SD  CE   sing N N 232 
MET CE  HE1  sing N N 233 
MET CE  HE2  sing N N 234 
MET CE  HE3  sing N N 235 
MET OXT HXT  sing N N 236 
PHE N   CA   sing N N 237 
PHE N   H    sing N N 238 
PHE N   H2   sing N N 239 
PHE CA  C    sing N N 240 
PHE CA  CB   sing N N 241 
PHE CA  HA   sing N N 242 
PHE C   O    doub N N 243 
PHE C   OXT  sing N N 244 
PHE CB  CG   sing N N 245 
PHE CB  HB2  sing N N 246 
PHE CB  HB3  sing N N 247 
PHE CG  CD1  doub Y N 248 
PHE CG  CD2  sing Y N 249 
PHE CD1 CE1  sing Y N 250 
PHE CD1 HD1  sing N N 251 
PHE CD2 CE2  doub Y N 252 
PHE CD2 HD2  sing N N 253 
PHE CE1 CZ   doub Y N 254 
PHE CE1 HE1  sing N N 255 
PHE CE2 CZ   sing Y N 256 
PHE CE2 HE2  sing N N 257 
PHE CZ  HZ   sing N N 258 
PHE OXT HXT  sing N N 259 
PRO N   CA   sing N N 260 
PRO N   CD   sing N N 261 
PRO N   H    sing N N 262 
PRO CA  C    sing N N 263 
PRO CA  CB   sing N N 264 
PRO CA  HA   sing N N 265 
PRO C   O    doub N N 266 
PRO C   OXT  sing N N 267 
PRO CB  CG   sing N N 268 
PRO CB  HB2  sing N N 269 
PRO CB  HB3  sing N N 270 
PRO CG  CD   sing N N 271 
PRO CG  HG2  sing N N 272 
PRO CG  HG3  sing N N 273 
PRO CD  HD2  sing N N 274 
PRO CD  HD3  sing N N 275 
PRO OXT HXT  sing N N 276 
SER N   CA   sing N N 277 
SER N   H    sing N N 278 
SER N   H2   sing N N 279 
SER CA  C    sing N N 280 
SER CA  CB   sing N N 281 
SER CA  HA   sing N N 282 
SER C   O    doub N N 283 
SER C   OXT  sing N N 284 
SER CB  OG   sing N N 285 
SER CB  HB2  sing N N 286 
SER CB  HB3  sing N N 287 
SER OG  HG   sing N N 288 
SER OXT HXT  sing N N 289 
THR N   CA   sing N N 290 
THR N   H    sing N N 291 
THR N   H2   sing N N 292 
THR CA  C    sing N N 293 
THR CA  CB   sing N N 294 
THR CA  HA   sing N N 295 
THR C   O    doub N N 296 
THR C   OXT  sing N N 297 
THR CB  OG1  sing N N 298 
THR CB  CG2  sing N N 299 
THR CB  HB   sing N N 300 
THR OG1 HG1  sing N N 301 
THR CG2 HG21 sing N N 302 
THR CG2 HG22 sing N N 303 
THR CG2 HG23 sing N N 304 
THR OXT HXT  sing N N 305 
TRP N   CA   sing N N 306 
TRP N   H    sing N N 307 
TRP N   H2   sing N N 308 
TRP CA  C    sing N N 309 
TRP CA  CB   sing N N 310 
TRP CA  HA   sing N N 311 
TRP C   O    doub N N 312 
TRP C   OXT  sing N N 313 
TRP CB  CG   sing N N 314 
TRP CB  HB2  sing N N 315 
TRP CB  HB3  sing N N 316 
TRP CG  CD1  doub Y N 317 
TRP CG  CD2  sing Y N 318 
TRP CD1 NE1  sing Y N 319 
TRP CD1 HD1  sing N N 320 
TRP CD2 CE2  doub Y N 321 
TRP CD2 CE3  sing Y N 322 
TRP NE1 CE2  sing Y N 323 
TRP NE1 HE1  sing N N 324 
TRP CE2 CZ2  sing Y N 325 
TRP CE3 CZ3  doub Y N 326 
TRP CE3 HE3  sing N N 327 
TRP CZ2 CH2  doub Y N 328 
TRP CZ2 HZ2  sing N N 329 
TRP CZ3 CH2  sing Y N 330 
TRP CZ3 HZ3  sing N N 331 
TRP CH2 HH2  sing N N 332 
TRP OXT HXT  sing N N 333 
TYR N   CA   sing N N 334 
TYR N   H    sing N N 335 
TYR N   H2   sing N N 336 
TYR CA  C    sing N N 337 
TYR CA  CB   sing N N 338 
TYR CA  HA   sing N N 339 
TYR C   O    doub N N 340 
TYR C   OXT  sing N N 341 
TYR CB  CG   sing N N 342 
TYR CB  HB2  sing N N 343 
TYR CB  HB3  sing N N 344 
TYR CG  CD1  doub Y N 345 
TYR CG  CD2  sing Y N 346 
TYR CD1 CE1  sing Y N 347 
TYR CD1 HD1  sing N N 348 
TYR CD2 CE2  doub Y N 349 
TYR CD2 HD2  sing N N 350 
TYR CE1 CZ   doub Y N 351 
TYR CE1 HE1  sing N N 352 
TYR CE2 CZ   sing Y N 353 
TYR CE2 HE2  sing N N 354 
TYR CZ  OH   sing N N 355 
TYR OH  HH   sing N N 356 
TYR OXT HXT  sing N N 357 
VAL N   CA   sing N N 358 
VAL N   H    sing N N 359 
VAL N   H2   sing N N 360 
VAL CA  C    sing N N 361 
VAL CA  CB   sing N N 362 
VAL CA  HA   sing N N 363 
VAL C   O    doub N N 364 
VAL C   OXT  sing N N 365 
VAL CB  CG1  sing N N 366 
VAL CB  CG2  sing N N 367 
VAL CB  HB   sing N N 368 
VAL CG1 HG11 sing N N 369 
VAL CG1 HG12 sing N N 370 
VAL CG1 HG13 sing N N 371 
VAL CG2 HG21 sing N N 372 
VAL CG2 HG22 sing N N 373 
VAL CG2 HG23 sing N N 374 
VAL OXT HXT  sing N N 375 
# 
_pdbx_entity_nonpoly.entity_id   3 
_pdbx_entity_nonpoly.name        water 
_pdbx_entity_nonpoly.comp_id     HOH 
# 
_pdbx_initial_refinement_model.id               1 
_pdbx_initial_refinement_model.entity_id_list   ? 
_pdbx_initial_refinement_model.type             'experimental model' 
_pdbx_initial_refinement_model.source_name      PDB 
_pdbx_initial_refinement_model.accession_code   2CYX 
_pdbx_initial_refinement_model.details          'PDB entry 2CYX' 
# 
